data_8Q7S
#
_entry.id   8Q7S
#
_cell.length_a   66.235
_cell.length_b   100.836
_cell.length_c   192.173
_cell.angle_alpha   90.000
_cell.angle_beta   95.630
_cell.angle_gamma   90.000
#
_symmetry.space_group_name_H-M   'P 1 21 1'
#
loop_
_entity.id
_entity.type
_entity.pdbx_description
1 polymer 'Spike protein S1'
2 polymer 'VHH Antibody Re21H01'
3 polymer 'VHH Antibody Ma6F06'
4 non-polymer 1-ETHOXY-2-(2-ETHOXYETHOXY)ETHANE
5 non-polymer 1,2-ETHANEDIOL
6 non-polymer GLYCEROL
7 water water
#
loop_
_entity_poly.entity_id
_entity_poly.type
_entity_poly.pdbx_seq_one_letter_code
_entity_poly.pdbx_strand_id
1 'polypeptide(L)'
;EGSNLCPFGEVFDATRFASVYAWNRKRISNCVADYSVLYNSASFSTFKCYGVSPTKLNDLCFTNVYADSFVIRGDEVRQI
APGQTGKIADYNYKLPDDFTGCVIAWNSNNLDSKVGGNYNYLYRLFRKSNLKPFERDISTEIYQAGSTPCNGVEGFNCYF
PLQSYGFQPTNGVGYQPYRVVVLSFELLHAPATVCG
;
A,D,G,J,M
2 'polypeptide(L)'
;GSQVQLVESGGALVQPGGSLRLSCVASGFTFSSFAMGWYRQAPGKECEWVATITITGGSTNYADSVKGRFTISRDNAKNT
LYLQMNSLKPEDTAVYYCNPDPGCRGGGQGTQVTVSS
;
B,E,H,K,N
3 'polypeptide(L)'
;EGSQVQLVESGGGLVQPGGSLRLSCETSGITLDYYAIGWFLQVPGKEREGVACMRNWDGSTLYAPSVKGRFTISRDADKE
VAYLEMNSLKSEDTGVYYCAAGPLPPGHSCRIPTPLGYDDWGQGTQVTVSS
;
C,F,I,L,O
#
loop_
_chem_comp.id
_chem_comp.type
_chem_comp.name
_chem_comp.formula
EDO non-polymer 1,2-ETHANEDIOL 'C2 H6 O2'
GOL non-polymer GLYCEROL 'C3 H8 O3'
P4G non-polymer 1-ETHOXY-2-(2-ETHOXYETHOXY)ETHANE 'C8 H18 O3'
#
# COMPACT_ATOMS: atom_id res chain seq x y z
N ASN A 4 -37.00 23.14 -20.85
CA ASN A 4 -36.76 21.71 -20.79
C ASN A 4 -35.35 21.40 -20.29
N LEU A 5 -34.35 21.65 -21.13
CA LEU A 5 -32.97 21.38 -20.80
C LEU A 5 -32.30 22.62 -20.21
N CYS A 6 -31.07 22.44 -19.76
CA CYS A 6 -30.37 23.53 -19.09
C CYS A 6 -29.92 24.58 -20.11
N PRO A 7 -30.09 25.86 -19.81
CA PRO A 7 -29.76 26.93 -20.77
C PRO A 7 -28.29 27.33 -20.72
N PHE A 8 -27.40 26.36 -20.94
CA PHE A 8 -25.98 26.65 -21.02
C PHE A 8 -25.64 27.49 -22.26
N GLY A 9 -26.46 27.42 -23.31
CA GLY A 9 -26.16 28.14 -24.52
C GLY A 9 -26.11 29.65 -24.32
N GLU A 10 -27.00 30.18 -23.48
CA GLU A 10 -27.03 31.62 -23.25
C GLU A 10 -25.81 32.11 -22.49
N VAL A 11 -25.11 31.21 -21.78
CA VAL A 11 -23.89 31.61 -21.07
C VAL A 11 -22.71 31.63 -22.02
N PHE A 12 -22.48 30.53 -22.74
CA PHE A 12 -21.32 30.45 -23.64
C PHE A 12 -21.48 31.40 -24.82
N ASP A 13 -22.67 31.48 -25.41
CA ASP A 13 -22.89 32.21 -26.65
C ASP A 13 -23.25 33.67 -26.41
N ALA A 14 -23.01 34.19 -25.22
CA ALA A 14 -23.32 35.59 -24.93
C ALA A 14 -22.44 36.51 -25.77
N THR A 15 -23.06 37.57 -26.31
CA THR A 15 -22.30 38.54 -27.10
C THR A 15 -21.30 39.30 -26.23
N ARG A 16 -21.76 39.83 -25.10
CA ARG A 16 -20.92 40.59 -24.19
C ARG A 16 -20.53 39.74 -23.00
N PHE A 17 -19.29 39.90 -22.55
CA PHE A 17 -18.80 39.20 -21.37
C PHE A 17 -18.38 40.22 -20.31
N ALA A 18 -18.44 39.79 -19.05
CA ALA A 18 -18.08 40.66 -17.94
C ALA A 18 -16.58 40.67 -17.71
N SER A 19 -16.10 41.75 -17.09
CA SER A 19 -14.76 41.77 -16.56
C SER A 19 -14.65 40.80 -15.38
N VAL A 20 -13.43 40.33 -15.12
CA VAL A 20 -13.25 39.32 -14.07
C VAL A 20 -13.56 39.91 -12.70
N TYR A 21 -13.24 41.18 -12.47
CA TYR A 21 -13.53 41.78 -11.17
C TYR A 21 -15.03 41.85 -10.91
N ALA A 22 -15.82 42.08 -11.97
CA ALA A 22 -17.27 42.07 -11.86
C ALA A 22 -17.84 40.85 -12.57
N TRP A 23 -17.40 39.66 -12.15
CA TRP A 23 -17.76 38.42 -12.85
C TRP A 23 -19.23 38.11 -12.67
N ASN A 24 -19.86 37.66 -13.76
CA ASN A 24 -21.28 37.30 -13.76
C ASN A 24 -21.49 35.90 -13.18
N ARG A 25 -22.76 35.57 -12.95
CA ARG A 25 -23.12 34.26 -12.43
C ARG A 25 -24.59 34.01 -12.74
N LYS A 26 -24.89 32.81 -13.22
CA LYS A 26 -26.26 32.38 -13.47
C LYS A 26 -26.51 31.06 -12.76
N ARG A 27 -27.72 30.92 -12.19
CA ARG A 27 -28.13 29.67 -11.60
C ARG A 27 -28.59 28.70 -12.67
N ILE A 28 -28.28 27.42 -12.48
CA ILE A 28 -28.69 26.34 -13.38
C ILE A 28 -29.34 25.27 -12.52
N SER A 29 -30.65 25.09 -12.68
CA SER A 29 -31.39 24.17 -11.82
C SER A 29 -32.64 23.69 -12.54
N ASN A 30 -33.19 22.57 -12.05
CA ASN A 30 -34.42 21.98 -12.56
C ASN A 30 -34.35 21.73 -14.05
N CYS A 31 -33.28 21.03 -14.46
CA CYS A 31 -33.07 20.74 -15.87
C CYS A 31 -32.04 19.62 -15.98
N VAL A 32 -32.14 18.86 -17.08
CA VAL A 32 -31.19 17.80 -17.39
C VAL A 32 -30.25 18.33 -18.47
N ALA A 33 -28.95 18.25 -18.22
CA ALA A 33 -27.95 18.82 -19.10
C ALA A 33 -27.28 17.75 -19.93
N ASP A 34 -26.82 18.15 -21.12
CA ASP A 34 -26.06 17.29 -22.02
C ASP A 34 -24.62 17.80 -22.03
N TYR A 35 -23.86 17.41 -21.00
CA TYR A 35 -22.48 17.86 -20.88
C TYR A 35 -21.58 17.28 -21.95
N SER A 36 -21.95 16.13 -22.54
CA SER A 36 -21.10 15.51 -23.55
C SER A 36 -20.93 16.38 -24.77
N VAL A 37 -21.91 17.24 -25.06
CA VAL A 37 -21.80 18.14 -26.21
C VAL A 37 -20.82 19.28 -25.95
N LEU A 38 -20.37 19.46 -24.71
CA LEU A 38 -19.42 20.51 -24.34
C LEU A 38 -17.99 20.01 -24.23
N TYR A 39 -17.76 18.91 -23.51
CA TYR A 39 -16.40 18.43 -23.35
C TYR A 39 -15.90 17.59 -24.53
N ASN A 40 -16.69 17.46 -25.60
CA ASN A 40 -16.25 16.85 -26.83
C ASN A 40 -15.94 17.87 -27.92
N SER A 41 -16.08 19.16 -27.62
CA SER A 41 -15.84 20.21 -28.60
C SER A 41 -14.39 20.67 -28.50
N ALA A 42 -13.67 20.60 -29.61
CA ALA A 42 -12.28 21.04 -29.65
C ALA A 42 -12.13 22.56 -29.70
N SER A 43 -13.24 23.31 -29.71
CA SER A 43 -13.16 24.76 -29.68
C SER A 43 -12.68 25.30 -28.34
N PHE A 44 -12.67 24.48 -27.30
CA PHE A 44 -12.24 24.90 -25.96
C PHE A 44 -10.81 24.41 -25.75
N SER A 45 -9.85 25.33 -25.88
CA SER A 45 -8.45 24.97 -25.67
C SER A 45 -8.16 24.63 -24.21
N THR A 46 -9.05 25.01 -23.30
CA THR A 46 -8.89 24.69 -21.88
C THR A 46 -10.21 24.14 -21.37
N PHE A 47 -10.18 22.91 -20.85
CA PHE A 47 -11.39 22.25 -20.32
C PHE A 47 -10.93 21.39 -19.14
N LYS A 48 -10.85 22.02 -17.96
CA LYS A 48 -10.35 21.37 -16.76
C LYS A 48 -11.51 21.08 -15.82
N CYS A 49 -11.64 19.82 -15.40
CA CYS A 49 -12.66 19.40 -14.45
C CYS A 49 -12.00 18.90 -13.18
N TYR A 50 -12.51 19.34 -12.03
CA TYR A 50 -11.93 19.03 -10.74
C TYR A 50 -12.94 18.31 -9.86
N GLY A 51 -12.48 17.28 -9.17
CA GLY A 51 -13.32 16.54 -8.23
C GLY A 51 -14.45 15.77 -8.83
N VAL A 52 -14.46 15.57 -10.15
CA VAL A 52 -15.53 14.85 -10.82
C VAL A 52 -15.01 14.33 -12.14
N SER A 53 -15.47 13.15 -12.53
CA SER A 53 -15.14 12.61 -13.84
C SER A 53 -15.99 13.29 -14.91
N PRO A 54 -15.39 13.83 -15.97
CA PRO A 54 -16.21 14.50 -16.99
C PRO A 54 -17.17 13.57 -17.70
N THR A 55 -16.77 12.31 -17.95
CA THR A 55 -17.61 11.36 -18.63
C THR A 55 -18.72 10.78 -17.76
N LYS A 56 -18.77 11.15 -16.48
CA LYS A 56 -19.80 10.67 -15.57
C LYS A 56 -20.70 11.81 -15.07
N LEU A 57 -20.72 12.94 -15.78
CA LEU A 57 -21.52 14.07 -15.33
C LEU A 57 -23.02 13.78 -15.44
N ASN A 58 -23.43 13.09 -16.51
CA ASN A 58 -24.85 12.79 -16.68
C ASN A 58 -25.34 11.72 -15.72
N ASP A 59 -24.43 10.92 -15.16
CA ASP A 59 -24.79 9.93 -14.16
C ASP A 59 -24.84 10.50 -12.74
N LEU A 60 -24.88 11.83 -12.61
CA LEU A 60 -24.83 12.48 -11.31
C LEU A 60 -25.89 13.56 -11.23
N CYS A 61 -26.38 13.78 -10.01
CA CYS A 61 -27.34 14.85 -9.72
C CYS A 61 -26.77 15.74 -8.61
N PHE A 62 -26.92 17.05 -8.78
CA PHE A 62 -26.35 18.02 -7.85
C PHE A 62 -27.45 18.90 -7.29
N THR A 63 -27.13 19.57 -6.18
CA THR A 63 -28.06 20.49 -5.55
C THR A 63 -27.98 21.88 -6.20
N ASN A 64 -26.81 22.49 -6.15
CA ASN A 64 -26.59 23.83 -6.68
C ASN A 64 -25.56 23.76 -7.79
N VAL A 65 -25.94 24.24 -8.99
CA VAL A 65 -25.06 24.28 -10.15
C VAL A 65 -25.06 25.71 -10.67
N TYR A 66 -23.91 26.38 -10.59
CA TYR A 66 -23.78 27.76 -11.03
C TYR A 66 -22.86 27.84 -12.25
N ALA A 67 -23.07 28.88 -13.05
CA ALA A 67 -22.27 29.12 -14.25
C ALA A 67 -21.74 30.56 -14.19
N ASP A 68 -20.45 30.70 -13.93
CA ASP A 68 -19.79 32.00 -13.86
C ASP A 68 -18.98 32.23 -15.13
N SER A 69 -18.97 33.48 -15.60
CA SER A 69 -18.27 33.81 -16.84
C SER A 69 -17.59 35.17 -16.70
N PHE A 70 -16.43 35.29 -17.34
CA PHE A 70 -15.63 36.51 -17.33
C PHE A 70 -14.56 36.38 -18.40
N VAL A 71 -13.69 37.39 -18.48
CA VAL A 71 -12.62 37.45 -19.48
C VAL A 71 -11.32 37.80 -18.76
N ILE A 72 -10.27 37.05 -19.07
CA ILE A 72 -8.92 37.29 -18.56
C ILE A 72 -7.93 37.11 -19.70
N ARG A 73 -6.65 37.33 -19.41
CA ARG A 73 -5.62 37.06 -20.40
C ARG A 73 -5.18 35.61 -20.32
N GLY A 74 -4.55 35.15 -21.41
CA GLY A 74 -4.23 33.73 -21.53
C GLY A 74 -3.34 33.22 -20.41
N ASP A 75 -2.38 34.04 -19.97
CA ASP A 75 -1.48 33.64 -18.89
C ASP A 75 -2.17 33.55 -17.53
N GLU A 76 -3.41 34.01 -17.41
CA GLU A 76 -4.11 34.04 -16.13
C GLU A 76 -5.12 32.92 -15.94
N VAL A 77 -5.42 32.14 -16.99
CA VAL A 77 -6.36 31.04 -16.85
C VAL A 77 -5.85 30.01 -15.86
N ARG A 78 -4.52 29.93 -15.71
CA ARG A 78 -3.93 29.03 -14.72
C ARG A 78 -4.44 29.31 -13.31
N GLN A 79 -4.73 30.57 -13.00
CA GLN A 79 -5.15 30.93 -11.65
C GLN A 79 -6.58 30.52 -11.34
N ILE A 80 -7.41 30.29 -12.37
CA ILE A 80 -8.77 29.85 -12.12
C ILE A 80 -8.74 28.34 -11.93
N ALA A 81 -8.49 27.94 -10.69
CA ALA A 81 -8.29 26.55 -10.29
C ALA A 81 -8.17 26.52 -8.77
N PRO A 82 -8.48 25.38 -8.15
CA PRO A 82 -8.35 25.28 -6.69
C PRO A 82 -6.91 25.48 -6.24
N GLY A 83 -6.76 26.24 -5.15
CA GLY A 83 -5.47 26.45 -4.52
C GLY A 83 -4.45 27.18 -5.38
N GLN A 84 -4.85 28.29 -5.99
CA GLN A 84 -3.96 29.08 -6.83
C GLN A 84 -3.80 30.47 -6.24
N THR A 85 -2.70 31.13 -6.62
CA THR A 85 -2.40 32.49 -6.19
C THR A 85 -2.09 33.36 -7.40
N GLY A 86 -2.22 34.66 -7.20
CA GLY A 86 -2.04 35.61 -8.28
C GLY A 86 -3.07 36.72 -8.22
N LYS A 87 -2.95 37.71 -9.11
CA LYS A 87 -3.85 38.87 -9.04
C LYS A 87 -5.30 38.46 -9.28
N ILE A 88 -5.54 37.45 -10.12
CA ILE A 88 -6.91 37.03 -10.39
C ILE A 88 -7.44 36.15 -9.26
N ALA A 89 -6.63 35.19 -8.80
CA ALA A 89 -7.07 34.31 -7.72
C ALA A 89 -7.25 35.07 -6.41
N ASP A 90 -6.46 36.12 -6.19
CA ASP A 90 -6.51 36.83 -4.91
C ASP A 90 -7.48 37.99 -4.91
N TYR A 91 -7.51 38.79 -5.97
CA TYR A 91 -8.27 40.04 -5.96
C TYR A 91 -9.45 40.04 -6.94
N ASN A 92 -9.76 38.93 -7.58
CA ASN A 92 -10.80 38.96 -8.61
C ASN A 92 -11.76 37.79 -8.55
N TYR A 93 -11.24 36.55 -8.53
CA TYR A 93 -12.11 35.38 -8.58
C TYR A 93 -11.37 34.20 -7.94
N LYS A 94 -11.84 33.77 -6.77
CA LYS A 94 -11.17 32.74 -5.98
C LYS A 94 -12.02 31.48 -5.95
N LEU A 95 -11.38 30.34 -6.25
CA LEU A 95 -12.04 29.04 -6.15
C LEU A 95 -11.60 28.33 -4.87
N PRO A 96 -12.52 27.67 -4.19
CA PRO A 96 -12.16 26.95 -2.95
C PRO A 96 -11.29 25.75 -3.25
N ASP A 97 -10.65 25.24 -2.19
CA ASP A 97 -9.78 24.07 -2.34
C ASP A 97 -10.59 22.82 -2.65
N ASP A 98 -11.77 22.68 -2.02
CA ASP A 98 -12.66 21.56 -2.27
C ASP A 98 -13.60 21.81 -3.45
N PHE A 99 -13.16 22.58 -4.44
CA PHE A 99 -14.01 22.91 -5.57
C PHE A 99 -14.28 21.66 -6.41
N THR A 100 -15.54 21.49 -6.79
CA THR A 100 -15.98 20.38 -7.65
C THR A 100 -16.70 20.98 -8.85
N GLY A 101 -16.08 20.89 -10.01
CA GLY A 101 -16.67 21.43 -11.22
C GLY A 101 -15.65 21.47 -12.34
N CYS A 102 -16.03 22.17 -13.41
CA CYS A 102 -15.19 22.26 -14.60
C CYS A 102 -14.90 23.72 -14.92
N VAL A 103 -13.71 23.95 -15.49
CA VAL A 103 -13.27 25.27 -15.94
C VAL A 103 -13.06 25.22 -17.44
N ILE A 104 -13.79 26.06 -18.17
CA ILE A 104 -13.78 26.08 -19.62
C ILE A 104 -13.32 27.45 -20.08
N ALA A 105 -12.34 27.47 -21.00
CA ALA A 105 -11.81 28.72 -21.52
C ALA A 105 -11.46 28.56 -22.99
N TRP A 106 -11.71 29.59 -23.78
CA TRP A 106 -11.41 29.57 -25.20
C TRP A 106 -10.90 30.95 -25.64
N ASN A 107 -10.06 30.94 -26.66
CA ASN A 107 -9.48 32.18 -27.17
C ASN A 107 -10.55 33.02 -27.84
N SER A 108 -10.64 34.29 -27.43
CA SER A 108 -11.63 35.22 -27.97
C SER A 108 -10.95 36.46 -28.54
N ASN A 109 -9.79 36.26 -29.20
CA ASN A 109 -9.05 37.39 -29.74
C ASN A 109 -9.84 38.14 -30.78
N ASN A 110 -10.55 37.41 -31.65
CA ASN A 110 -11.31 38.04 -32.73
C ASN A 110 -12.60 38.71 -32.25
N LEU A 111 -12.93 38.63 -30.97
CA LEU A 111 -14.11 39.27 -30.43
C LEU A 111 -13.82 40.36 -29.41
N ASP A 112 -12.72 40.24 -28.64
CA ASP A 112 -12.45 41.14 -27.53
C ASP A 112 -11.21 42.00 -27.74
N SER A 113 -10.61 41.97 -28.92
CA SER A 113 -9.46 42.81 -29.23
C SER A 113 -9.84 43.87 -30.26
N LYS A 114 -8.93 44.83 -30.43
CA LYS A 114 -9.08 45.85 -31.46
C LYS A 114 -7.74 46.55 -31.61
N VAL A 115 -7.52 47.14 -32.79
CA VAL A 115 -6.31 47.92 -33.02
C VAL A 115 -6.35 49.17 -32.14
N GLY A 116 -5.30 49.36 -31.36
CA GLY A 116 -5.23 50.44 -30.40
C GLY A 116 -5.59 50.04 -28.99
N GLY A 117 -6.25 48.89 -28.81
CA GLY A 117 -6.54 48.38 -27.50
C GLY A 117 -8.01 48.41 -27.13
N ASN A 118 -8.54 47.27 -26.70
CA ASN A 118 -9.88 47.20 -26.13
C ASN A 118 -9.76 47.43 -24.63
N TYR A 119 -10.43 48.47 -24.13
CA TYR A 119 -10.34 48.85 -22.73
C TYR A 119 -11.60 48.51 -21.95
N ASN A 120 -12.55 47.78 -22.57
CA ASN A 120 -13.80 47.44 -21.89
C ASN A 120 -13.59 46.40 -20.79
N TYR A 121 -12.49 45.67 -20.82
CA TYR A 121 -12.22 44.63 -19.83
C TYR A 121 -11.16 45.13 -18.85
N LEU A 122 -11.43 44.97 -17.56
CA LEU A 122 -10.52 45.39 -16.51
C LEU A 122 -10.36 44.28 -15.49
N TYR A 123 -9.31 44.39 -14.69
CA TYR A 123 -9.11 43.47 -13.58
C TYR A 123 -8.48 44.22 -12.41
N ARG A 124 -8.81 43.79 -11.20
CA ARG A 124 -8.34 44.46 -10.00
C ARG A 124 -6.88 44.09 -9.75
N LEU A 125 -6.04 45.10 -9.63
CA LEU A 125 -4.60 44.91 -9.45
C LEU A 125 -4.13 45.12 -8.02
N PHE A 126 -4.94 45.77 -7.18
CA PHE A 126 -4.56 46.07 -5.82
C PHE A 126 -5.76 45.83 -4.91
N ARG A 127 -5.50 45.33 -3.71
CA ARG A 127 -6.54 45.11 -2.72
C ARG A 127 -5.88 44.88 -1.36
N LYS A 128 -6.55 45.34 -0.31
CA LYS A 128 -5.99 45.25 1.03
C LYS A 128 -5.89 43.81 1.53
N SER A 129 -6.71 42.90 1.01
CA SER A 129 -6.66 41.51 1.41
C SER A 129 -7.15 40.64 0.26
N ASN A 130 -6.85 39.34 0.35
CA ASN A 130 -7.31 38.40 -0.66
C ASN A 130 -8.79 38.13 -0.50
N LEU A 131 -9.43 37.75 -1.61
CA LEU A 131 -10.84 37.41 -1.61
C LEU A 131 -11.07 36.03 -1.00
N LYS A 132 -12.25 35.85 -0.42
CA LYS A 132 -12.71 34.54 -0.02
C LYS A 132 -13.34 33.83 -1.23
N PRO A 133 -13.40 32.51 -1.21
CA PRO A 133 -13.97 31.77 -2.35
C PRO A 133 -15.34 32.30 -2.77
N PHE A 134 -15.48 32.57 -4.05
CA PHE A 134 -16.69 33.08 -4.69
C PHE A 134 -17.10 34.46 -4.20
N GLU A 135 -16.16 35.23 -3.64
CA GLU A 135 -16.43 36.62 -3.32
C GLU A 135 -16.25 37.49 -4.56
N ARG A 136 -16.93 38.64 -4.55
CA ARG A 136 -16.90 39.57 -5.68
C ARG A 136 -16.80 40.99 -5.16
N ASP A 137 -15.77 41.72 -5.59
CA ASP A 137 -15.52 43.10 -5.17
C ASP A 137 -15.57 43.98 -6.41
N ILE A 138 -16.42 45.01 -6.37
CA ILE A 138 -16.57 45.93 -7.48
C ILE A 138 -16.32 47.37 -7.07
N SER A 139 -15.62 47.57 -5.95
CA SER A 139 -15.32 48.92 -5.49
C SER A 139 -14.26 49.58 -6.37
N THR A 140 -14.23 50.92 -6.32
CA THR A 140 -13.25 51.69 -7.06
C THR A 140 -12.54 52.71 -6.16
N GLU A 141 -12.37 52.37 -4.89
CA GLU A 141 -11.68 53.26 -3.97
C GLU A 141 -10.19 53.29 -4.29
N ILE A 142 -9.61 54.50 -4.25
CA ILE A 142 -8.19 54.65 -4.51
C ILE A 142 -7.40 53.83 -3.50
N TYR A 143 -6.52 52.97 -4.00
CA TYR A 143 -5.76 52.08 -3.14
C TYR A 143 -4.55 52.82 -2.57
N GLN A 144 -4.39 52.76 -1.25
CA GLN A 144 -3.30 53.43 -0.55
C GLN A 144 -2.14 52.45 -0.36
N ALA A 145 -1.08 52.63 -1.15
CA ALA A 145 0.09 51.77 -1.01
C ALA A 145 0.97 52.23 0.14
N GLY A 146 1.27 53.52 0.21
CA GLY A 146 2.10 54.06 1.27
C GLY A 146 1.31 54.28 2.55
N SER A 147 1.90 55.08 3.44
CA SER A 147 1.29 55.38 4.73
C SER A 147 0.39 56.62 4.69
N THR A 148 0.73 57.61 3.89
CA THR A 148 -0.08 58.81 3.81
C THR A 148 -1.40 58.52 3.11
N PRO A 149 -2.52 58.96 3.66
CA PRO A 149 -3.82 58.70 3.01
C PRO A 149 -3.92 59.40 1.66
N CYS A 150 -4.81 58.87 0.82
CA CYS A 150 -4.95 59.37 -0.55
C CYS A 150 -5.99 60.47 -0.67
N ASN A 151 -7.09 60.37 0.10
CA ASN A 151 -8.15 61.37 0.08
C ASN A 151 -8.76 61.51 -1.31
N GLY A 152 -8.95 60.38 -1.99
CA GLY A 152 -9.58 60.38 -3.29
C GLY A 152 -8.80 61.04 -4.40
N VAL A 153 -7.47 61.03 -4.32
CA VAL A 153 -6.62 61.63 -5.34
C VAL A 153 -5.60 60.59 -5.78
N GLU A 154 -5.60 60.27 -7.08
CA GLU A 154 -4.64 59.33 -7.62
C GLU A 154 -3.26 59.98 -7.70
N GLY A 155 -2.24 59.20 -7.35
CA GLY A 155 -0.87 59.69 -7.41
C GLY A 155 0.15 58.70 -6.88
N PHE A 156 1.18 59.21 -6.23
CA PHE A 156 2.24 58.35 -5.71
C PHE A 156 1.69 57.52 -4.55
N ASN A 157 1.84 56.20 -4.65
CA ASN A 157 1.33 55.26 -3.65
C ASN A 157 -0.19 55.39 -3.50
N CYS A 158 -0.86 55.86 -4.54
CA CYS A 158 -2.32 56.09 -4.51
C CYS A 158 -2.87 55.71 -5.89
N TYR A 159 -3.27 54.46 -6.05
CA TYR A 159 -3.60 53.90 -7.35
C TYR A 159 -5.10 53.70 -7.51
N PHE A 160 -5.58 53.92 -8.72
CA PHE A 160 -6.88 53.36 -9.10
C PHE A 160 -6.74 51.84 -9.14
N PRO A 161 -7.60 51.10 -8.44
CA PRO A 161 -7.32 49.67 -8.21
C PRO A 161 -7.50 48.78 -9.43
N LEU A 162 -8.15 49.26 -10.50
CA LEU A 162 -8.48 48.43 -11.64
C LEU A 162 -7.53 48.71 -12.79
N GLN A 163 -7.03 47.64 -13.42
CA GLN A 163 -6.11 47.73 -14.54
C GLN A 163 -6.79 47.26 -15.82
N SER A 164 -6.58 48.01 -16.90
N SER A 164 -6.58 48.01 -16.90
CA SER A 164 -7.14 47.66 -18.20
CA SER A 164 -7.14 47.66 -18.20
C SER A 164 -6.21 46.69 -18.91
C SER A 164 -6.21 46.70 -18.92
N TYR A 165 -6.81 45.73 -19.63
CA TYR A 165 -6.00 44.76 -20.36
C TYR A 165 -5.41 45.38 -21.62
N GLY A 166 -6.19 46.19 -22.34
CA GLY A 166 -5.74 46.76 -23.59
C GLY A 166 -5.48 45.69 -24.63
N PHE A 167 -6.48 44.83 -24.86
CA PHE A 167 -6.32 43.70 -25.75
C PHE A 167 -6.10 44.17 -27.19
N GLN A 168 -5.03 43.68 -27.81
CA GLN A 168 -4.72 43.94 -29.20
C GLN A 168 -4.55 42.62 -29.93
N PRO A 169 -4.91 42.56 -31.22
CA PRO A 169 -4.79 41.29 -31.96
C PRO A 169 -3.36 40.81 -32.11
N THR A 170 -2.39 41.72 -32.17
CA THR A 170 -0.99 41.37 -32.35
C THR A 170 -0.32 40.88 -31.07
N ASN A 171 -1.07 40.73 -29.98
CA ASN A 171 -0.48 40.26 -28.73
C ASN A 171 -0.22 38.75 -28.81
N GLY A 172 0.72 38.30 -27.99
CA GLY A 172 0.90 36.87 -27.82
C GLY A 172 -0.28 36.25 -27.10
N VAL A 173 -0.43 34.93 -27.25
CA VAL A 173 -1.58 34.24 -26.69
C VAL A 173 -1.64 34.40 -25.18
N GLY A 174 -0.49 34.55 -24.52
CA GLY A 174 -0.50 34.81 -23.09
C GLY A 174 -1.17 36.11 -22.73
N TYR A 175 -1.10 37.10 -23.62
CA TYR A 175 -1.73 38.40 -23.40
C TYR A 175 -2.95 38.61 -24.31
N GLN A 176 -3.42 37.56 -24.98
CA GLN A 176 -4.66 37.64 -25.72
C GLN A 176 -5.85 37.41 -24.81
N PRO A 177 -7.03 37.91 -25.18
CA PRO A 177 -8.22 37.69 -24.34
C PRO A 177 -8.67 36.23 -24.39
N TYR A 178 -9.18 35.76 -23.25
CA TYR A 178 -9.78 34.44 -23.15
C TYR A 178 -11.06 34.55 -22.34
N ARG A 179 -12.15 34.00 -22.87
CA ARG A 179 -13.41 33.95 -22.16
C ARG A 179 -13.48 32.66 -21.36
N VAL A 180 -13.84 32.77 -20.09
CA VAL A 180 -13.85 31.64 -19.17
C VAL A 180 -15.27 31.41 -18.69
N VAL A 181 -15.64 30.14 -18.54
CA VAL A 181 -16.91 29.73 -17.95
C VAL A 181 -16.60 28.66 -16.91
N VAL A 182 -17.01 28.92 -15.67
CA VAL A 182 -16.72 28.04 -14.54
C VAL A 182 -18.02 27.41 -14.08
N LEU A 183 -18.17 26.11 -14.33
CA LEU A 183 -19.36 25.36 -13.92
C LEU A 183 -19.08 24.74 -12.55
N SER A 184 -19.76 25.24 -11.52
CA SER A 184 -19.65 24.71 -10.17
C SER A 184 -20.69 23.62 -9.95
N PHE A 185 -20.24 22.47 -9.44
CA PHE A 185 -21.13 21.36 -9.12
C PHE A 185 -21.06 21.14 -7.61
N GLU A 186 -22.02 21.71 -6.88
CA GLU A 186 -22.06 21.64 -5.44
C GLU A 186 -23.09 20.60 -5.01
N LEU A 187 -22.67 19.67 -4.16
CA LEU A 187 -23.52 18.60 -3.64
C LEU A 187 -23.71 18.85 -2.14
N LEU A 188 -24.55 19.83 -1.82
CA LEU A 188 -24.81 20.20 -0.44
C LEU A 188 -25.96 19.38 0.14
N HIS A 189 -26.72 19.97 1.05
CA HIS A 189 -27.90 19.35 1.64
C HIS A 189 -29.12 20.19 1.25
N ALA A 190 -29.72 19.85 0.11
CA ALA A 190 -30.86 20.58 -0.43
C ALA A 190 -31.52 19.77 -1.54
N PRO A 191 -32.83 19.97 -1.79
CA PRO A 191 -33.51 19.27 -2.88
C PRO A 191 -33.01 19.68 -4.26
N SER B 2 0.82 25.59 -6.99
CA SER B 2 1.13 25.21 -8.36
C SER B 2 1.00 23.71 -8.56
N GLN B 3 2.04 22.97 -8.17
CA GLN B 3 2.10 21.50 -8.24
C GLN B 3 2.18 20.99 -9.68
N VAL B 4 1.80 21.82 -10.65
CA VAL B 4 1.78 21.38 -12.04
C VAL B 4 3.20 21.30 -12.58
N GLN B 5 3.54 20.16 -13.18
CA GLN B 5 4.85 19.95 -13.77
C GLN B 5 4.67 19.35 -15.16
N LEU B 6 5.27 19.98 -16.16
CA LEU B 6 5.15 19.58 -17.56
C LEU B 6 6.54 19.44 -18.15
N VAL B 7 6.83 18.27 -18.71
CA VAL B 7 8.15 17.97 -19.27
C VAL B 7 7.97 17.67 -20.75
N GLU B 8 8.42 18.60 -21.60
CA GLU B 8 8.39 18.40 -23.04
C GLU B 8 9.74 17.90 -23.54
N SER B 9 9.70 17.09 -24.59
CA SER B 9 10.91 16.50 -25.15
C SER B 9 10.59 15.97 -26.54
N GLY B 10 11.65 15.64 -27.28
CA GLY B 10 11.52 15.09 -28.62
C GLY B 10 12.02 16.00 -29.72
N GLY B 11 12.42 17.23 -29.42
CA GLY B 11 12.88 18.12 -30.45
C GLY B 11 14.34 17.91 -30.81
N ALA B 12 14.70 18.35 -32.01
CA ALA B 12 16.04 18.19 -32.53
C ALA B 12 16.22 19.11 -33.73
N LEU B 13 17.42 19.07 -34.32
CA LEU B 13 17.72 19.82 -35.54
C LEU B 13 17.45 18.92 -36.74
N VAL B 14 16.48 19.32 -37.56
CA VAL B 14 16.03 18.52 -38.69
C VAL B 14 16.03 19.37 -39.95
N GLN B 15 16.26 18.74 -41.09
CA GLN B 15 16.17 19.39 -42.38
C GLN B 15 14.69 19.57 -42.76
N PRO B 16 14.40 20.47 -43.70
CA PRO B 16 13.02 20.59 -44.18
C PRO B 16 12.53 19.29 -44.79
N GLY B 17 11.24 19.02 -44.62
CA GLY B 17 10.65 17.77 -45.03
C GLY B 17 10.77 16.65 -44.02
N GLY B 18 11.62 16.80 -43.01
CA GLY B 18 11.78 15.78 -42.00
C GLY B 18 10.56 15.67 -41.10
N SER B 19 10.62 14.69 -40.20
CA SER B 19 9.52 14.41 -39.27
C SER B 19 10.05 14.36 -37.85
N LEU B 20 9.16 14.66 -36.90
CA LEU B 20 9.51 14.68 -35.49
C LEU B 20 8.27 14.35 -34.67
N ARG B 21 8.50 13.83 -33.46
CA ARG B 21 7.42 13.47 -32.55
C ARG B 21 7.75 13.96 -31.16
N LEU B 22 6.95 14.89 -30.65
CA LEU B 22 7.19 15.50 -29.35
C LEU B 22 6.32 14.82 -28.29
N SER B 23 6.89 14.64 -27.10
CA SER B 23 6.18 14.07 -25.97
C SER B 23 6.07 15.11 -24.86
N CYS B 24 5.03 14.98 -24.03
CA CYS B 24 4.82 15.87 -22.90
C CYS B 24 4.26 15.03 -21.75
N VAL B 25 5.11 14.72 -20.78
CA VAL B 25 4.70 13.97 -19.60
C VAL B 25 4.25 14.95 -18.53
N ALA B 26 3.01 14.82 -18.09
CA ALA B 26 2.39 15.75 -17.15
C ALA B 26 2.20 15.07 -15.79
N SER B 27 2.18 15.91 -14.75
CA SER B 27 1.98 15.42 -13.39
C SER B 27 1.47 16.58 -12.54
N GLY B 28 0.87 16.23 -11.40
CA GLY B 28 0.33 17.22 -10.50
C GLY B 28 -1.14 17.53 -10.68
N PHE B 29 -1.81 16.87 -11.62
CA PHE B 29 -3.23 17.09 -11.86
C PHE B 29 -3.78 15.86 -12.57
N THR B 30 -5.10 15.68 -12.46
CA THR B 30 -5.76 14.56 -13.12
C THR B 30 -5.72 14.74 -14.63
N PHE B 31 -4.69 14.17 -15.26
CA PHE B 31 -4.51 14.34 -16.71
C PHE B 31 -5.72 13.85 -17.50
N SER B 32 -6.41 12.83 -17.00
CA SER B 32 -7.53 12.24 -17.74
C SER B 32 -8.78 13.10 -17.73
N SER B 33 -8.82 14.18 -16.95
CA SER B 33 -9.99 15.05 -16.87
C SER B 33 -9.71 16.43 -17.45
N PHE B 34 -8.63 16.60 -18.20
CA PHE B 34 -8.19 17.90 -18.68
C PHE B 34 -8.08 17.89 -20.20
N ALA B 35 -8.39 19.03 -20.81
CA ALA B 35 -8.03 19.28 -22.19
C ALA B 35 -6.57 19.72 -22.28
N MET B 36 -5.94 19.43 -23.41
CA MET B 36 -4.52 19.72 -23.58
C MET B 36 -4.30 20.49 -24.88
N GLY B 37 -3.25 21.30 -24.90
CA GLY B 37 -2.91 22.07 -26.07
C GLY B 37 -1.41 22.19 -26.21
N TRP B 38 -0.97 22.32 -27.46
CA TRP B 38 0.43 22.58 -27.78
C TRP B 38 0.61 24.04 -28.15
N TYR B 39 1.72 24.62 -27.71
CA TYR B 39 2.02 26.02 -27.96
C TYR B 39 3.50 26.14 -28.30
N ARG B 40 3.83 27.14 -29.12
CA ARG B 40 5.20 27.34 -29.56
C ARG B 40 5.51 28.83 -29.62
N GLN B 41 6.80 29.15 -29.61
CA GLN B 41 7.24 30.53 -29.68
C GLN B 41 8.56 30.61 -30.43
N ALA B 42 8.56 31.33 -31.55
CA ALA B 42 9.78 31.62 -32.27
C ALA B 42 10.70 32.50 -31.40
N PRO B 43 12.00 32.48 -31.66
CA PRO B 43 12.93 33.24 -30.80
C PRO B 43 12.70 34.74 -30.81
N GLY B 44 12.16 35.29 -31.90
CA GLY B 44 11.92 36.72 -31.97
C GLY B 44 10.46 37.09 -31.96
N LYS B 45 9.58 36.11 -32.13
CA LYS B 45 8.15 36.33 -32.19
C LYS B 45 7.51 35.99 -30.85
N GLU B 46 6.18 35.91 -30.85
CA GLU B 46 5.40 35.69 -29.63
C GLU B 46 4.85 34.28 -29.59
N CYS B 47 4.46 33.87 -28.39
CA CYS B 47 3.85 32.56 -28.19
C CYS B 47 2.56 32.45 -28.98
N GLU B 48 2.38 31.32 -29.68
CA GLU B 48 1.21 31.12 -30.51
C GLU B 48 0.65 29.72 -30.31
N TRP B 49 -0.65 29.59 -30.55
CA TRP B 49 -1.34 28.30 -30.39
C TRP B 49 -1.09 27.40 -31.60
N VAL B 50 -0.85 26.13 -31.31
CA VAL B 50 -0.58 25.14 -32.36
C VAL B 50 -1.77 24.21 -32.53
N ALA B 51 -2.03 23.37 -31.53
CA ALA B 51 -3.05 22.35 -31.63
C ALA B 51 -3.74 22.17 -30.28
N THR B 52 -4.92 21.53 -30.34
CA THR B 52 -5.74 21.29 -29.16
C THR B 52 -6.36 19.90 -29.30
N ILE B 53 -6.41 19.16 -28.19
CA ILE B 53 -7.09 17.87 -28.13
C ILE B 53 -8.04 17.89 -26.93
N THR B 54 -9.18 17.21 -27.09
CA THR B 54 -10.21 17.21 -26.06
C THR B 54 -9.82 16.26 -24.93
N ILE B 55 -10.71 16.16 -23.93
CA ILE B 55 -10.45 15.33 -22.76
C ILE B 55 -10.34 13.86 -23.16
N THR B 56 -11.28 13.38 -23.98
CA THR B 56 -11.28 12.00 -24.42
C THR B 56 -10.44 11.76 -25.67
N GLY B 57 -9.90 12.81 -26.28
CA GLY B 57 -9.20 12.69 -27.53
C GLY B 57 -10.09 12.51 -28.75
N GLY B 58 -11.42 12.55 -28.56
CA GLY B 58 -12.34 12.29 -29.65
C GLY B 58 -12.34 13.32 -30.75
N SER B 59 -11.88 14.54 -30.47
CA SER B 59 -11.82 15.59 -31.47
C SER B 59 -10.56 16.41 -31.25
N THR B 60 -10.12 17.07 -32.33
CA THR B 60 -8.88 17.83 -32.32
C THR B 60 -9.08 19.12 -33.09
N ASN B 61 -8.10 20.02 -32.97
CA ASN B 61 -8.14 21.29 -33.68
C ASN B 61 -6.70 21.76 -33.89
N TYR B 62 -6.44 22.35 -35.05
CA TYR B 62 -5.09 22.70 -35.45
C TYR B 62 -5.04 24.10 -36.04
N ALA B 63 -3.96 24.82 -35.75
CA ALA B 63 -3.74 26.10 -36.41
C ALA B 63 -3.61 25.91 -37.91
N ASP B 64 -3.96 26.96 -38.67
CA ASP B 64 -3.99 26.85 -40.12
C ASP B 64 -2.62 26.55 -40.70
N SER B 65 -1.56 27.09 -40.10
CA SER B 65 -0.21 26.90 -40.62
C SER B 65 0.32 25.49 -40.41
N VAL B 66 -0.32 24.68 -39.58
CA VAL B 66 0.12 23.32 -39.31
C VAL B 66 -0.93 22.28 -39.65
N LYS B 67 -2.12 22.69 -40.07
CA LYS B 67 -3.17 21.74 -40.41
C LYS B 67 -2.75 20.89 -41.61
N GLY B 68 -2.90 19.58 -41.48
CA GLY B 68 -2.50 18.63 -42.48
C GLY B 68 -1.13 18.03 -42.25
N ARG B 69 -0.23 18.77 -41.61
CA ARG B 69 1.11 18.29 -41.32
C ARG B 69 1.28 17.78 -39.89
N PHE B 70 0.58 18.36 -38.93
CA PHE B 70 0.73 18.01 -37.53
C PHE B 70 -0.46 17.17 -37.06
N THR B 71 -0.21 16.38 -36.01
CA THR B 71 -1.24 15.55 -35.40
C THR B 71 -0.99 15.50 -33.90
N ILE B 72 -2.06 15.71 -33.12
CA ILE B 72 -1.99 15.71 -31.66
C ILE B 72 -2.72 14.48 -31.15
N SER B 73 -2.14 13.82 -30.15
CA SER B 73 -2.73 12.62 -29.57
C SER B 73 -2.36 12.54 -28.10
N ARG B 74 -3.09 11.71 -27.37
CA ARG B 74 -2.88 11.58 -25.93
C ARG B 74 -2.97 10.11 -25.52
N ASP B 75 -2.31 9.80 -24.41
CA ASP B 75 -2.29 8.45 -23.83
C ASP B 75 -2.49 8.63 -22.32
N ASN B 76 -3.76 8.59 -21.90
CA ASN B 76 -4.07 8.86 -20.50
C ASN B 76 -3.43 7.83 -19.57
N ALA B 77 -3.18 6.61 -20.05
CA ALA B 77 -2.53 5.60 -19.24
C ALA B 77 -1.08 5.96 -18.92
N LYS B 78 -0.48 6.88 -19.67
CA LYS B 78 0.88 7.30 -19.44
C LYS B 78 1.00 8.77 -19.06
N ASN B 79 -0.11 9.51 -18.97
CA ASN B 79 -0.09 10.95 -18.71
C ASN B 79 0.80 11.68 -19.70
N THR B 80 0.66 11.33 -20.98
CA THR B 80 1.52 11.86 -22.02
C THR B 80 0.71 12.42 -23.17
N LEU B 81 1.11 13.59 -23.64
CA LEU B 81 0.55 14.23 -24.82
C LEU B 81 1.59 14.22 -25.93
N TYR B 82 1.15 13.94 -27.15
CA TYR B 82 2.05 13.81 -28.28
C TYR B 82 1.75 14.86 -29.34
N LEU B 83 2.74 15.13 -30.18
CA LEU B 83 2.59 16.01 -31.34
C LEU B 83 3.45 15.45 -32.46
N GLN B 84 2.82 14.86 -33.47
CA GLN B 84 3.52 14.30 -34.62
C GLN B 84 3.68 15.39 -35.67
N MET B 85 4.92 15.79 -35.93
CA MET B 85 5.23 16.87 -36.86
C MET B 85 5.84 16.29 -38.12
N ASN B 86 5.06 16.22 -39.18
CA ASN B 86 5.51 15.73 -40.47
C ASN B 86 5.67 16.90 -41.45
N SER B 87 6.51 16.68 -42.47
CA SER B 87 6.77 17.68 -43.50
C SER B 87 7.25 18.99 -42.88
N LEU B 88 8.28 18.89 -42.04
CA LEU B 88 8.74 20.05 -41.29
C LEU B 88 9.16 21.18 -42.23
N LYS B 89 8.70 22.39 -41.92
CA LYS B 89 9.04 23.60 -42.65
C LYS B 89 9.92 24.50 -41.78
N PRO B 90 10.75 25.35 -42.38
CA PRO B 90 11.56 26.28 -41.57
C PRO B 90 10.73 27.20 -40.69
N GLU B 91 9.47 27.47 -41.06
CA GLU B 91 8.60 28.29 -40.23
C GLU B 91 8.21 27.61 -38.92
N ASP B 92 8.45 26.30 -38.79
CA ASP B 92 8.13 25.57 -37.57
C ASP B 92 9.24 25.65 -36.52
N THR B 93 10.26 26.47 -36.76
CA THR B 93 11.38 26.60 -35.82
C THR B 93 10.92 27.39 -34.61
N ALA B 94 10.84 26.72 -33.45
CA ALA B 94 10.37 27.36 -32.22
C ALA B 94 10.63 26.41 -31.05
N VAL B 95 10.45 26.94 -29.85
CA VAL B 95 10.39 26.13 -28.65
C VAL B 95 8.94 25.76 -28.40
N TYR B 96 8.67 24.46 -28.24
CA TYR B 96 7.31 23.95 -28.17
C TYR B 96 6.94 23.64 -26.72
N TYR B 97 5.77 24.10 -26.30
CA TYR B 97 5.24 23.88 -24.97
C TYR B 97 3.90 23.18 -25.06
N CYS B 98 3.60 22.37 -24.04
CA CYS B 98 2.28 21.77 -23.88
C CYS B 98 1.71 22.24 -22.55
N ASN B 99 0.40 22.46 -22.52
CA ASN B 99 -0.19 23.15 -21.39
C ASN B 99 -1.71 23.02 -21.38
N PRO B 100 -2.32 22.54 -20.29
CA PRO B 100 -3.78 22.56 -20.19
C PRO B 100 -4.36 23.97 -20.17
N ASP B 101 -3.56 24.96 -19.81
CA ASP B 101 -3.88 26.37 -19.87
C ASP B 101 -3.27 27.00 -21.12
N PRO B 102 -3.73 28.19 -21.51
CA PRO B 102 -3.15 28.82 -22.70
C PRO B 102 -1.75 29.37 -22.45
N GLY B 103 -0.92 29.30 -23.48
CA GLY B 103 0.33 30.02 -23.50
C GLY B 103 1.55 29.16 -23.21
N CYS B 104 2.70 29.83 -23.23
CA CYS B 104 3.99 29.19 -23.08
C CYS B 104 4.54 29.28 -21.66
N ARG B 105 3.79 29.86 -20.73
CA ARG B 105 4.21 29.99 -19.34
C ARG B 105 3.56 28.96 -18.43
N GLY B 106 3.27 27.76 -18.95
CA GLY B 106 2.64 26.72 -18.15
C GLY B 106 3.54 26.12 -17.08
N GLY B 107 4.82 26.49 -17.05
CA GLY B 107 5.76 25.99 -16.08
C GLY B 107 6.78 25.02 -16.66
N GLY B 108 6.59 24.54 -17.87
CA GLY B 108 7.52 23.62 -18.48
C GLY B 108 8.62 24.33 -19.26
N GLN B 109 9.77 23.66 -19.33
CA GLN B 109 10.92 24.23 -20.03
C GLN B 109 10.73 24.23 -21.55
N GLY B 110 9.90 23.34 -22.06
CA GLY B 110 9.70 23.24 -23.49
C GLY B 110 10.80 22.46 -24.18
N THR B 111 10.56 22.15 -25.46
CA THR B 111 11.51 21.43 -26.29
C THR B 111 11.83 22.26 -27.53
N GLN B 112 13.10 22.28 -27.91
CA GLN B 112 13.56 23.10 -29.03
C GLN B 112 13.45 22.32 -30.33
N VAL B 113 12.92 22.96 -31.36
CA VAL B 113 12.76 22.38 -32.68
C VAL B 113 13.36 23.34 -33.69
N THR B 114 14.40 22.91 -34.40
CA THR B 114 15.07 23.72 -35.41
C THR B 114 14.93 23.04 -36.77
N VAL B 115 14.30 23.75 -37.72
CA VAL B 115 14.12 23.23 -39.07
C VAL B 115 14.89 24.12 -40.03
N SER B 116 16.23 24.10 -39.93
CA SER B 116 17.07 24.95 -40.77
C SER B 116 17.63 24.15 -41.94
N SER B 117 18.93 23.84 -41.88
CA SER B 117 19.60 23.03 -42.89
C SER B 117 19.50 23.61 -44.30
N VAL C 5 6.76 44.36 -29.27
CA VAL C 5 7.07 45.59 -28.55
C VAL C 5 8.36 45.43 -27.75
N GLN C 6 9.41 46.14 -28.18
CA GLN C 6 10.71 46.07 -27.55
C GLN C 6 11.10 47.46 -27.05
N LEU C 7 11.79 47.49 -25.92
CA LEU C 7 12.26 48.74 -25.31
C LEU C 7 13.77 48.65 -25.16
N VAL C 8 14.50 49.33 -26.03
CA VAL C 8 15.96 49.38 -25.97
C VAL C 8 16.37 50.63 -25.20
N GLU C 9 17.25 50.46 -24.22
CA GLU C 9 17.70 51.55 -23.37
C GLU C 9 19.17 51.84 -23.61
N SER C 10 19.56 53.08 -23.33
CA SER C 10 20.94 53.52 -23.50
C SER C 10 21.13 54.83 -22.74
N GLY C 11 22.35 55.01 -22.23
CA GLY C 11 22.70 56.27 -21.59
C GLY C 11 23.33 56.13 -20.22
N GLY C 12 23.33 54.91 -19.67
CA GLY C 12 23.87 54.70 -18.34
C GLY C 12 25.39 54.79 -18.31
N GLY C 13 25.93 54.38 -17.18
CA GLY C 13 27.36 54.35 -16.97
C GLY C 13 27.72 54.94 -15.62
N LEU C 14 29.02 55.23 -15.47
CA LEU C 14 29.54 55.81 -14.23
C LEU C 14 29.53 57.33 -14.33
N VAL C 15 29.08 57.98 -13.25
CA VAL C 15 28.96 59.43 -13.21
C VAL C 15 29.34 59.93 -11.82
N GLN C 16 29.61 61.23 -11.74
CA GLN C 16 30.09 61.93 -10.55
C GLN C 16 28.91 62.34 -9.67
N PRO C 17 29.12 62.38 -8.36
CA PRO C 17 28.12 62.99 -7.47
C PRO C 17 27.87 64.43 -7.86
N GLY C 18 26.64 64.71 -8.30
CA GLY C 18 26.27 66.03 -8.78
C GLY C 18 26.32 66.18 -10.28
N GLY C 19 26.61 65.11 -11.03
CA GLY C 19 26.65 65.16 -12.47
C GLY C 19 25.27 64.95 -13.09
N SER C 20 25.27 64.89 -14.42
CA SER C 20 24.04 64.77 -15.19
C SER C 20 24.05 63.48 -16.00
N LEU C 21 22.87 63.07 -16.45
CA LEU C 21 22.70 61.89 -17.28
C LEU C 21 21.36 61.98 -18.00
N ARG C 22 21.28 61.30 -19.15
CA ARG C 22 20.05 61.23 -19.92
C ARG C 22 19.90 59.83 -20.47
N LEU C 23 18.80 59.17 -20.12
CA LEU C 23 18.51 57.81 -20.56
C LEU C 23 17.53 57.83 -21.72
N SER C 24 17.71 56.91 -22.66
CA SER C 24 16.84 56.76 -23.80
C SER C 24 16.03 55.48 -23.68
N CYS C 25 14.93 55.42 -24.45
CA CYS C 25 14.02 54.28 -24.39
C CYS C 25 13.24 54.25 -25.71
N GLU C 26 13.66 53.37 -26.62
CA GLU C 26 13.06 53.30 -27.94
C GLU C 26 11.64 52.72 -27.83
N THR C 27 10.63 53.57 -27.99
CA THR C 27 9.23 53.16 -27.84
C THR C 27 8.67 52.67 -29.16
N SER C 28 9.34 51.65 -29.72
CA SER C 28 8.89 51.02 -30.95
C SER C 28 7.87 49.94 -30.65
N GLY C 29 6.87 49.82 -31.52
CA GLY C 29 5.84 48.82 -31.37
C GLY C 29 4.69 49.22 -30.49
N ILE C 30 4.82 50.30 -29.71
CA ILE C 30 3.73 50.76 -28.86
C ILE C 30 2.58 51.22 -29.74
N THR C 31 1.55 50.40 -29.86
CA THR C 31 0.40 50.68 -30.71
C THR C 31 -0.87 50.95 -29.92
N LEU C 32 -0.78 51.09 -28.60
CA LEU C 32 -1.95 51.37 -27.78
C LEU C 32 -2.37 52.82 -27.91
N ASP C 33 -3.66 53.06 -27.69
CA ASP C 33 -4.18 54.43 -27.72
C ASP C 33 -3.92 55.16 -26.41
N TYR C 34 -4.04 54.47 -25.27
CA TYR C 34 -3.87 55.07 -23.96
C TYR C 34 -2.95 54.17 -23.14
N TYR C 35 -1.77 54.68 -22.79
CA TYR C 35 -0.77 53.89 -22.09
C TYR C 35 0.12 54.82 -21.27
N ALA C 36 0.91 54.20 -20.39
CA ALA C 36 1.83 54.93 -19.52
C ALA C 36 3.27 54.54 -19.85
N ILE C 37 4.19 55.44 -19.49
CA ILE C 37 5.63 55.21 -19.61
C ILE C 37 6.25 55.51 -18.26
N GLY C 38 6.99 54.55 -17.72
CA GLY C 38 7.58 54.70 -16.40
C GLY C 38 9.04 54.33 -16.37
N TRP C 39 9.78 55.01 -15.50
CA TRP C 39 11.17 54.69 -15.21
C TRP C 39 11.27 54.14 -13.80
N PHE C 40 12.05 53.08 -13.62
CA PHE C 40 12.10 52.34 -12.37
C PHE C 40 13.55 52.13 -11.95
N LEU C 41 13.83 52.39 -10.67
CA LEU C 41 15.14 52.17 -10.08
C LEU C 41 15.17 50.81 -9.41
N GLN C 42 16.07 49.94 -9.86
CA GLN C 42 16.24 48.61 -9.28
C GLN C 42 17.52 48.61 -8.45
N VAL C 43 17.36 48.53 -7.13
CA VAL C 43 18.49 48.47 -6.21
C VAL C 43 18.65 47.02 -5.76
N PRO C 44 19.87 46.48 -5.71
CA PRO C 44 20.05 45.10 -5.28
C PRO C 44 19.47 44.86 -3.90
N GLY C 45 18.54 43.91 -3.82
CA GLY C 45 17.91 43.54 -2.57
C GLY C 45 16.68 44.35 -2.21
N LYS C 46 16.19 45.20 -3.10
CA LYS C 46 15.05 46.06 -2.84
C LYS C 46 13.96 45.80 -3.86
N GLU C 47 12.74 46.19 -3.51
CA GLU C 47 11.66 46.20 -4.48
C GLU C 47 11.97 47.19 -5.60
N ARG C 48 11.47 46.89 -6.80
CA ARG C 48 11.62 47.82 -7.91
C ARG C 48 10.70 49.01 -7.69
N GLU C 49 11.28 50.21 -7.67
CA GLU C 49 10.56 51.43 -7.30
C GLU C 49 10.57 52.41 -8.47
N GLY C 50 9.39 52.79 -8.94
CA GLY C 50 9.30 53.77 -10.00
C GLY C 50 9.57 55.19 -9.52
N VAL C 51 10.18 55.98 -10.40
CA VAL C 51 10.58 57.35 -10.07
C VAL C 51 9.90 58.34 -11.00
N ALA C 52 9.70 57.95 -12.26
CA ALA C 52 9.10 58.81 -13.27
C ALA C 52 7.94 58.08 -13.92
N CYS C 53 7.12 58.84 -14.64
CA CYS C 53 5.77 58.40 -14.97
C CYS C 53 5.07 59.41 -15.86
N MET C 54 4.57 58.98 -17.02
CA MET C 54 3.78 59.87 -17.87
C MET C 54 2.83 59.03 -18.70
N ARG C 55 1.73 59.66 -19.13
CA ARG C 55 0.75 59.04 -20.00
C ARG C 55 0.80 59.71 -21.37
N ASN C 56 0.45 58.93 -22.40
CA ASN C 56 0.79 59.34 -23.77
C ASN C 56 -0.12 60.45 -24.26
N TRP C 57 -1.44 60.29 -24.13
CA TRP C 57 -2.37 61.23 -24.75
C TRP C 57 -2.26 62.61 -24.15
N ASP C 58 -1.89 62.70 -22.88
CA ASP C 58 -1.88 63.94 -22.12
C ASP C 58 -0.48 64.51 -21.93
N GLY C 59 0.51 63.65 -21.72
CA GLY C 59 1.82 64.09 -21.28
C GLY C 59 1.90 64.38 -19.79
N SER C 60 0.82 64.15 -19.04
CA SER C 60 0.81 64.46 -17.62
C SER C 60 1.80 63.57 -16.88
N THR C 61 2.66 64.18 -16.08
CA THR C 61 3.74 63.48 -15.42
C THR C 61 3.43 63.24 -13.94
N LEU C 62 4.31 62.48 -13.30
CA LEU C 62 4.19 62.12 -11.89
C LEU C 62 5.55 61.61 -11.44
N TYR C 63 6.02 62.10 -10.29
CA TYR C 63 7.39 61.85 -9.86
C TYR C 63 7.41 61.36 -8.42
N ALA C 64 8.51 60.69 -8.07
CA ALA C 64 8.73 60.25 -6.70
C ALA C 64 9.32 61.39 -5.86
N PRO C 65 8.96 61.46 -4.58
CA PRO C 65 9.53 62.52 -3.73
C PRO C 65 11.04 62.52 -3.67
N SER C 66 11.69 61.35 -3.76
CA SER C 66 13.15 61.29 -3.70
C SER C 66 13.82 61.92 -4.92
N VAL C 67 13.09 62.07 -6.03
CA VAL C 67 13.66 62.58 -7.26
C VAL C 67 12.94 63.83 -7.76
N LYS C 68 11.99 64.35 -6.99
CA LYS C 68 11.20 65.49 -7.43
C LYS C 68 12.10 66.71 -7.62
N GLY C 69 11.97 67.36 -8.78
CA GLY C 69 12.79 68.49 -9.12
C GLY C 69 14.15 68.17 -9.67
N ARG C 70 14.63 66.93 -9.50
CA ARG C 70 15.93 66.50 -10.02
C ARG C 70 15.82 65.72 -11.32
N PHE C 71 14.77 64.91 -11.48
CA PHE C 71 14.59 64.09 -12.67
C PHE C 71 13.44 64.65 -13.51
N THR C 72 13.49 64.35 -14.81
CA THR C 72 12.48 64.84 -15.75
C THR C 72 12.28 63.83 -16.85
N ILE C 73 11.04 63.42 -17.07
CA ILE C 73 10.68 62.46 -18.11
C ILE C 73 9.97 63.21 -19.24
N SER C 74 10.27 62.82 -20.47
CA SER C 74 9.68 63.43 -21.65
C SER C 74 9.79 62.46 -22.81
N ARG C 75 9.28 62.86 -23.97
CA ARG C 75 9.30 62.06 -25.18
C ARG C 75 10.09 62.78 -26.27
N ASP C 76 9.99 62.26 -27.49
CA ASP C 76 10.72 62.79 -28.63
C ASP C 76 9.78 63.60 -29.54
N ALA C 77 10.40 64.31 -30.49
CA ALA C 77 9.62 65.07 -31.46
C ALA C 77 8.71 64.17 -32.27
N ASP C 78 9.26 63.11 -32.86
CA ASP C 78 8.47 62.10 -33.55
C ASP C 78 7.77 61.15 -32.59
N LYS C 79 7.90 61.38 -31.28
CA LYS C 79 7.22 60.57 -30.26
C LYS C 79 7.61 59.09 -30.38
N GLU C 80 8.89 58.84 -30.63
CA GLU C 80 9.41 57.48 -30.75
C GLU C 80 10.43 57.12 -29.69
N VAL C 81 10.95 58.10 -28.94
CA VAL C 81 11.96 57.86 -27.91
C VAL C 81 11.54 58.57 -26.64
N ALA C 82 11.58 57.86 -25.52
CA ALA C 82 11.30 58.42 -24.21
C ALA C 82 12.61 58.68 -23.47
N TYR C 83 12.70 59.83 -22.81
CA TYR C 83 13.92 60.25 -22.14
C TYR C 83 13.70 60.35 -20.64
N LEU C 84 14.81 60.30 -19.91
CA LEU C 84 14.81 60.55 -18.46
C LEU C 84 16.05 61.38 -18.13
N GLU C 85 15.86 62.67 -17.94
CA GLU C 85 16.95 63.55 -17.54
C GLU C 85 17.23 63.38 -16.05
N MET C 86 18.51 63.22 -15.72
CA MET C 86 18.92 62.94 -14.34
C MET C 86 19.95 63.98 -13.90
N ASN C 87 19.53 64.89 -13.02
CA ASN C 87 20.37 65.97 -12.56
C ASN C 87 20.60 65.85 -11.06
N SER C 88 21.73 66.41 -10.59
CA SER C 88 22.11 66.40 -9.19
C SER C 88 22.08 64.98 -8.62
N LEU C 89 22.85 64.11 -9.27
CA LEU C 89 22.83 62.69 -8.94
C LEU C 89 23.49 62.44 -7.59
N LYS C 90 22.73 61.86 -6.66
CA LYS C 90 23.26 61.41 -5.40
C LYS C 90 23.76 59.97 -5.52
N SER C 91 24.43 59.50 -4.48
CA SER C 91 24.83 58.10 -4.45
C SER C 91 23.62 57.17 -4.31
N GLU C 92 22.57 57.65 -3.64
CA GLU C 92 21.34 56.88 -3.46
C GLU C 92 20.55 56.70 -4.74
N ASP C 93 21.01 57.25 -5.88
CA ASP C 93 20.40 57.01 -7.17
C ASP C 93 21.04 55.85 -7.92
N THR C 94 21.98 55.15 -7.30
CA THR C 94 22.71 54.10 -7.98
C THR C 94 21.87 52.83 -8.09
N GLY C 95 21.89 52.24 -9.28
CA GLY C 95 21.14 51.02 -9.53
C GLY C 95 20.88 50.85 -11.01
N VAL C 96 20.07 49.84 -11.32
CA VAL C 96 19.64 49.58 -12.68
C VAL C 96 18.35 50.35 -12.94
N TYR C 97 18.28 51.04 -14.07
CA TYR C 97 17.12 51.83 -14.44
C TYR C 97 16.45 51.17 -15.64
N TYR C 98 15.24 50.67 -15.43
CA TYR C 98 14.40 50.13 -16.50
C TYR C 98 13.37 51.17 -16.91
N CYS C 99 13.09 51.25 -18.21
CA CYS C 99 11.90 51.92 -18.69
C CYS C 99 10.85 50.86 -19.02
N ALA C 100 9.61 51.16 -18.71
CA ALA C 100 8.52 50.21 -18.93
C ALA C 100 7.30 50.94 -19.47
N ALA C 101 6.41 50.17 -20.08
CA ALA C 101 5.16 50.68 -20.60
C ALA C 101 4.04 49.71 -20.23
N GLY C 102 2.81 50.20 -20.32
CA GLY C 102 1.65 49.37 -20.07
C GLY C 102 0.36 50.08 -20.37
N PRO C 103 -0.72 49.32 -20.58
CA PRO C 103 -2.02 49.95 -20.81
C PRO C 103 -2.48 50.73 -19.59
N LEU C 104 -3.10 51.88 -19.85
CA LEU C 104 -3.58 52.78 -18.80
C LEU C 104 -5.00 53.20 -19.15
N PRO C 105 -5.98 52.94 -18.30
CA PRO C 105 -7.37 53.30 -18.61
C PRO C 105 -7.49 54.80 -18.81
N PRO C 106 -8.29 55.23 -19.79
CA PRO C 106 -8.36 56.66 -20.10
C PRO C 106 -8.98 57.46 -18.96
N GLY C 107 -8.42 58.64 -18.72
CA GLY C 107 -8.88 59.48 -17.63
C GLY C 107 -8.38 59.08 -16.27
N HIS C 108 -7.26 58.36 -16.19
CA HIS C 108 -6.70 57.94 -14.92
C HIS C 108 -5.21 58.23 -14.90
N SER C 109 -4.65 58.21 -13.69
CA SER C 109 -3.26 58.53 -13.47
C SER C 109 -2.38 57.31 -13.65
N CYS C 110 -1.15 57.54 -14.08
CA CYS C 110 -0.15 56.49 -14.12
C CYS C 110 0.37 56.24 -12.71
N ARG C 111 0.87 55.03 -12.48
CA ARG C 111 1.37 54.59 -11.18
C ARG C 111 2.88 54.49 -11.22
N ILE C 112 3.56 55.10 -10.24
CA ILE C 112 5.02 55.11 -10.25
C ILE C 112 5.60 54.04 -9.34
N PRO C 113 5.44 54.13 -8.01
CA PRO C 113 6.28 53.28 -7.14
C PRO C 113 6.04 51.80 -7.32
N THR C 114 4.89 51.40 -7.89
CA THR C 114 4.67 49.98 -8.15
C THR C 114 5.03 49.63 -9.58
N PRO C 115 5.65 48.47 -9.82
CA PRO C 115 5.85 48.02 -11.20
C PRO C 115 4.63 47.36 -11.82
N LEU C 116 3.61 47.05 -11.03
CA LEU C 116 2.41 46.42 -11.57
C LEU C 116 1.68 47.37 -12.52
N GLY C 117 1.06 46.79 -13.54
CA GLY C 117 0.41 47.54 -14.59
C GLY C 117 1.26 47.75 -15.83
N TYR C 118 2.54 47.43 -15.77
CA TYR C 118 3.45 47.57 -16.90
C TYR C 118 3.73 46.20 -17.50
N ASP C 119 3.43 46.04 -18.79
CA ASP C 119 3.57 44.76 -19.47
C ASP C 119 4.93 44.62 -20.16
N ASP C 120 5.42 45.68 -20.79
CA ASP C 120 6.67 45.63 -21.54
C ASP C 120 7.77 46.34 -20.76
N TRP C 121 8.96 45.75 -20.77
CA TRP C 121 10.10 46.25 -20.00
C TRP C 121 11.36 46.26 -20.86
N GLY C 122 12.22 47.24 -20.59
CA GLY C 122 13.51 47.27 -21.24
C GLY C 122 14.53 46.41 -20.54
N GLN C 123 15.68 46.23 -21.19
CA GLN C 123 16.72 45.38 -20.63
C GLN C 123 17.38 45.98 -19.39
N GLY C 124 17.14 47.27 -19.12
CA GLY C 124 17.75 47.91 -17.97
C GLY C 124 19.14 48.43 -18.25
N THR C 125 19.48 49.56 -17.65
CA THR C 125 20.80 50.18 -17.81
C THR C 125 21.32 50.57 -16.45
N GLN C 126 22.59 50.23 -16.17
CA GLN C 126 23.19 50.52 -14.88
C GLN C 126 23.65 51.97 -14.82
N VAL C 127 23.40 52.60 -13.67
CA VAL C 127 23.85 53.97 -13.41
C VAL C 127 24.49 53.98 -12.03
N THR C 128 25.81 54.14 -12.00
CA THR C 128 26.56 54.20 -10.75
C THR C 128 27.07 55.63 -10.55
N VAL C 129 26.75 56.22 -9.41
CA VAL C 129 27.16 57.57 -9.08
C VAL C 129 28.32 57.48 -8.09
N SER C 130 29.52 57.78 -8.56
CA SER C 130 30.73 57.64 -7.73
C SER C 130 31.79 58.67 -8.13
N ASN D 4 1.24 -11.79 39.50
CA ASN D 4 0.46 -11.02 38.55
C ASN D 4 1.21 -10.82 37.24
N LEU D 5 0.93 -11.69 36.26
CA LEU D 5 1.52 -11.58 34.93
C LEU D 5 0.86 -12.57 33.98
N CYS D 6 0.21 -12.06 32.94
CA CYS D 6 -0.46 -12.94 31.99
C CYS D 6 0.56 -13.66 31.12
N PRO D 7 0.54 -14.99 31.05
CA PRO D 7 1.59 -15.73 30.32
C PRO D 7 1.35 -15.74 28.81
N PHE D 8 1.35 -14.55 28.21
CA PHE D 8 1.18 -14.44 26.77
C PHE D 8 2.33 -15.08 26.01
N GLY D 9 3.50 -15.24 26.64
CA GLY D 9 4.59 -15.95 25.98
C GLY D 9 4.25 -17.40 25.71
N GLU D 10 3.40 -18.00 26.54
CA GLU D 10 2.99 -19.39 26.35
C GLU D 10 2.02 -19.57 25.18
N VAL D 11 1.44 -18.48 24.68
CA VAL D 11 0.54 -18.57 23.54
C VAL D 11 1.28 -18.29 22.23
N PHE D 12 2.04 -17.20 22.18
CA PHE D 12 2.69 -16.81 20.94
C PHE D 12 3.89 -17.71 20.64
N ASP D 13 4.75 -17.93 21.64
CA ASP D 13 5.96 -18.73 21.45
C ASP D 13 5.76 -20.19 21.84
N ALA D 14 4.56 -20.73 21.66
CA ALA D 14 4.34 -22.15 21.86
C ALA D 14 5.10 -22.94 20.79
N THR D 15 5.69 -24.07 21.21
CA THR D 15 6.51 -24.86 20.28
C THR D 15 5.66 -25.40 19.13
N ARG D 16 4.48 -25.93 19.44
CA ARG D 16 3.58 -26.48 18.43
C ARG D 16 2.27 -25.71 18.41
N PHE D 17 1.79 -25.39 17.22
CA PHE D 17 0.52 -24.73 17.03
C PHE D 17 -0.50 -25.72 16.47
N ALA D 18 -1.77 -25.49 16.80
CA ALA D 18 -2.83 -26.40 16.39
C ALA D 18 -3.29 -26.09 14.97
N SER D 19 -4.00 -27.05 14.37
CA SER D 19 -4.65 -26.80 13.10
C SER D 19 -5.88 -25.92 13.30
N VAL D 20 -6.29 -25.26 12.22
CA VAL D 20 -7.36 -24.28 12.33
C VAL D 20 -8.69 -24.95 12.63
N TYR D 21 -8.92 -26.16 12.11
CA TYR D 21 -10.18 -26.85 12.40
C TYR D 21 -10.24 -27.27 13.86
N ALA D 22 -9.10 -27.65 14.45
CA ALA D 22 -9.03 -27.91 15.88
C ALA D 22 -8.30 -26.76 16.56
N TRP D 23 -8.82 -25.55 16.40
CA TRP D 23 -8.12 -24.36 16.87
C TRP D 23 -8.02 -24.36 18.39
N ASN D 24 -6.82 -24.06 18.90
CA ASN D 24 -6.57 -24.05 20.32
C ASN D 24 -7.13 -22.79 20.96
N ARG D 25 -7.32 -22.84 22.29
CA ARG D 25 -7.79 -21.69 23.05
C ARG D 25 -7.26 -21.78 24.47
N LYS D 26 -6.80 -20.65 24.99
CA LYS D 26 -6.38 -20.53 26.38
C LYS D 26 -6.95 -19.24 26.95
N ARG D 27 -7.65 -19.33 28.07
CA ARG D 27 -8.22 -18.18 28.75
C ARG D 27 -7.25 -17.68 29.80
N ILE D 28 -7.00 -16.37 29.81
CA ILE D 28 -6.13 -15.73 30.79
C ILE D 28 -6.93 -14.72 31.57
N SER D 29 -6.73 -14.70 32.89
CA SER D 29 -7.46 -13.78 33.76
C SER D 29 -6.69 -13.67 35.08
N ASN D 30 -7.10 -12.69 35.88
CA ASN D 30 -6.46 -12.38 37.16
C ASN D 30 -4.95 -12.20 37.00
N CYS D 31 -4.59 -11.32 36.07
CA CYS D 31 -3.19 -11.03 35.78
C CYS D 31 -3.11 -9.69 35.06
N VAL D 32 -2.00 -9.01 35.24
CA VAL D 32 -1.73 -7.74 34.57
C VAL D 32 -0.94 -8.01 33.30
N ALA D 33 -1.38 -7.44 32.19
CA ALA D 33 -0.77 -7.65 30.89
C ALA D 33 -0.38 -6.32 30.27
N ASP D 34 0.81 -6.28 29.68
CA ASP D 34 1.30 -5.10 28.98
C ASP D 34 1.04 -5.31 27.49
N TYR D 35 -0.08 -4.79 27.00
CA TYR D 35 -0.43 -4.94 25.60
C TYR D 35 0.46 -4.09 24.69
N SER D 36 1.12 -3.06 25.24
CA SER D 36 1.91 -2.16 24.40
C SER D 36 3.06 -2.89 23.72
N VAL D 37 3.66 -3.88 24.39
CA VAL D 37 4.77 -4.62 23.79
C VAL D 37 4.31 -5.60 22.73
N LEU D 38 3.02 -5.64 22.41
CA LEU D 38 2.49 -6.50 21.37
C LEU D 38 2.09 -5.75 20.11
N TYR D 39 1.27 -4.70 20.23
CA TYR D 39 0.87 -3.95 19.05
C TYR D 39 1.94 -2.96 18.59
N ASN D 40 3.04 -2.81 19.33
CA ASN D 40 4.18 -2.04 18.87
C ASN D 40 5.26 -2.88 18.22
N SER D 41 5.12 -4.21 18.22
CA SER D 41 6.09 -5.09 17.60
C SER D 41 5.76 -5.24 16.11
N ALA D 42 6.76 -4.96 15.27
CA ALA D 42 6.62 -5.14 13.83
C ALA D 42 6.83 -6.59 13.39
N SER D 43 7.09 -7.51 14.33
CA SER D 43 7.21 -8.92 13.98
C SER D 43 5.89 -9.51 13.52
N PHE D 44 4.77 -8.88 13.86
CA PHE D 44 3.45 -9.32 13.42
C PHE D 44 3.06 -8.45 12.23
N SER D 45 3.15 -9.01 11.02
CA SER D 45 2.78 -8.27 9.82
C SER D 45 1.28 -8.00 9.76
N THR D 46 0.48 -8.74 10.51
CA THR D 46 -0.96 -8.55 10.60
C THR D 46 -1.33 -8.27 12.04
N PHE D 47 -1.85 -7.06 12.30
CA PHE D 47 -2.34 -6.70 13.63
C PHE D 47 -3.62 -5.89 13.41
N LYS D 48 -4.75 -6.58 13.45
CA LYS D 48 -6.06 -5.97 13.21
C LYS D 48 -6.87 -6.01 14.49
N CYS D 49 -7.31 -4.85 14.95
CA CYS D 49 -8.14 -4.74 16.15
C CYS D 49 -9.52 -4.22 15.77
N TYR D 50 -10.56 -4.79 16.41
CA TYR D 50 -11.94 -4.42 16.14
C TYR D 50 -12.61 -4.06 17.45
N GLY D 51 -13.49 -3.05 17.40
CA GLY D 51 -14.26 -2.65 18.55
C GLY D 51 -13.50 -1.99 19.67
N VAL D 52 -12.18 -1.98 19.64
CA VAL D 52 -11.36 -1.35 20.68
C VAL D 52 -10.24 -0.58 20.02
N SER D 53 -9.74 0.43 20.74
CA SER D 53 -8.60 1.19 20.28
C SER D 53 -7.31 0.55 20.76
N PRO D 54 -6.36 0.26 19.88
CA PRO D 54 -5.14 -0.45 20.31
C PRO D 54 -4.35 0.32 21.36
N THR D 55 -4.21 1.63 21.20
CA THR D 55 -3.46 2.45 22.16
C THR D 55 -4.19 2.65 23.48
N LYS D 56 -5.32 1.98 23.71
CA LYS D 56 -6.05 2.09 24.97
C LYS D 56 -6.28 0.74 25.64
N LEU D 57 -5.58 -0.31 25.20
CA LEU D 57 -5.78 -1.63 25.78
C LEU D 57 -5.29 -1.69 27.22
N ASN D 58 -4.20 -0.97 27.53
CA ASN D 58 -3.70 -0.95 28.90
C ASN D 58 -4.60 -0.14 29.83
N ASP D 59 -5.48 0.71 29.27
CA ASP D 59 -6.37 1.55 30.03
C ASP D 59 -7.74 0.91 30.29
N LEU D 60 -7.88 -0.38 30.02
CA LEU D 60 -9.16 -1.06 30.17
C LEU D 60 -8.99 -2.31 31.03
N CYS D 61 -10.11 -2.74 31.62
CA CYS D 61 -10.16 -3.96 32.41
C CYS D 61 -11.35 -4.79 31.94
N PHE D 62 -11.13 -6.09 31.77
CA PHE D 62 -12.15 -7.00 31.27
C PHE D 62 -12.32 -8.16 32.23
N THR D 63 -13.45 -8.85 32.09
CA THR D 63 -13.72 -10.04 32.89
C THR D 63 -12.86 -11.21 32.42
N ASN D 64 -13.13 -11.70 31.22
CA ASN D 64 -12.37 -12.80 30.64
C ASN D 64 -11.69 -12.34 29.36
N VAL D 65 -10.55 -12.95 29.06
CA VAL D 65 -9.80 -12.69 27.84
C VAL D 65 -9.33 -14.02 27.28
N TYR D 66 -9.77 -14.35 26.07
CA TYR D 66 -9.41 -15.61 25.42
C TYR D 66 -8.35 -15.37 24.36
N ALA D 67 -7.46 -16.34 24.20
CA ALA D 67 -6.39 -16.30 23.19
C ALA D 67 -6.51 -17.55 22.33
N ASP D 68 -7.02 -17.40 21.12
CA ASP D 68 -7.17 -18.50 20.17
C ASP D 68 -6.01 -18.50 19.20
N SER D 69 -5.36 -19.66 19.03
CA SER D 69 -4.19 -19.79 18.19
C SER D 69 -4.38 -20.94 17.21
N PHE D 70 -3.90 -20.74 15.99
CA PHE D 70 -3.96 -21.77 14.95
C PHE D 70 -3.01 -21.37 13.82
N VAL D 71 -3.02 -22.18 12.76
CA VAL D 71 -2.14 -21.99 11.61
C VAL D 71 -2.97 -22.07 10.34
N ILE D 72 -2.80 -21.10 9.45
CA ILE D 72 -3.43 -21.08 8.13
C ILE D 72 -2.40 -20.57 7.12
N ARG D 73 -2.84 -20.44 5.87
CA ARG D 73 -1.98 -19.85 4.85
C ARG D 73 -2.17 -18.34 4.81
N GLY D 74 -1.33 -17.66 4.02
CA GLY D 74 -1.36 -16.21 3.99
C GLY D 74 -2.62 -15.66 3.36
N ASP D 75 -3.11 -16.30 2.28
CA ASP D 75 -4.31 -15.84 1.60
C ASP D 75 -5.58 -16.05 2.41
N GLU D 76 -5.50 -16.75 3.54
CA GLU D 76 -6.68 -17.02 4.36
C GLU D 76 -6.74 -16.18 5.63
N VAL D 77 -5.79 -15.27 5.84
CA VAL D 77 -5.84 -14.43 7.02
C VAL D 77 -6.93 -13.39 6.90
N ARG D 78 -7.29 -13.01 5.67
CA ARG D 78 -8.38 -12.06 5.45
C ARG D 78 -9.72 -12.62 5.91
N GLN D 79 -9.83 -13.92 6.12
CA GLN D 79 -11.08 -14.54 6.55
C GLN D 79 -11.28 -14.51 8.05
N ILE D 80 -10.22 -14.36 8.83
CA ILE D 80 -10.36 -14.20 10.28
C ILE D 80 -10.67 -12.72 10.52
N ALA D 81 -11.96 -12.41 10.58
CA ALA D 81 -12.46 -11.04 10.71
C ALA D 81 -13.99 -11.10 10.83
N PRO D 82 -14.62 -10.07 11.39
CA PRO D 82 -16.09 -10.06 11.43
C PRO D 82 -16.69 -9.99 10.03
N GLY D 83 -17.76 -10.76 9.83
CA GLY D 83 -18.50 -10.73 8.59
C GLY D 83 -17.73 -11.19 7.36
N GLN D 84 -16.99 -12.28 7.48
CA GLN D 84 -16.20 -12.80 6.38
C GLN D 84 -16.68 -14.20 6.00
N THR D 85 -16.54 -14.52 4.71
CA THR D 85 -16.91 -15.82 4.18
C THR D 85 -15.69 -16.50 3.58
N GLY D 86 -15.79 -17.82 3.42
CA GLY D 86 -14.69 -18.61 2.93
C GLY D 86 -14.58 -19.94 3.65
N LYS D 87 -13.67 -20.80 3.20
CA LYS D 87 -13.53 -22.13 3.81
C LYS D 87 -13.13 -22.02 5.28
N ILE D 88 -12.24 -21.08 5.60
CA ILE D 88 -11.81 -20.93 6.99
C ILE D 88 -12.91 -20.31 7.83
N ALA D 89 -13.52 -19.23 7.32
CA ALA D 89 -14.51 -18.50 8.11
C ALA D 89 -15.80 -19.29 8.28
N ASP D 90 -16.12 -20.17 7.33
CA ASP D 90 -17.37 -20.93 7.40
C ASP D 90 -17.19 -22.30 8.06
N TYR D 91 -16.09 -23.00 7.76
CA TYR D 91 -15.94 -24.38 8.17
C TYR D 91 -14.89 -24.59 9.26
N ASN D 92 -14.13 -23.57 9.64
CA ASN D 92 -13.06 -23.76 10.60
C ASN D 92 -13.15 -22.81 11.79
N TYR D 93 -13.10 -21.50 11.53
CA TYR D 93 -13.05 -20.51 12.60
C TYR D 93 -13.86 -19.30 12.18
N LYS D 94 -14.93 -19.01 12.92
CA LYS D 94 -15.85 -17.92 12.58
C LYS D 94 -15.84 -16.89 13.70
N LEU D 95 -15.69 -15.62 13.31
CA LEU D 95 -15.77 -14.54 14.28
C LEU D 95 -17.14 -13.87 14.22
N PRO D 96 -17.70 -13.48 15.37
CA PRO D 96 -18.98 -12.77 15.35
C PRO D 96 -18.81 -11.36 14.81
N ASP D 97 -19.94 -10.78 14.38
CA ASP D 97 -19.91 -9.42 13.87
C ASP D 97 -19.58 -8.41 14.97
N ASP D 98 -20.01 -8.68 16.20
CA ASP D 98 -19.62 -7.86 17.36
C ASP D 98 -18.46 -8.53 18.10
N PHE D 99 -17.35 -8.70 17.37
CA PHE D 99 -16.24 -9.51 17.87
C PHE D 99 -15.48 -8.79 18.99
N THR D 100 -15.37 -7.46 18.92
CA THR D 100 -14.56 -6.64 19.82
C THR D 100 -13.28 -7.31 20.30
N GLY D 101 -12.23 -7.22 19.52
CA GLY D 101 -10.95 -7.81 19.90
C GLY D 101 -9.89 -7.50 18.86
N CYS D 102 -8.78 -8.25 18.93
CA CYS D 102 -7.67 -8.06 18.01
C CYS D 102 -7.28 -9.38 17.37
N VAL D 103 -6.78 -9.30 16.14
CA VAL D 103 -6.31 -10.46 15.38
C VAL D 103 -4.85 -10.24 15.06
N ILE D 104 -4.00 -11.19 15.45
CA ILE D 104 -2.56 -11.08 15.29
C ILE D 104 -2.08 -12.27 14.47
N ALA D 105 -1.17 -12.01 13.52
CA ALA D 105 -0.66 -13.07 12.65
C ALA D 105 0.73 -12.72 12.17
N TRP D 106 1.61 -13.73 12.11
CA TRP D 106 2.98 -13.54 11.66
C TRP D 106 3.41 -14.73 10.81
N ASN D 107 4.42 -14.50 9.97
CA ASN D 107 4.88 -15.51 9.03
C ASN D 107 5.77 -16.52 9.76
N SER D 108 5.38 -17.80 9.69
CA SER D 108 6.17 -18.87 10.29
C SER D 108 6.65 -19.85 9.23
N ASN D 109 7.18 -19.33 8.12
CA ASN D 109 7.66 -20.20 7.06
C ASN D 109 8.86 -21.02 7.52
N ASN D 110 9.67 -20.48 8.43
CA ASN D 110 10.87 -21.19 8.88
C ASN D 110 10.56 -22.33 9.84
N LEU D 111 9.37 -22.35 10.44
CA LEU D 111 9.01 -23.36 11.41
C LEU D 111 8.00 -24.38 10.91
N ASP D 112 7.07 -23.98 10.04
CA ASP D 112 5.96 -24.84 9.65
C ASP D 112 6.04 -25.30 8.19
N SER D 113 7.16 -25.06 7.52
CA SER D 113 7.38 -25.57 6.17
C SER D 113 8.38 -26.71 6.20
N LYS D 114 8.44 -27.43 5.09
CA LYS D 114 9.33 -28.59 4.96
C LYS D 114 9.47 -28.92 3.49
N VAL D 115 10.67 -29.35 3.08
CA VAL D 115 10.85 -29.88 1.75
C VAL D 115 9.94 -31.08 1.56
N GLY D 116 9.19 -31.09 0.46
CA GLY D 116 8.19 -32.11 0.24
C GLY D 116 6.85 -31.86 0.89
N GLY D 117 6.73 -30.82 1.70
CA GLY D 117 5.46 -30.43 2.28
C GLY D 117 5.37 -30.78 3.75
N ASN D 118 4.67 -29.93 4.50
CA ASN D 118 4.35 -30.18 5.90
C ASN D 118 2.88 -30.58 5.98
N TYR D 119 2.63 -31.86 6.23
CA TYR D 119 1.27 -32.40 6.23
C TYR D 119 0.69 -32.52 7.63
N ASN D 120 1.25 -31.78 8.60
CA ASN D 120 0.71 -31.82 9.95
C ASN D 120 -0.44 -30.84 10.14
N TYR D 121 -0.47 -29.77 9.35
CA TYR D 121 -1.50 -28.72 9.46
C TYR D 121 -2.57 -28.97 8.41
N LEU D 122 -3.82 -29.07 8.86
CA LEU D 122 -4.95 -29.35 7.99
C LEU D 122 -6.07 -28.33 8.25
N TYR D 123 -7.05 -28.31 7.35
CA TYR D 123 -8.21 -27.45 7.49
C TYR D 123 -9.41 -28.14 6.87
N ARG D 124 -10.60 -27.81 7.39
CA ARG D 124 -11.83 -28.45 6.93
C ARG D 124 -12.28 -27.82 5.60
N LEU D 125 -12.44 -28.66 4.58
CA LEU D 125 -12.81 -28.19 3.25
C LEU D 125 -14.28 -28.41 2.92
N PHE D 126 -14.96 -29.28 3.66
CA PHE D 126 -16.37 -29.58 3.40
C PHE D 126 -17.12 -29.68 4.71
N ARG D 127 -18.34 -29.17 4.73
CA ARG D 127 -19.18 -29.23 5.92
C ARG D 127 -20.63 -28.98 5.52
N LYS D 128 -21.56 -29.57 6.28
CA LYS D 128 -22.96 -29.47 5.94
C LYS D 128 -23.47 -28.03 6.07
N SER D 129 -23.04 -27.33 7.12
CA SER D 129 -23.48 -25.97 7.38
C SER D 129 -22.30 -25.15 7.87
N ASN D 130 -22.52 -23.85 8.06
CA ASN D 130 -21.49 -22.98 8.57
C ASN D 130 -21.37 -23.11 10.08
N LEU D 131 -20.21 -22.71 10.60
CA LEU D 131 -19.97 -22.75 12.04
C LEU D 131 -20.52 -21.50 12.71
N LYS D 132 -20.99 -21.68 13.94
CA LYS D 132 -21.35 -20.55 14.77
C LYS D 132 -20.10 -19.84 15.25
N PRO D 133 -20.22 -18.59 15.71
CA PRO D 133 -19.04 -17.90 16.25
C PRO D 133 -18.42 -18.68 17.39
N PHE D 134 -17.10 -18.86 17.30
CA PHE D 134 -16.30 -19.57 18.30
C PHE D 134 -16.69 -21.04 18.44
N GLU D 135 -17.30 -21.62 17.41
CA GLU D 135 -17.63 -23.03 17.39
C GLU D 135 -16.47 -23.82 16.80
N ARG D 136 -16.27 -25.03 17.31
CA ARG D 136 -15.20 -25.92 16.87
C ARG D 136 -15.79 -27.23 16.39
N ASP D 137 -15.23 -27.76 15.30
CA ASP D 137 -15.68 -29.02 14.71
C ASP D 137 -14.45 -29.86 14.41
N ILE D 138 -14.30 -30.98 15.12
CA ILE D 138 -13.17 -31.88 14.96
C ILE D 138 -13.59 -33.23 14.41
N SER D 139 -14.83 -33.36 13.95
CA SER D 139 -15.30 -34.63 13.41
C SER D 139 -14.66 -34.90 12.05
N THR D 140 -14.41 -36.18 11.79
CA THR D 140 -13.73 -36.60 10.56
C THR D 140 -14.56 -37.65 9.80
N GLU D 141 -15.88 -37.53 9.86
CA GLU D 141 -16.73 -38.42 9.10
C GLU D 141 -16.66 -38.09 7.61
N ILE D 142 -16.95 -39.10 6.78
CA ILE D 142 -16.89 -38.91 5.33
C ILE D 142 -18.03 -37.99 4.90
N TYR D 143 -17.67 -36.86 4.31
CA TYR D 143 -18.67 -35.90 3.85
C TYR D 143 -19.38 -36.43 2.62
N GLN D 144 -20.70 -36.29 2.60
CA GLN D 144 -21.53 -36.73 1.48
C GLN D 144 -21.88 -35.52 0.61
N ALA D 145 -21.23 -35.43 -0.55
CA ALA D 145 -21.42 -34.30 -1.45
C ALA D 145 -22.61 -34.44 -2.37
N GLY D 146 -23.29 -35.59 -2.37
CA GLY D 146 -24.41 -35.79 -3.27
C GLY D 146 -25.57 -36.55 -2.68
N SER D 147 -26.39 -37.14 -3.53
CA SER D 147 -27.53 -37.95 -3.11
C SER D 147 -27.17 -39.39 -2.84
N THR D 148 -25.89 -39.76 -2.96
CA THR D 148 -25.47 -41.13 -2.74
C THR D 148 -24.90 -41.28 -1.35
N PRO D 149 -25.41 -42.18 -0.52
CA PRO D 149 -24.83 -42.38 0.82
C PRO D 149 -23.41 -42.90 0.73
N CYS D 150 -22.59 -42.50 1.70
CA CYS D 150 -21.18 -42.86 1.73
C CYS D 150 -20.87 -44.04 2.62
N ASN D 151 -21.57 -44.17 3.76
CA ASN D 151 -21.33 -45.25 4.71
C ASN D 151 -19.87 -45.26 5.17
N GLY D 152 -19.31 -44.08 5.37
CA GLY D 152 -17.94 -43.96 5.86
C GLY D 152 -16.87 -44.40 4.88
N VAL D 153 -17.19 -44.53 3.60
CA VAL D 153 -16.26 -45.00 2.59
C VAL D 153 -15.94 -43.86 1.65
N GLU D 154 -14.66 -43.50 1.55
CA GLU D 154 -14.23 -42.45 0.65
C GLU D 154 -14.40 -42.88 -0.79
N GLY D 155 -14.66 -41.91 -1.66
CA GLY D 155 -14.85 -42.19 -3.07
C GLY D 155 -15.52 -41.03 -3.77
N PHE D 156 -16.15 -41.34 -4.90
CA PHE D 156 -16.85 -40.35 -5.69
C PHE D 156 -17.96 -39.71 -4.87
N ASN D 157 -17.94 -38.37 -4.79
CA ASN D 157 -18.85 -37.57 -3.98
C ASN D 157 -18.79 -37.91 -2.50
N CYS D 158 -17.74 -38.63 -2.06
CA CYS D 158 -17.57 -39.00 -0.66
C CYS D 158 -16.14 -38.62 -0.26
N TYR D 159 -16.01 -37.49 0.44
CA TYR D 159 -14.71 -36.88 0.70
C TYR D 159 -14.33 -36.99 2.17
N PHE D 160 -13.03 -37.11 2.41
CA PHE D 160 -12.48 -36.89 3.74
C PHE D 160 -12.52 -35.39 4.02
N PRO D 161 -13.18 -34.94 5.10
CA PRO D 161 -13.49 -33.51 5.23
C PRO D 161 -12.29 -32.60 5.41
N LEU D 162 -11.15 -33.12 5.86
CA LEU D 162 -9.99 -32.30 6.15
C LEU D 162 -9.03 -32.32 4.97
N GLN D 163 -8.47 -31.16 4.66
CA GLN D 163 -7.47 -30.99 3.61
C GLN D 163 -6.16 -30.53 4.22
N SER D 164 -5.06 -31.08 3.73
CA SER D 164 -3.74 -30.73 4.23
C SER D 164 -3.15 -29.60 3.41
N TYR D 165 -2.47 -28.67 4.10
CA TYR D 165 -1.87 -27.54 3.41
C TYR D 165 -0.66 -27.95 2.59
N GLY D 166 0.19 -28.81 3.15
CA GLY D 166 1.42 -29.19 2.48
C GLY D 166 2.37 -28.02 2.35
N PHE D 167 2.68 -27.39 3.49
CA PHE D 167 3.50 -26.19 3.49
C PHE D 167 4.92 -26.49 3.02
N GLN D 168 5.36 -25.75 2.00
CA GLN D 168 6.72 -25.83 1.50
C GLN D 168 7.37 -24.45 1.56
N PRO D 169 8.69 -24.40 1.85
CA PRO D 169 9.34 -23.08 1.93
C PRO D 169 9.38 -22.35 0.60
N THR D 170 9.46 -23.08 -0.52
CA THR D 170 9.52 -22.45 -1.84
C THR D 170 8.18 -21.89 -2.30
N ASN D 171 7.14 -21.98 -1.47
CA ASN D 171 5.84 -21.47 -1.85
C ASN D 171 5.79 -19.95 -1.78
N GLY D 172 4.90 -19.37 -2.57
CA GLY D 172 4.65 -17.94 -2.46
C GLY D 172 4.01 -17.59 -1.13
N VAL D 173 4.11 -16.31 -0.76
CA VAL D 173 3.67 -15.86 0.55
C VAL D 173 2.17 -16.08 0.74
N GLY D 174 1.41 -16.22 -0.34
CA GLY D 174 0.00 -16.54 -0.21
C GLY D 174 -0.24 -17.94 0.31
N TYR D 175 0.61 -18.89 -0.08
CA TYR D 175 0.50 -20.28 0.37
C TYR D 175 1.51 -20.62 1.46
N GLN D 176 2.12 -19.60 2.11
CA GLN D 176 3.04 -19.86 3.20
C GLN D 176 2.31 -19.91 4.53
N PRO D 177 2.80 -20.69 5.49
CA PRO D 177 2.09 -20.82 6.77
C PRO D 177 2.19 -19.56 7.60
N TYR D 178 1.10 -19.26 8.32
CA TYR D 178 1.01 -18.11 9.21
C TYR D 178 0.42 -18.55 10.54
N ARG D 179 1.07 -18.17 11.62
CA ARG D 179 0.55 -18.44 12.97
C ARG D 179 -0.33 -17.27 13.40
N VAL D 180 -1.60 -17.56 13.68
CA VAL D 180 -2.59 -16.55 14.00
C VAL D 180 -2.95 -16.66 15.48
N VAL D 181 -2.97 -15.52 16.17
CA VAL D 181 -3.40 -15.45 17.56
C VAL D 181 -4.53 -14.44 17.64
N VAL D 182 -5.74 -14.90 17.95
CA VAL D 182 -6.91 -14.04 18.08
C VAL D 182 -7.14 -13.79 19.57
N LEU D 183 -7.22 -12.51 19.93
CA LEU D 183 -7.47 -12.10 21.31
C LEU D 183 -8.89 -11.59 21.42
N SER D 184 -9.69 -12.22 22.27
CA SER D 184 -11.07 -11.83 22.51
C SER D 184 -11.18 -11.13 23.86
N PHE D 185 -11.86 -10.00 23.88
CA PHE D 185 -12.11 -9.23 25.10
C PHE D 185 -13.61 -9.15 25.34
N GLU D 186 -14.00 -9.29 26.61
CA GLU D 186 -15.40 -9.18 26.99
C GLU D 186 -15.50 -8.52 28.36
N LEU D 187 -16.42 -7.54 28.47
CA LEU D 187 -16.72 -6.84 29.71
C LEU D 187 -18.25 -6.74 29.81
N LEU D 188 -18.90 -7.89 29.99
CA LEU D 188 -20.35 -7.93 30.11
C LEU D 188 -20.76 -8.77 31.32
N SER E 2 -15.21 -6.75 -1.29
CA SER E 2 -16.59 -6.53 -0.88
C SER E 2 -16.72 -5.32 0.04
N GLN E 3 -15.62 -5.00 0.73
CA GLN E 3 -15.61 -3.85 1.63
C GLN E 3 -14.19 -3.28 1.76
N VAL E 4 -13.21 -4.15 1.93
CA VAL E 4 -11.81 -3.71 2.04
C VAL E 4 -11.30 -3.43 0.62
N GLN E 5 -11.12 -2.15 0.31
CA GLN E 5 -10.63 -1.72 -0.99
C GLN E 5 -9.29 -1.01 -0.81
N LEU E 6 -8.34 -1.34 -1.68
CA LEU E 6 -6.97 -0.82 -1.60
C LEU E 6 -6.58 -0.30 -2.97
N VAL E 7 -6.18 0.97 -3.03
CA VAL E 7 -5.82 1.62 -4.29
C VAL E 7 -4.35 1.99 -4.22
N GLU E 8 -3.51 1.26 -4.96
CA GLU E 8 -2.08 1.54 -5.02
C GLU E 8 -1.76 2.43 -6.21
N SER E 9 -0.79 3.32 -6.02
CA SER E 9 -0.38 4.25 -7.07
C SER E 9 1.05 4.67 -6.81
N GLY E 10 1.66 5.28 -7.83
CA GLY E 10 2.99 5.85 -7.72
C GLY E 10 4.04 5.17 -8.56
N GLY E 11 3.80 3.93 -8.99
CA GLY E 11 4.79 3.22 -9.77
C GLY E 11 4.95 3.79 -11.17
N ALA E 12 6.16 3.67 -11.69
CA ALA E 12 6.49 4.14 -13.04
C ALA E 12 7.85 3.56 -13.41
N LEU E 13 8.27 3.82 -14.65
CA LEU E 13 9.58 3.38 -15.10
C LEU E 13 10.65 4.28 -14.50
N VAL E 14 11.62 3.66 -13.83
CA VAL E 14 12.74 4.37 -13.22
C VAL E 14 14.03 3.70 -13.65
N GLN E 15 15.08 4.49 -13.85
CA GLN E 15 16.38 3.95 -14.20
C GLN E 15 17.11 3.46 -12.95
N PRO E 16 18.05 2.53 -13.11
CA PRO E 16 18.79 2.02 -11.96
C PRO E 16 19.46 3.13 -11.16
N GLY E 17 19.30 3.08 -9.84
CA GLY E 17 19.82 4.10 -8.96
C GLY E 17 18.86 5.21 -8.62
N GLY E 18 17.75 5.33 -9.35
CA GLY E 18 16.80 6.40 -9.12
C GLY E 18 15.97 6.23 -7.87
N SER E 19 14.84 6.92 -7.79
CA SER E 19 13.96 6.86 -6.64
C SER E 19 12.51 6.98 -7.10
N LEU E 20 11.60 6.55 -6.23
CA LEU E 20 10.18 6.60 -6.51
C LEU E 20 9.42 6.32 -5.23
N ARG E 21 8.34 7.07 -5.02
CA ARG E 21 7.49 6.91 -3.84
C ARG E 21 6.18 6.26 -4.23
N LEU E 22 5.79 5.23 -3.47
CA LEU E 22 4.53 4.53 -3.69
C LEU E 22 3.51 4.95 -2.66
N SER E 23 2.23 4.88 -3.04
CA SER E 23 1.14 5.27 -2.16
C SER E 23 0.03 4.22 -2.25
N CYS E 24 -0.68 4.04 -1.13
CA CYS E 24 -1.76 3.08 -1.05
C CYS E 24 -2.89 3.70 -0.22
N VAL E 25 -4.00 4.00 -0.87
CA VAL E 25 -5.16 4.58 -0.21
C VAL E 25 -6.11 3.44 0.14
N ALA E 26 -6.36 3.27 1.44
CA ALA E 26 -7.22 2.20 1.94
C ALA E 26 -8.57 2.75 2.35
N SER E 27 -9.61 1.93 2.18
CA SER E 27 -10.96 2.31 2.54
C SER E 27 -11.76 1.07 2.89
N GLY E 28 -12.76 1.25 3.75
CA GLY E 28 -13.64 0.18 4.16
C GLY E 28 -13.33 -0.44 5.51
N PHE E 29 -12.36 0.10 6.25
CA PHE E 29 -12.01 -0.44 7.55
C PHE E 29 -11.24 0.61 8.33
N THR E 30 -11.22 0.46 9.65
CA THR E 30 -10.55 1.43 10.52
C THR E 30 -9.04 1.36 10.33
N PHE E 31 -8.52 2.22 9.45
CA PHE E 31 -7.09 2.20 9.14
C PHE E 31 -6.23 2.46 10.38
N SER E 32 -6.74 3.23 11.33
CA SER E 32 -5.97 3.58 12.52
C SER E 32 -5.74 2.42 13.46
N SER E 33 -6.48 1.32 13.30
CA SER E 33 -6.37 0.17 14.21
C SER E 33 -5.73 -1.04 13.55
N PHE E 34 -5.12 -0.86 12.38
CA PHE E 34 -4.56 -1.95 11.59
C PHE E 34 -3.08 -1.74 11.37
N ALA E 35 -2.34 -2.85 11.35
CA ALA E 35 -0.97 -2.85 10.85
C ALA E 35 -1.00 -3.12 9.35
N MET E 36 0.00 -2.58 8.66
CA MET E 36 0.05 -2.64 7.21
C MET E 36 1.38 -3.23 6.75
N GLY E 37 1.43 -3.60 5.47
CA GLY E 37 2.63 -4.17 4.90
C GLY E 37 2.59 -4.12 3.39
N TRP E 38 3.76 -4.00 2.79
CA TRP E 38 3.90 -3.94 1.34
C TRP E 38 4.37 -5.30 0.80
N TYR E 39 3.81 -5.70 -0.34
CA TYR E 39 4.15 -6.96 -0.98
C TYR E 39 4.35 -6.72 -2.47
N ARG E 40 5.25 -7.51 -3.06
CA ARG E 40 5.56 -7.39 -4.48
C ARG E 40 5.64 -8.78 -5.09
N GLN E 41 5.47 -8.83 -6.41
CA GLN E 41 5.56 -10.08 -7.16
C GLN E 41 6.19 -9.79 -8.51
N ALA E 42 7.37 -10.37 -8.75
CA ALA E 42 8.05 -10.23 -10.03
C ALA E 42 7.41 -11.14 -11.07
N PRO E 43 7.46 -10.77 -12.35
CA PRO E 43 6.93 -11.65 -13.40
C PRO E 43 7.69 -12.97 -13.46
N GLY E 44 7.02 -14.07 -13.12
CA GLY E 44 7.61 -15.38 -13.05
C GLY E 44 7.95 -15.84 -11.64
N LYS E 45 8.32 -14.91 -10.77
CA LYS E 45 8.63 -15.23 -9.38
C LYS E 45 7.37 -15.24 -8.53
N GLU E 46 7.52 -15.53 -7.26
CA GLU E 46 6.40 -15.62 -6.33
C GLU E 46 6.15 -14.29 -5.63
N CYS E 47 4.93 -14.11 -5.15
CA CYS E 47 4.60 -12.95 -4.33
C CYS E 47 5.37 -13.01 -3.01
N GLU E 48 6.10 -11.94 -2.72
CA GLU E 48 6.99 -11.92 -1.56
C GLU E 48 6.71 -10.68 -0.70
N TRP E 49 7.15 -10.76 0.54
CA TRP E 49 6.95 -9.70 1.52
C TRP E 49 8.08 -8.67 1.43
N VAL E 50 7.72 -7.39 1.58
CA VAL E 50 8.67 -6.29 1.45
C VAL E 50 8.91 -5.60 2.79
N ALA E 51 7.87 -5.01 3.37
CA ALA E 51 8.02 -4.26 4.62
C ALA E 51 6.76 -4.41 5.46
N THR E 52 6.87 -4.01 6.72
CA THR E 52 5.77 -4.08 7.68
C THR E 52 5.84 -2.87 8.60
N ILE E 53 4.71 -2.22 8.83
CA ILE E 53 4.60 -1.11 9.75
C ILE E 53 3.53 -1.43 10.79
N THR E 54 3.75 -0.99 12.03
CA THR E 54 2.83 -1.28 13.11
C THR E 54 1.61 -0.36 13.05
N ILE E 55 0.76 -0.47 14.06
CA ILE E 55 -0.48 0.30 14.08
C ILE E 55 -0.19 1.78 14.22
N THR E 56 0.59 2.16 15.23
CA THR E 56 0.97 3.55 15.42
C THR E 56 2.12 3.98 14.53
N GLY E 57 2.72 3.06 13.79
CA GLY E 57 3.91 3.37 13.02
C GLY E 57 5.16 3.58 13.85
N GLY E 58 5.12 3.23 15.15
CA GLY E 58 6.27 3.43 16.01
C GLY E 58 7.46 2.56 15.67
N SER E 59 7.23 1.45 14.98
CA SER E 59 8.30 0.56 14.54
C SER E 59 7.99 0.06 13.14
N THR E 60 9.04 -0.36 12.44
CA THR E 60 8.93 -0.91 11.10
C THR E 60 9.78 -2.16 11.00
N ASN E 61 9.65 -2.86 9.87
CA ASN E 61 10.37 -4.10 9.64
C ASN E 61 10.53 -4.28 8.14
N TYR E 62 11.76 -4.55 7.68
CA TYR E 62 12.06 -4.65 6.26
C TYR E 62 12.69 -6.00 5.94
N ALA E 63 12.67 -6.34 4.66
CA ALA E 63 13.34 -7.53 4.16
C ALA E 63 14.77 -7.19 3.76
N ASP E 64 15.64 -8.21 3.79
CA ASP E 64 17.05 -7.99 3.52
C ASP E 64 17.29 -7.34 2.16
N SER E 65 16.46 -7.66 1.17
CA SER E 65 16.64 -7.11 -0.17
C SER E 65 16.44 -5.60 -0.22
N VAL E 66 15.74 -5.01 0.75
CA VAL E 66 15.38 -3.60 0.68
C VAL E 66 15.72 -2.89 1.99
N LYS E 67 16.52 -3.52 2.84
CA LYS E 67 16.91 -2.89 4.09
C LYS E 67 17.80 -1.69 3.82
N GLY E 68 17.45 -0.54 4.42
CA GLY E 68 18.18 0.68 4.22
C GLY E 68 17.86 1.42 2.93
N ARG E 69 17.31 0.73 1.93
CA ARG E 69 16.95 1.36 0.67
C ARG E 69 15.48 1.74 0.60
N PHE E 70 14.59 0.94 1.19
CA PHE E 70 13.16 1.24 1.22
C PHE E 70 12.76 1.73 2.60
N THR E 71 11.79 2.64 2.62
CA THR E 71 11.26 3.19 3.86
C THR E 71 9.74 3.19 3.79
N ILE E 72 9.10 2.62 4.80
CA ILE E 72 7.64 2.52 4.86
C ILE E 72 7.14 3.49 5.94
N SER E 73 6.06 4.19 5.62
CA SER E 73 5.46 5.14 6.55
C SER E 73 3.96 5.18 6.31
N ARG E 74 3.24 5.76 7.27
CA ARG E 74 1.79 5.82 7.20
C ARG E 74 1.29 7.15 7.76
N ASP E 75 0.15 7.59 7.24
CA ASP E 75 -0.50 8.82 7.67
C ASP E 75 -1.96 8.48 7.97
N ASN E 76 -2.26 8.23 9.24
CA ASN E 76 -3.60 7.82 9.63
C ASN E 76 -4.64 8.89 9.30
N ALA E 77 -4.23 10.16 9.23
CA ALA E 77 -5.16 11.21 8.88
C ALA E 77 -5.61 11.11 7.43
N LYS E 78 -4.77 10.54 6.56
CA LYS E 78 -5.10 10.38 5.15
C LYS E 78 -5.44 8.95 4.76
N ASN E 79 -5.29 7.99 5.68
CA ASN E 79 -5.48 6.56 5.37
C ASN E 79 -4.62 6.14 4.17
N THR E 80 -3.41 6.69 4.11
CA THR E 80 -2.49 6.44 3.02
C THR E 80 -1.22 5.79 3.55
N LEU E 81 -0.78 4.73 2.88
CA LEU E 81 0.45 4.02 3.22
C LEU E 81 1.49 4.30 2.16
N TYR E 82 2.66 4.77 2.57
CA TYR E 82 3.72 5.17 1.66
C TYR E 82 4.85 4.15 1.66
N LEU E 83 5.63 4.16 0.58
CA LEU E 83 6.79 3.28 0.46
C LEU E 83 7.84 4.04 -0.36
N GLN E 84 8.80 4.65 0.34
CA GLN E 84 9.87 5.38 -0.33
C GLN E 84 10.92 4.39 -0.82
N MET E 85 11.09 4.32 -2.15
CA MET E 85 12.04 3.41 -2.77
C MET E 85 13.24 4.21 -3.27
N ASN E 86 14.42 3.90 -2.74
CA ASN E 86 15.65 4.56 -3.14
C ASN E 86 16.66 3.53 -3.60
N SER E 87 17.57 3.96 -4.47
CA SER E 87 18.59 3.10 -5.06
C SER E 87 17.96 1.87 -5.72
N LEU E 88 17.00 2.12 -6.60
CA LEU E 88 16.28 1.04 -7.25
C LEU E 88 17.23 0.19 -8.07
N LYS E 89 17.13 -1.13 -7.89
CA LYS E 89 17.94 -2.10 -8.60
C LYS E 89 17.08 -2.89 -9.58
N PRO E 90 17.68 -3.51 -10.59
CA PRO E 90 16.89 -4.35 -11.51
C PRO E 90 16.19 -5.51 -10.83
N GLU E 91 16.65 -5.93 -9.65
CA GLU E 91 16.00 -6.97 -8.88
C GLU E 91 14.81 -6.47 -8.09
N ASP E 92 14.33 -5.25 -8.37
CA ASP E 92 13.19 -4.68 -7.66
C ASP E 92 11.98 -4.47 -8.56
N THR E 93 12.07 -4.80 -9.85
CA THR E 93 10.94 -4.60 -10.75
C THR E 93 9.86 -5.64 -10.47
N ALA E 94 8.68 -5.17 -10.12
CA ALA E 94 7.56 -6.04 -9.77
C ALA E 94 6.30 -5.19 -9.70
N VAL E 95 5.19 -5.83 -9.32
CA VAL E 95 3.94 -5.14 -9.05
C VAL E 95 3.77 -5.08 -7.53
N TYR E 96 3.78 -3.88 -6.99
CA TYR E 96 3.77 -3.69 -5.54
C TYR E 96 2.35 -3.52 -5.03
N TYR E 97 2.00 -4.31 -4.01
CA TYR E 97 0.69 -4.26 -3.39
C TYR E 97 0.84 -3.90 -1.90
N CYS E 98 -0.22 -3.33 -1.35
CA CYS E 98 -0.30 -3.08 0.09
C CYS E 98 -1.55 -3.77 0.63
N ASN E 99 -1.46 -4.24 1.87
CA ASN E 99 -2.47 -5.14 2.39
C ASN E 99 -2.34 -5.28 3.91
N PRO E 100 -3.43 -5.12 4.66
CA PRO E 100 -3.37 -5.42 6.10
C PRO E 100 -3.19 -6.89 6.40
N ASP E 101 -3.52 -7.76 5.46
CA ASP E 101 -3.32 -9.19 5.52
C ASP E 101 -2.16 -9.60 4.63
N PRO E 102 -1.60 -10.78 4.82
CA PRO E 102 -0.49 -11.21 3.96
C PRO E 102 -0.93 -11.48 2.52
N GLY E 103 0.02 -11.33 1.61
CA GLY E 103 -0.17 -11.75 0.23
C GLY E 103 -0.48 -10.59 -0.70
N CYS E 104 -0.37 -10.89 -2.00
CA CYS E 104 -0.67 -9.96 -3.08
C CYS E 104 -2.13 -10.02 -3.52
N ARG E 105 -2.94 -10.89 -2.92
CA ARG E 105 -4.33 -11.07 -3.29
C ARG E 105 -5.30 -10.46 -2.28
N GLY E 106 -4.87 -9.43 -1.56
CA GLY E 106 -5.73 -8.80 -0.59
C GLY E 106 -6.69 -7.78 -1.15
N GLY E 107 -6.51 -7.38 -2.40
CA GLY E 107 -7.36 -6.37 -3.02
C GLY E 107 -6.52 -5.34 -3.75
N GLY E 108 -7.07 -4.79 -4.82
CA GLY E 108 -6.36 -3.81 -5.62
C GLY E 108 -5.35 -4.43 -6.56
N GLN E 109 -5.13 -3.79 -7.71
CA GLN E 109 -4.25 -4.32 -8.73
C GLN E 109 -2.80 -3.89 -8.56
N GLY E 110 -2.48 -3.11 -7.53
CA GLY E 110 -1.12 -2.66 -7.32
C GLY E 110 -0.69 -1.62 -8.34
N THR E 111 0.63 -1.41 -8.39
CA THR E 111 1.22 -0.47 -9.32
C THR E 111 2.52 -1.04 -9.86
N GLN E 112 2.76 -0.80 -11.15
CA GLN E 112 3.91 -1.38 -11.83
C GLN E 112 5.16 -0.55 -11.56
N VAL E 113 6.25 -1.23 -11.20
CA VAL E 113 7.57 -0.61 -11.03
C VAL E 113 8.56 -1.39 -11.88
N THR E 114 9.30 -0.68 -12.74
CA THR E 114 10.26 -1.30 -13.62
C THR E 114 11.59 -0.56 -13.51
N VAL E 115 12.69 -1.31 -13.47
CA VAL E 115 14.01 -0.72 -13.38
C VAL E 115 14.89 -1.20 -14.53
N GLN F 4 5.21 -21.94 -9.52
CA GLN F 4 6.36 -22.78 -9.84
C GLN F 4 5.94 -24.08 -10.52
N VAL F 5 4.68 -24.46 -10.33
CA VAL F 5 4.09 -25.63 -10.98
C VAL F 5 3.27 -25.16 -12.16
N GLN F 6 3.52 -25.73 -13.34
CA GLN F 6 2.81 -25.37 -14.55
C GLN F 6 2.40 -26.64 -15.28
N LEU F 7 1.09 -26.85 -15.40
CA LEU F 7 0.54 -28.01 -16.09
C LEU F 7 0.17 -27.60 -17.51
N VAL F 8 0.77 -28.26 -18.50
CA VAL F 8 0.50 -27.99 -19.91
C VAL F 8 -0.16 -29.23 -20.49
N GLU F 9 -1.24 -29.02 -21.25
CA GLU F 9 -2.06 -30.10 -21.77
C GLU F 9 -1.99 -30.15 -23.29
N SER F 10 -2.42 -31.29 -23.83
CA SER F 10 -2.46 -31.52 -25.28
C SER F 10 -3.21 -32.81 -25.53
N GLY F 11 -3.67 -32.98 -26.77
CA GLY F 11 -4.30 -34.22 -27.22
C GLY F 11 -5.74 -34.08 -27.65
N GLY F 12 -6.42 -32.99 -27.27
CA GLY F 12 -7.83 -32.85 -27.58
C GLY F 12 -8.10 -32.51 -29.02
N GLY F 13 -9.38 -32.58 -29.38
CA GLY F 13 -9.82 -32.23 -30.71
C GLY F 13 -11.10 -32.97 -31.06
N LEU F 14 -11.46 -32.90 -32.34
CA LEU F 14 -12.66 -33.58 -32.82
C LEU F 14 -12.41 -35.09 -32.91
N VAL F 15 -13.44 -35.86 -32.61
CA VAL F 15 -13.33 -37.32 -32.61
C VAL F 15 -14.72 -37.91 -32.80
N GLN F 16 -14.81 -38.95 -33.62
CA GLN F 16 -16.09 -39.60 -33.89
C GLN F 16 -16.59 -40.33 -32.63
N PRO F 17 -17.90 -40.48 -32.50
CA PRO F 17 -18.42 -41.28 -31.37
C PRO F 17 -17.90 -42.71 -31.43
N GLY F 18 -17.59 -43.26 -30.26
CA GLY F 18 -16.93 -44.54 -30.17
C GLY F 18 -15.44 -44.51 -30.40
N GLY F 19 -14.90 -43.38 -30.83
CA GLY F 19 -13.47 -43.25 -31.05
C GLY F 19 -12.70 -43.17 -29.74
N SER F 20 -11.40 -42.94 -29.88
CA SER F 20 -10.51 -42.87 -28.74
C SER F 20 -9.61 -41.65 -28.86
N LEU F 21 -9.09 -41.22 -27.71
CA LEU F 21 -8.26 -40.04 -27.64
C LEU F 21 -7.45 -40.09 -26.35
N ARG F 22 -6.24 -39.52 -26.40
CA ARG F 22 -5.32 -39.54 -25.26
C ARG F 22 -4.91 -38.11 -24.94
N LEU F 23 -4.98 -37.76 -23.66
CA LEU F 23 -4.63 -36.44 -23.18
C LEU F 23 -3.36 -36.52 -22.33
N SER F 24 -2.51 -35.51 -22.46
CA SER F 24 -1.23 -35.46 -21.76
C SER F 24 -1.20 -34.23 -20.85
N CYS F 25 -0.51 -34.38 -19.72
CA CYS F 25 -0.40 -33.31 -18.72
C CYS F 25 1.02 -33.32 -18.17
N GLU F 26 1.85 -32.38 -18.64
CA GLU F 26 3.24 -32.31 -18.23
C GLU F 26 3.32 -31.74 -16.81
N THR F 27 3.65 -32.59 -15.85
CA THR F 27 3.72 -32.19 -14.44
C THR F 27 5.17 -31.89 -14.09
N SER F 28 5.61 -30.68 -14.44
CA SER F 28 6.99 -30.26 -14.27
C SER F 28 7.18 -29.64 -12.89
N GLY F 29 7.91 -30.34 -12.02
CA GLY F 29 8.28 -29.81 -10.72
C GLY F 29 7.14 -29.65 -9.75
N ILE F 30 6.68 -30.77 -9.17
CA ILE F 30 5.61 -30.75 -8.19
C ILE F 30 6.15 -30.74 -6.76
N THR F 31 7.23 -31.50 -6.51
CA THR F 31 8.01 -31.44 -5.28
C THR F 31 7.25 -31.98 -4.06
N LEU F 32 5.93 -31.98 -4.11
CA LEU F 32 5.14 -32.49 -2.99
C LEU F 32 5.33 -33.99 -2.84
N ASP F 33 5.38 -34.46 -1.59
CA ASP F 33 5.54 -35.89 -1.33
C ASP F 33 4.21 -36.64 -1.42
N TYR F 34 3.10 -35.96 -1.17
CA TYR F 34 1.78 -36.58 -1.20
C TYR F 34 0.82 -35.62 -1.91
N TYR F 35 0.45 -35.94 -3.14
CA TYR F 35 -0.45 -35.10 -3.91
C TYR F 35 -1.36 -35.97 -4.76
N ALA F 36 -2.39 -35.33 -5.33
CA ALA F 36 -3.36 -36.00 -6.20
C ALA F 36 -3.38 -35.31 -7.55
N ILE F 37 -3.53 -36.10 -8.61
CA ILE F 37 -3.71 -35.60 -9.97
C ILE F 37 -5.11 -35.96 -10.42
N GLY F 38 -5.82 -34.98 -10.97
CA GLY F 38 -7.19 -35.18 -11.40
C GLY F 38 -7.44 -34.59 -12.77
N TRP F 39 -8.41 -35.19 -13.46
CA TRP F 39 -8.91 -34.69 -14.73
C TRP F 39 -10.35 -34.24 -14.56
N PHE F 40 -10.66 -33.06 -15.11
CA PHE F 40 -11.95 -32.43 -14.87
C PHE F 40 -12.61 -32.05 -16.18
N LEU F 41 -13.90 -32.35 -16.31
CA LEU F 41 -14.69 -31.97 -17.46
C LEU F 41 -15.40 -30.66 -17.19
N GLN F 42 -15.30 -29.72 -18.13
CA GLN F 42 -15.93 -28.41 -18.03
C GLN F 42 -16.88 -28.23 -19.20
N VAL F 43 -18.17 -28.49 -18.96
CA VAL F 43 -19.21 -28.24 -19.96
C VAL F 43 -19.69 -26.81 -19.78
N PRO F 44 -19.83 -26.02 -20.85
CA PRO F 44 -20.28 -24.63 -20.70
C PRO F 44 -21.64 -24.57 -20.02
N GLY F 45 -21.73 -23.70 -19.01
CA GLY F 45 -22.93 -23.54 -18.23
C GLY F 45 -23.03 -24.44 -17.01
N LYS F 46 -22.16 -25.43 -16.89
CA LYS F 46 -22.15 -26.37 -15.78
C LYS F 46 -20.93 -26.13 -14.91
N GLU F 47 -20.97 -26.70 -13.70
CA GLU F 47 -19.82 -26.68 -12.81
C GLU F 47 -18.80 -27.72 -13.23
N ARG F 48 -17.53 -27.42 -12.95
CA ARG F 48 -16.42 -28.29 -13.34
C ARG F 48 -16.47 -29.58 -12.53
N GLU F 49 -16.71 -30.70 -13.21
CA GLU F 49 -16.85 -32.00 -12.55
C GLU F 49 -15.65 -32.88 -12.87
N GLY F 50 -15.09 -33.51 -11.84
CA GLY F 50 -13.94 -34.38 -12.04
C GLY F 50 -14.37 -35.78 -12.44
N VAL F 51 -13.62 -36.36 -13.39
CA VAL F 51 -13.92 -37.68 -13.94
C VAL F 51 -12.82 -38.69 -13.62
N ALA F 52 -11.56 -38.25 -13.59
CA ALA F 52 -10.42 -39.12 -13.31
C ALA F 52 -9.67 -38.61 -12.10
N CYS F 53 -8.92 -39.51 -11.46
CA CYS F 53 -8.41 -39.24 -10.12
C CYS F 53 -7.37 -40.27 -9.72
N MET F 54 -6.21 -39.83 -9.25
CA MET F 54 -5.21 -40.75 -8.73
C MET F 54 -4.30 -40.02 -7.76
N ARG F 55 -3.72 -40.78 -6.84
CA ARG F 55 -2.73 -40.26 -5.91
C ARG F 55 -1.34 -40.72 -6.34
N ASN F 56 -0.32 -40.05 -5.80
CA ASN F 56 1.04 -40.22 -6.32
C ASN F 56 1.78 -41.40 -5.71
N TRP F 57 1.55 -41.69 -4.42
CA TRP F 57 2.45 -42.61 -3.72
C TRP F 57 2.23 -44.06 -4.13
N ASP F 58 0.99 -44.45 -4.45
CA ASP F 58 0.72 -45.81 -4.89
C ASP F 58 -0.03 -45.89 -6.21
N GLY F 59 -0.34 -44.75 -6.84
CA GLY F 59 -1.04 -44.78 -8.11
C GLY F 59 -2.48 -45.23 -8.03
N SER F 60 -3.06 -45.26 -6.83
CA SER F 60 -4.43 -45.73 -6.66
C SER F 60 -5.40 -44.77 -7.32
N THR F 61 -6.17 -45.26 -8.27
CA THR F 61 -7.04 -44.43 -9.09
C THR F 61 -8.47 -44.42 -8.57
N LEU F 62 -9.23 -43.43 -9.04
CA LEU F 62 -10.65 -43.30 -8.73
C LEU F 62 -11.34 -42.71 -9.95
N TYR F 63 -12.55 -43.17 -10.24
CA TYR F 63 -13.23 -42.81 -11.48
C TYR F 63 -14.67 -42.42 -11.21
N ALA F 64 -15.24 -41.68 -12.16
CA ALA F 64 -16.64 -41.31 -12.20
C ALA F 64 -17.45 -42.43 -12.86
N PRO F 65 -18.62 -42.78 -12.30
CA PRO F 65 -19.45 -43.83 -12.91
C PRO F 65 -19.75 -43.60 -14.38
N SER F 66 -19.77 -42.34 -14.84
CA SER F 66 -20.00 -42.07 -16.24
C SER F 66 -18.80 -42.41 -17.11
N VAL F 67 -17.61 -42.48 -16.53
CA VAL F 67 -16.39 -42.73 -17.30
C VAL F 67 -15.71 -44.04 -16.94
N LYS F 68 -16.03 -44.66 -15.80
CA LYS F 68 -15.36 -45.89 -15.42
C LYS F 68 -15.62 -46.99 -16.45
N GLY F 69 -14.57 -47.76 -16.75
CA GLY F 69 -14.60 -48.73 -17.81
C GLY F 69 -14.24 -48.18 -19.17
N ARG F 70 -14.35 -46.87 -19.38
CA ARG F 70 -14.03 -46.23 -20.64
C ARG F 70 -12.81 -45.33 -20.58
N PHE F 71 -12.58 -44.66 -19.45
CA PHE F 71 -11.44 -43.79 -19.28
C PHE F 71 -10.41 -44.44 -18.35
N THR F 72 -9.13 -44.12 -18.59
CA THR F 72 -8.06 -44.62 -17.76
C THR F 72 -7.04 -43.52 -17.53
N ILE F 73 -6.67 -43.30 -16.27
CA ILE F 73 -5.69 -42.28 -15.89
C ILE F 73 -4.41 -43.00 -15.49
N SER F 74 -3.27 -42.51 -16.01
CA SER F 74 -1.98 -43.09 -15.73
C SER F 74 -0.94 -41.98 -15.65
N ARG F 75 0.22 -42.33 -15.10
CA ARG F 75 1.32 -41.39 -14.95
C ARG F 75 2.61 -42.07 -15.33
N ASP F 76 3.59 -41.26 -15.72
CA ASP F 76 4.96 -41.70 -15.96
C ASP F 76 5.85 -40.95 -14.99
N ALA F 77 6.46 -41.69 -14.05
CA ALA F 77 7.27 -41.04 -13.03
C ALA F 77 8.57 -40.50 -13.61
N ASP F 78 9.18 -41.23 -14.54
CA ASP F 78 10.43 -40.76 -15.14
C ASP F 78 10.21 -39.55 -16.03
N LYS F 79 9.11 -39.53 -16.76
CA LYS F 79 8.80 -38.42 -17.65
C LYS F 79 8.06 -37.28 -16.95
N GLU F 80 7.48 -37.54 -15.78
CA GLU F 80 6.69 -36.55 -15.04
C GLU F 80 5.54 -36.03 -15.90
N VAL F 81 4.73 -36.96 -16.40
CA VAL F 81 3.60 -36.66 -17.26
C VAL F 81 2.43 -37.54 -16.86
N ALA F 82 1.27 -36.92 -16.65
CA ALA F 82 0.04 -37.65 -16.36
C ALA F 82 -0.77 -37.80 -17.65
N TYR F 83 -1.41 -38.96 -17.81
CA TYR F 83 -2.15 -39.27 -19.01
C TYR F 83 -3.61 -39.54 -18.67
N LEU F 84 -4.46 -39.40 -19.68
CA LEU F 84 -5.87 -39.76 -19.60
C LEU F 84 -6.25 -40.45 -20.90
N GLU F 85 -6.40 -41.76 -20.87
CA GLU F 85 -6.83 -42.51 -22.04
C GLU F 85 -8.36 -42.53 -22.07
N MET F 86 -8.93 -42.03 -23.16
CA MET F 86 -10.38 -41.95 -23.32
C MET F 86 -10.80 -42.90 -24.43
N ASN F 87 -11.61 -43.90 -24.09
CA ASN F 87 -12.08 -44.89 -25.05
C ASN F 87 -13.60 -44.92 -25.07
N SER F 88 -14.15 -45.32 -26.22
CA SER F 88 -15.59 -45.37 -26.44
C SER F 88 -16.25 -44.03 -26.09
N LEU F 89 -15.79 -42.99 -26.78
CA LEU F 89 -16.23 -41.64 -26.48
C LEU F 89 -17.67 -41.43 -26.94
N LYS F 90 -18.50 -40.94 -26.01
CA LYS F 90 -19.87 -40.55 -26.31
C LYS F 90 -19.96 -39.03 -26.45
N SER F 91 -21.10 -38.56 -26.96
CA SER F 91 -21.28 -37.12 -27.12
C SER F 91 -21.34 -36.40 -25.78
N GLU F 92 -21.79 -37.10 -24.73
CA GLU F 92 -21.84 -36.51 -23.39
C GLU F 92 -20.46 -36.27 -22.79
N ASP F 93 -19.40 -36.68 -23.46
CA ASP F 93 -18.04 -36.38 -23.03
C ASP F 93 -17.51 -35.07 -23.59
N THR F 94 -18.29 -34.40 -24.44
CA THR F 94 -17.83 -33.19 -25.11
C THR F 94 -17.67 -32.06 -24.10
N GLY F 95 -16.52 -31.38 -24.15
CA GLY F 95 -16.26 -30.27 -23.27
C GLY F 95 -14.77 -29.98 -23.22
N VAL F 96 -14.41 -29.08 -22.32
CA VAL F 96 -13.02 -28.72 -22.06
C VAL F 96 -12.53 -29.55 -20.88
N TYR F 97 -11.39 -30.22 -21.06
CA TYR F 97 -10.82 -31.08 -20.04
C TYR F 97 -9.60 -30.40 -19.43
N TYR F 98 -9.61 -30.28 -18.10
CA TYR F 98 -8.49 -29.73 -17.34
C TYR F 98 -7.82 -30.83 -16.55
N CYS F 99 -6.50 -30.78 -16.46
CA CYS F 99 -5.76 -31.58 -15.48
C CYS F 99 -5.35 -30.66 -14.33
N ALA F 100 -5.43 -31.18 -13.12
CA ALA F 100 -5.16 -30.41 -11.92
C ALA F 100 -4.34 -31.23 -10.94
N ALA F 101 -3.71 -30.55 -10.01
CA ALA F 101 -2.92 -31.19 -8.97
C ALA F 101 -3.04 -30.37 -7.69
N GLY F 102 -2.93 -31.07 -6.56
CA GLY F 102 -3.02 -30.43 -5.27
C GLY F 102 -2.62 -31.37 -4.16
N PRO F 103 -2.41 -30.84 -2.95
CA PRO F 103 -2.01 -31.70 -1.82
C PRO F 103 -3.11 -32.68 -1.44
N LEU F 104 -2.70 -33.77 -0.82
CA LEU F 104 -3.61 -34.82 -0.39
C LEU F 104 -3.07 -35.39 0.92
N PRO F 105 -3.87 -35.41 1.98
CA PRO F 105 -3.42 -36.01 3.23
C PRO F 105 -3.14 -37.49 3.07
N PRO F 106 -2.02 -37.98 3.58
CA PRO F 106 -1.65 -39.38 3.37
C PRO F 106 -2.70 -40.33 3.95
N GLY F 107 -2.77 -41.52 3.37
CA GLY F 107 -3.73 -42.52 3.82
C GLY F 107 -5.15 -42.21 3.48
N HIS F 108 -5.39 -41.36 2.48
CA HIS F 108 -6.75 -41.00 2.09
C HIS F 108 -6.85 -41.02 0.57
N SER F 109 -8.09 -41.10 0.08
CA SER F 109 -8.35 -41.14 -1.34
C SER F 109 -8.40 -39.74 -1.93
N CYS F 110 -8.02 -39.64 -3.20
CA CYS F 110 -8.22 -38.40 -3.94
C CYS F 110 -9.71 -38.16 -4.15
N ARG F 111 -10.06 -36.91 -4.47
CA ARG F 111 -11.46 -36.51 -4.65
C ARG F 111 -11.66 -36.10 -6.11
N ILE F 112 -12.58 -36.76 -6.79
CA ILE F 112 -12.76 -36.51 -8.22
C ILE F 112 -13.72 -35.35 -8.48
N PRO F 113 -15.03 -35.49 -8.22
CA PRO F 113 -15.97 -34.51 -8.81
C PRO F 113 -15.76 -33.11 -8.29
N THR F 114 -15.28 -32.94 -7.07
CA THR F 114 -15.02 -31.58 -6.59
C THR F 114 -13.71 -31.05 -7.17
N PRO F 115 -13.69 -29.80 -7.63
CA PRO F 115 -12.43 -29.16 -7.98
C PRO F 115 -11.68 -28.60 -6.80
N LEU F 116 -12.25 -28.66 -5.60
CA LEU F 116 -11.56 -28.22 -4.40
C LEU F 116 -10.43 -29.17 -4.05
N GLY F 117 -9.45 -28.65 -3.30
CA GLY F 117 -8.28 -29.42 -2.95
C GLY F 117 -7.22 -29.51 -4.03
N TYR F 118 -7.41 -28.83 -5.16
CA TYR F 118 -6.44 -28.80 -6.26
C TYR F 118 -5.99 -27.37 -6.46
N ASP F 119 -4.69 -27.13 -6.28
CA ASP F 119 -4.14 -25.77 -6.32
C ASP F 119 -3.59 -25.37 -7.68
N ASP F 120 -3.25 -26.33 -8.53
CA ASP F 120 -2.65 -26.05 -9.83
C ASP F 120 -3.56 -26.58 -10.93
N TRP F 121 -3.66 -25.82 -12.02
CA TRP F 121 -4.59 -26.15 -13.10
C TRP F 121 -3.94 -25.89 -14.45
N GLY F 122 -4.14 -26.81 -15.38
CA GLY F 122 -3.69 -26.60 -16.74
C GLY F 122 -4.59 -25.62 -17.48
N GLN F 123 -4.18 -25.30 -18.71
CA GLN F 123 -4.95 -24.37 -19.54
C GLN F 123 -6.18 -25.02 -20.15
N GLY F 124 -6.36 -26.32 -19.98
CA GLY F 124 -7.51 -27.01 -20.54
C GLY F 124 -7.39 -27.28 -22.02
N THR F 125 -8.06 -28.33 -22.50
CA THR F 125 -8.07 -28.67 -23.91
C THR F 125 -9.47 -29.12 -24.30
N GLN F 126 -9.88 -28.77 -25.52
CA GLN F 126 -11.24 -29.04 -25.98
C GLN F 126 -11.32 -30.42 -26.61
N VAL F 127 -12.33 -31.19 -26.23
CA VAL F 127 -12.61 -32.51 -26.79
C VAL F 127 -14.06 -32.51 -27.24
N THR F 128 -14.29 -32.56 -28.54
CA THR F 128 -15.63 -32.51 -29.12
C THR F 128 -15.92 -33.84 -29.80
N VAL F 129 -16.81 -34.63 -29.20
CA VAL F 129 -17.18 -35.94 -29.74
C VAL F 129 -18.40 -35.72 -30.65
N SER F 130 -18.16 -35.73 -31.95
CA SER F 130 -19.22 -35.52 -32.93
C SER F 130 -19.04 -36.49 -34.09
N SER F 131 -20.16 -36.76 -34.77
CA SER F 131 -20.16 -37.62 -35.94
C SER F 131 -19.99 -36.82 -37.22
N ASN G 4 39.18 -70.53 29.67
CA ASN G 4 38.21 -71.30 28.90
C ASN G 4 36.90 -70.54 28.73
N LEU G 5 36.46 -69.88 29.80
CA LEU G 5 35.23 -69.10 29.75
C LEU G 5 35.49 -67.76 29.06
N CYS G 6 34.44 -67.23 28.44
CA CYS G 6 34.55 -65.95 27.76
C CYS G 6 34.70 -64.83 28.79
N PRO G 7 35.59 -63.86 28.54
CA PRO G 7 35.90 -62.81 29.52
C PRO G 7 34.86 -61.69 29.59
N PHE G 8 33.59 -62.07 29.75
CA PHE G 8 32.53 -61.07 29.84
C PHE G 8 32.64 -60.23 31.10
N GLY G 9 33.15 -60.80 32.19
CA GLY G 9 33.30 -60.04 33.41
C GLY G 9 34.24 -58.86 33.27
N GLU G 10 35.18 -58.93 32.32
CA GLU G 10 36.16 -57.88 32.11
C GLU G 10 35.60 -56.71 31.32
N VAL G 11 34.44 -56.86 30.70
CA VAL G 11 33.81 -55.77 29.97
C VAL G 11 32.55 -55.24 30.66
N PHE G 12 31.98 -56.00 31.60
CA PHE G 12 30.80 -55.54 32.32
C PHE G 12 31.15 -54.85 33.64
N ASP G 13 32.26 -55.22 34.27
CA ASP G 13 32.68 -54.63 35.54
C ASP G 13 34.03 -53.95 35.42
N ALA G 14 34.36 -53.44 34.24
CA ALA G 14 35.58 -52.67 34.07
C ALA G 14 35.49 -51.38 34.88
N THR G 15 36.60 -51.01 35.51
CA THR G 15 36.60 -49.83 36.39
C THR G 15 36.30 -48.56 35.60
N ARG G 16 36.88 -48.43 34.41
CA ARG G 16 36.73 -47.26 33.57
C ARG G 16 35.92 -47.60 32.32
N PHE G 17 34.98 -46.75 31.98
CA PHE G 17 34.19 -46.88 30.76
C PHE G 17 34.50 -45.72 29.82
N ALA G 18 34.39 -45.98 28.53
CA ALA G 18 34.72 -44.99 27.52
C ALA G 18 33.51 -44.15 27.17
N SER G 19 33.78 -42.94 26.68
CA SER G 19 32.71 -42.09 26.18
C SER G 19 32.09 -42.70 24.93
N VAL G 20 30.85 -42.31 24.65
CA VAL G 20 30.13 -42.91 23.53
C VAL G 20 30.77 -42.53 22.20
N TYR G 21 31.35 -41.33 22.10
CA TYR G 21 31.98 -40.93 20.84
C TYR G 21 33.24 -41.73 20.56
N ALA G 22 33.91 -42.24 21.61
CA ALA G 22 35.07 -43.10 21.44
C ALA G 22 34.78 -44.47 22.03
N TRP G 23 33.68 -45.08 21.62
CA TRP G 23 33.23 -46.34 22.20
C TRP G 23 34.25 -47.45 21.96
N ASN G 24 34.50 -48.24 23.00
CA ASN G 24 35.46 -49.33 22.91
C ASN G 24 34.81 -50.58 22.30
N ARG G 25 35.66 -51.48 21.83
CA ARG G 25 35.22 -52.73 21.24
C ARG G 25 36.18 -53.84 21.68
N LYS G 26 35.61 -54.96 22.14
CA LYS G 26 36.39 -56.12 22.54
C LYS G 26 35.78 -57.34 21.86
N ARG G 27 36.60 -58.06 21.09
CA ARG G 27 36.12 -59.24 20.39
C ARG G 27 36.13 -60.46 21.32
N ILE G 28 35.13 -61.32 21.16
CA ILE G 28 34.99 -62.53 21.96
C ILE G 28 35.00 -63.72 21.00
N SER G 29 35.91 -64.67 21.25
CA SER G 29 36.05 -65.82 20.37
C SER G 29 36.80 -66.91 21.10
N ASN G 30 36.63 -68.14 20.61
CA ASN G 30 37.32 -69.33 21.12
C ASN G 30 37.08 -69.49 22.63
N CYS G 31 35.80 -69.58 22.98
CA CYS G 31 35.39 -69.75 24.37
C CYS G 31 33.91 -70.12 24.38
N VAL G 32 33.44 -70.55 25.54
CA VAL G 32 32.03 -70.84 25.76
C VAL G 32 31.48 -69.81 26.74
N ALA G 33 30.32 -69.25 26.43
CA ALA G 33 29.72 -68.18 27.21
C ALA G 33 28.40 -68.65 27.80
N ASP G 34 28.19 -68.39 29.08
CA ASP G 34 26.94 -68.72 29.77
C ASP G 34 26.09 -67.45 29.75
N TYR G 35 25.23 -67.32 28.75
CA TYR G 35 24.38 -66.15 28.64
C TYR G 35 23.21 -66.18 29.60
N SER G 36 22.89 -67.34 30.17
CA SER G 36 21.74 -67.44 31.06
C SER G 36 21.95 -66.64 32.35
N VAL G 37 23.19 -66.43 32.76
CA VAL G 37 23.47 -65.68 33.99
C VAL G 37 23.56 -64.19 33.67
N LEU G 38 23.23 -63.83 32.43
CA LEU G 38 23.19 -62.43 32.03
C LEU G 38 21.75 -61.92 31.91
N TYR G 39 20.94 -62.55 31.06
CA TYR G 39 19.58 -62.07 30.85
C TYR G 39 18.63 -62.44 32.00
N ASN G 40 19.06 -63.26 32.94
CA ASN G 40 18.27 -63.57 34.13
C ASN G 40 18.65 -62.70 35.31
N SER G 41 19.51 -61.71 35.12
CA SER G 41 19.90 -60.79 36.18
C SER G 41 19.01 -59.56 36.12
N ALA G 42 18.35 -59.25 37.23
CA ALA G 42 17.53 -58.05 37.32
C ALA G 42 18.36 -56.78 37.50
N SER G 43 19.68 -56.88 37.45
CA SER G 43 20.53 -55.71 37.58
C SER G 43 20.55 -54.87 36.30
N PHE G 44 20.20 -55.46 35.16
CA PHE G 44 20.18 -54.76 33.89
C PHE G 44 18.75 -54.31 33.60
N SER G 45 18.50 -53.01 33.78
CA SER G 45 17.16 -52.47 33.54
C SER G 45 16.80 -52.45 32.06
N THR G 46 17.79 -52.55 31.17
CA THR G 46 17.56 -52.56 29.73
C THR G 46 18.29 -53.76 29.14
N PHE G 47 17.53 -54.74 28.64
CA PHE G 47 18.09 -55.93 28.00
C PHE G 47 17.25 -56.19 26.75
N LYS G 48 17.63 -55.56 25.64
CA LYS G 48 16.86 -55.60 24.41
C LYS G 48 17.61 -56.44 23.39
N CYS G 49 17.05 -57.59 23.02
CA CYS G 49 17.64 -58.49 22.05
C CYS G 49 16.88 -58.42 20.74
N TYR G 50 17.61 -58.22 19.64
CA TYR G 50 17.02 -58.09 18.31
C TYR G 50 17.47 -59.25 17.43
N GLY G 51 16.53 -59.81 16.68
CA GLY G 51 16.87 -60.83 15.69
C GLY G 51 16.94 -62.24 16.25
N VAL G 52 17.63 -62.40 17.38
CA VAL G 52 17.83 -63.70 17.99
C VAL G 52 16.94 -63.82 19.21
N SER G 53 16.41 -65.01 19.44
CA SER G 53 15.66 -65.27 20.65
C SER G 53 16.61 -65.32 21.85
N PRO G 54 16.36 -64.56 22.90
CA PRO G 54 17.31 -64.55 24.03
C PRO G 54 17.44 -65.89 24.73
N THR G 55 16.33 -66.59 24.95
CA THR G 55 16.36 -67.88 25.64
C THR G 55 17.08 -68.96 24.84
N LYS G 56 17.38 -68.72 23.56
CA LYS G 56 18.07 -69.69 22.72
C LYS G 56 19.51 -69.27 22.43
N LEU G 57 20.07 -68.35 23.22
CA LEU G 57 21.44 -67.91 23.01
C LEU G 57 22.45 -69.00 23.36
N ASN G 58 22.09 -69.94 24.23
CA ASN G 58 22.99 -71.04 24.55
C ASN G 58 22.92 -72.16 23.51
N ASP G 59 21.77 -72.35 22.88
CA ASP G 59 21.57 -73.39 21.88
C ASP G 59 22.09 -72.98 20.51
N LEU G 60 22.80 -71.86 20.40
CA LEU G 60 23.32 -71.36 19.13
C LEU G 60 24.80 -71.09 19.25
N CYS G 61 25.57 -71.55 18.27
CA CYS G 61 27.00 -71.31 18.21
CA CYS G 61 27.00 -71.31 18.21
C CYS G 61 27.29 -70.20 17.20
N PHE G 62 28.24 -69.34 17.53
CA PHE G 62 28.57 -68.21 16.69
C PHE G 62 30.07 -68.20 16.40
N THR G 63 30.43 -67.51 15.31
CA THR G 63 31.84 -67.41 14.92
C THR G 63 32.56 -66.39 15.80
N ASN G 64 32.26 -65.11 15.62
CA ASN G 64 32.85 -64.04 16.41
C ASN G 64 31.74 -63.21 17.06
N VAL G 65 32.03 -62.72 18.26
CA VAL G 65 31.09 -61.91 19.03
C VAL G 65 31.81 -60.63 19.47
N TYR G 66 31.30 -59.49 19.03
CA TYR G 66 31.89 -58.20 19.39
C TYR G 66 31.14 -57.60 20.57
N ALA G 67 31.90 -57.04 21.52
CA ALA G 67 31.35 -56.43 22.72
C ALA G 67 31.75 -54.96 22.74
N ASP G 68 30.77 -54.08 22.60
CA ASP G 68 30.99 -52.64 22.61
C ASP G 68 30.40 -52.06 23.90
N SER G 69 31.10 -51.11 24.49
CA SER G 69 30.67 -50.50 25.74
C SER G 69 30.93 -49.00 25.70
N PHE G 70 30.08 -48.25 26.40
CA PHE G 70 30.19 -46.80 26.52
C PHE G 70 29.23 -46.35 27.61
N VAL G 71 29.13 -45.03 27.78
CA VAL G 71 28.25 -44.42 28.77
C VAL G 71 27.45 -43.31 28.11
N ILE G 72 26.12 -43.34 28.31
CA ILE G 72 25.21 -42.31 27.83
C ILE G 72 24.26 -41.96 28.97
N ARG G 73 23.30 -41.08 28.68
CA ARG G 73 22.27 -40.74 29.65
C ARG G 73 21.02 -41.58 29.42
N GLY G 74 20.11 -41.52 30.39
CA GLY G 74 18.96 -42.41 30.37
C GLY G 74 18.08 -42.23 29.15
N ASP G 75 17.75 -40.98 28.81
CA ASP G 75 16.87 -40.71 27.69
C ASP G 75 17.47 -41.08 26.34
N GLU G 76 18.76 -41.42 26.30
CA GLU G 76 19.44 -41.78 25.05
C GLU G 76 19.59 -43.28 24.86
N VAL G 77 19.20 -44.09 25.83
CA VAL G 77 19.35 -45.54 25.69
C VAL G 77 18.41 -46.08 24.61
N ARG G 78 17.27 -45.41 24.39
CA ARG G 78 16.37 -45.81 23.32
C ARG G 78 16.99 -45.66 21.95
N GLN G 79 18.03 -44.82 21.81
CA GLN G 79 18.65 -44.61 20.51
C GLN G 79 19.55 -45.77 20.10
N ILE G 80 20.10 -46.50 21.06
CA ILE G 80 20.85 -47.70 20.73
C ILE G 80 19.84 -48.79 20.40
N ALA G 81 19.51 -48.91 19.12
CA ALA G 81 18.49 -49.79 18.58
C ALA G 81 18.52 -49.69 17.07
N PRO G 82 18.08 -50.72 16.34
CA PRO G 82 18.10 -50.63 14.87
C PRO G 82 17.12 -49.58 14.39
N GLY G 83 17.60 -48.72 13.48
CA GLY G 83 16.76 -47.71 12.87
C GLY G 83 16.20 -46.69 13.85
N GLN G 84 17.07 -45.92 14.48
CA GLN G 84 16.65 -44.88 15.41
C GLN G 84 17.40 -43.59 15.10
N THR G 85 16.74 -42.47 15.37
CA THR G 85 17.29 -41.14 15.13
C THR G 85 17.59 -40.46 16.45
N GLY G 86 18.51 -39.51 16.42
CA GLY G 86 18.91 -38.77 17.59
C GLY G 86 20.39 -38.44 17.53
N LYS G 87 20.80 -37.55 18.45
CA LYS G 87 22.18 -37.08 18.45
C LYS G 87 23.18 -38.21 18.71
N ILE G 88 22.74 -39.27 19.41
CA ILE G 88 23.65 -40.38 19.68
C ILE G 88 23.67 -41.36 18.52
N ALA G 89 22.50 -41.70 17.98
CA ALA G 89 22.43 -42.67 16.89
C ALA G 89 22.92 -42.09 15.56
N ASP G 90 23.04 -40.76 15.46
CA ASP G 90 23.49 -40.13 14.22
C ASP G 90 24.95 -39.73 14.25
N TYR G 91 25.45 -39.24 15.39
CA TYR G 91 26.79 -38.69 15.47
C TYR G 91 27.74 -39.50 16.35
N ASN G 92 27.29 -40.59 16.96
CA ASN G 92 28.13 -41.31 17.91
C ASN G 92 28.22 -42.80 17.62
N TYR G 93 27.13 -43.54 17.87
CA TYR G 93 27.12 -44.99 17.73
C TYR G 93 25.86 -45.40 16.99
N LYS G 94 26.03 -46.02 15.83
CA LYS G 94 24.92 -46.37 14.95
C LYS G 94 24.89 -47.88 14.75
N LEU G 95 23.70 -48.47 14.90
CA LEU G 95 23.40 -49.89 14.66
C LEU G 95 22.69 -50.04 13.33
N PRO G 96 23.06 -51.04 12.54
CA PRO G 96 22.38 -51.27 11.26
C PRO G 96 20.96 -51.76 11.47
N ASP G 97 20.18 -51.72 10.39
CA ASP G 97 18.78 -52.12 10.47
C ASP G 97 18.66 -53.62 10.74
N ASP G 98 19.54 -54.43 10.16
CA ASP G 98 19.52 -55.88 10.34
C ASP G 98 20.37 -56.32 11.53
N PHE G 99 20.41 -55.52 12.60
CA PHE G 99 21.26 -55.85 13.73
C PHE G 99 20.74 -57.10 14.44
N THR G 100 21.63 -58.08 14.61
CA THR G 100 21.34 -59.32 15.31
C THR G 100 22.19 -59.35 16.59
N GLY G 101 21.56 -59.08 17.72
CA GLY G 101 22.27 -59.04 18.98
C GLY G 101 21.38 -58.51 20.09
N CYS G 102 22.02 -58.22 21.22
CA CYS G 102 21.32 -57.73 22.40
C CYS G 102 21.92 -56.40 22.84
N VAL G 103 21.09 -55.58 23.47
CA VAL G 103 21.49 -54.29 24.02
C VAL G 103 21.31 -54.34 25.52
N ILE G 104 22.41 -54.20 26.26
CA ILE G 104 22.42 -54.30 27.71
C ILE G 104 22.80 -52.96 28.29
N ALA G 105 22.02 -52.48 29.27
CA ALA G 105 22.28 -51.20 29.89
C ALA G 105 21.79 -51.22 31.33
N TRP G 106 22.56 -50.59 32.22
CA TRP G 106 22.21 -50.52 33.64
C TRP G 106 22.57 -49.14 34.18
N ASN G 107 21.88 -48.75 35.24
CA ASN G 107 22.12 -47.44 35.84
C ASN G 107 23.44 -47.46 36.63
N SER G 108 24.25 -46.44 36.41
CA SER G 108 25.54 -46.29 37.07
C SER G 108 25.64 -44.95 37.76
N ASN G 109 24.56 -44.55 38.44
CA ASN G 109 24.53 -43.25 39.10
C ASN G 109 25.48 -43.17 40.29
N ASN G 110 25.87 -44.31 40.85
CA ASN G 110 26.79 -44.34 41.99
C ASN G 110 28.25 -44.34 41.58
N LEU G 111 28.56 -44.58 40.30
CA LEU G 111 29.93 -44.67 39.83
C LEU G 111 30.33 -43.58 38.86
N ASP G 112 29.37 -42.97 38.16
CA ASP G 112 29.69 -42.00 37.12
C ASP G 112 29.15 -40.60 37.41
N SER G 113 28.46 -40.40 38.52
CA SER G 113 27.98 -39.09 38.93
CA SER G 113 27.98 -39.09 38.93
C SER G 113 28.90 -38.50 40.00
N LYS G 114 28.80 -37.19 40.17
CA LYS G 114 29.65 -36.48 41.11
C LYS G 114 28.99 -35.14 41.43
N VAL G 115 29.11 -34.73 42.69
CA VAL G 115 28.62 -33.40 43.08
C VAL G 115 29.47 -32.35 42.37
N GLY G 116 28.81 -31.49 41.60
CA GLY G 116 29.51 -30.52 40.78
C GLY G 116 29.72 -30.94 39.33
N GLY G 117 29.20 -32.11 38.94
CA GLY G 117 29.33 -32.56 37.57
C GLY G 117 30.52 -33.46 37.32
N ASN G 118 30.31 -34.53 36.56
CA ASN G 118 31.37 -35.42 36.10
C ASN G 118 31.58 -35.17 34.61
N TYR G 119 32.68 -34.52 34.27
CA TYR G 119 32.96 -34.11 32.90
C TYR G 119 33.87 -35.09 32.16
N ASN G 120 33.94 -36.34 32.60
CA ASN G 120 34.76 -37.32 31.92
C ASN G 120 34.09 -37.86 30.67
N TYR G 121 32.78 -38.08 30.72
CA TYR G 121 32.05 -38.64 29.59
C TYR G 121 31.51 -37.51 28.71
N LEU G 122 31.78 -37.61 27.42
CA LEU G 122 31.31 -36.64 26.44
C LEU G 122 30.55 -37.35 25.33
N TYR G 123 29.87 -36.58 24.50
CA TYR G 123 29.17 -37.13 23.35
C TYR G 123 29.16 -36.09 22.23
N ARG G 124 29.24 -36.57 21.00
CA ARG G 124 29.31 -35.68 19.85
C ARG G 124 27.94 -35.06 19.59
N LEU G 125 27.90 -33.73 19.56
CA LEU G 125 26.66 -32.99 19.39
C LEU G 125 26.46 -32.42 17.99
N PHE G 126 27.56 -32.15 17.27
CA PHE G 126 27.49 -31.53 15.95
C PHE G 126 28.33 -32.32 14.96
N ARG G 127 27.72 -32.68 13.83
CA ARG G 127 28.42 -33.36 12.76
C ARG G 127 27.70 -33.09 11.46
N LYS G 128 28.47 -33.02 10.37
CA LYS G 128 27.91 -32.65 9.07
C LYS G 128 27.22 -33.82 8.37
N SER G 129 27.48 -35.05 8.80
CA SER G 129 26.86 -36.21 8.17
C SER G 129 26.60 -37.27 9.23
N ASN G 130 25.54 -38.05 9.02
CA ASN G 130 25.26 -39.16 9.91
C ASN G 130 26.31 -40.26 9.75
N LEU G 131 26.57 -40.97 10.84
CA LEU G 131 27.55 -42.03 10.83
C LEU G 131 26.99 -43.30 10.21
N LYS G 132 27.85 -44.06 9.55
CA LYS G 132 27.49 -45.39 9.07
C LYS G 132 27.41 -46.35 10.26
N PRO G 133 26.69 -47.46 10.10
CA PRO G 133 26.61 -48.44 11.20
C PRO G 133 28.00 -48.91 11.63
N PHE G 134 28.23 -48.87 12.95
CA PHE G 134 29.47 -49.25 13.61
C PHE G 134 30.65 -48.34 13.27
N GLU G 135 30.40 -47.21 12.62
CA GLU G 135 31.46 -46.25 12.38
C GLU G 135 31.80 -45.52 13.69
N ARG G 136 33.02 -44.99 13.75
CA ARG G 136 33.53 -44.35 14.97
C ARG G 136 34.34 -43.13 14.59
N ASP G 137 33.84 -41.95 14.97
CA ASP G 137 34.53 -40.68 14.74
C ASP G 137 35.02 -40.14 16.08
N ILE G 138 36.33 -39.96 16.20
CA ILE G 138 36.95 -39.48 17.43
C ILE G 138 37.66 -38.15 17.23
N SER G 139 37.43 -37.49 16.11
CA SER G 139 38.08 -36.22 15.83
C SER G 139 37.51 -35.11 16.71
N THR G 140 38.27 -34.03 16.84
CA THR G 140 37.90 -32.87 17.64
C THR G 140 37.99 -31.59 16.81
N GLU G 141 37.66 -31.69 15.53
CA GLU G 141 37.73 -30.53 14.64
C GLU G 141 36.57 -29.59 14.90
N ILE G 142 36.86 -28.29 14.88
CA ILE G 142 35.87 -27.27 15.24
C ILE G 142 34.75 -27.28 14.20
N TYR G 143 33.54 -27.58 14.66
CA TYR G 143 32.37 -27.60 13.78
C TYR G 143 32.06 -26.20 13.29
N GLN G 144 31.80 -26.09 11.99
CA GLN G 144 31.51 -24.81 11.34
C GLN G 144 30.01 -24.77 11.01
N ALA G 145 29.25 -24.04 11.83
CA ALA G 145 27.81 -23.95 11.67
C ALA G 145 27.40 -22.90 10.64
N GLY G 146 28.10 -21.77 10.59
CA GLY G 146 27.81 -20.72 9.65
C GLY G 146 28.65 -20.83 8.38
N SER G 147 28.52 -19.81 7.53
CA SER G 147 29.27 -19.77 6.29
C SER G 147 30.67 -19.17 6.46
N THR G 148 30.89 -18.41 7.52
CA THR G 148 32.20 -17.84 7.76
C THR G 148 33.17 -18.90 8.25
N PRO G 149 34.39 -18.94 7.73
CA PRO G 149 35.35 -19.97 8.16
C PRO G 149 35.83 -19.71 9.59
N CYS G 150 36.07 -20.79 10.31
CA CYS G 150 36.45 -20.70 11.71
C CYS G 150 37.94 -20.53 11.93
N ASN G 151 38.77 -20.92 10.96
CA ASN G 151 40.22 -20.75 11.04
C ASN G 151 40.82 -21.44 12.27
N GLY G 152 40.13 -22.46 12.78
CA GLY G 152 40.64 -23.21 13.91
C GLY G 152 40.45 -22.58 15.26
N VAL G 153 39.52 -21.63 15.40
CA VAL G 153 39.23 -21.01 16.68
C VAL G 153 37.75 -21.20 17.00
N GLU G 154 37.44 -21.23 18.29
CA GLU G 154 36.06 -21.38 18.76
C GLU G 154 35.41 -20.01 18.91
N GLY G 155 34.16 -19.91 18.46
CA GLY G 155 33.44 -18.65 18.56
C GLY G 155 32.01 -18.74 18.08
N PHE G 156 31.54 -17.68 17.43
CA PHE G 156 30.19 -17.68 16.88
C PHE G 156 30.10 -18.60 15.68
N ASN G 157 29.16 -19.54 15.72
CA ASN G 157 28.97 -20.55 14.68
C ASN G 157 30.23 -21.40 14.49
N CYS G 158 31.03 -21.54 15.54
CA CYS G 158 32.27 -22.32 15.52
C CYS G 158 32.33 -23.11 16.82
N TYR G 159 31.79 -24.33 16.79
CA TYR G 159 31.56 -25.11 17.99
C TYR G 159 32.62 -26.21 18.15
N PHE G 160 33.03 -26.42 19.39
CA PHE G 160 33.72 -27.65 19.73
C PHE G 160 32.72 -28.80 19.63
N PRO G 161 33.03 -29.85 18.85
CA PRO G 161 31.98 -30.83 18.51
C PRO G 161 31.53 -31.72 19.66
N LEU G 162 32.26 -31.74 20.77
CA LEU G 162 31.97 -32.66 21.86
C LEU G 162 31.32 -31.92 23.02
N GLN G 163 30.20 -32.45 23.50
CA GLN G 163 29.46 -31.88 24.62
C GLN G 163 29.58 -32.80 25.83
N SER G 164 29.82 -32.20 26.99
CA SER G 164 29.95 -32.96 28.23
C SER G 164 28.58 -33.20 28.85
N TYR G 165 28.46 -34.33 29.56
CA TYR G 165 27.21 -34.65 30.23
C TYR G 165 27.09 -33.92 31.57
N GLY G 166 28.18 -33.85 32.33
CA GLY G 166 28.14 -33.23 33.64
C GLY G 166 27.20 -33.97 34.58
N PHE G 167 27.42 -35.26 34.74
CA PHE G 167 26.51 -36.09 35.52
C PHE G 167 26.52 -35.68 36.99
N GLN G 168 25.35 -35.68 37.60
CA GLN G 168 25.17 -35.36 39.01
C GLN G 168 24.16 -36.33 39.60
N PRO G 169 24.36 -36.73 40.86
CA PRO G 169 23.43 -37.71 41.46
C PRO G 169 22.00 -37.22 41.55
N THR G 170 21.80 -35.90 41.62
CA THR G 170 20.47 -35.33 41.80
C THR G 170 19.63 -35.33 40.53
N ASN G 171 20.24 -35.55 39.36
CA ASN G 171 19.51 -35.51 38.11
C ASN G 171 18.41 -36.56 38.08
N GLY G 172 17.43 -36.34 37.20
CA GLY G 172 16.41 -37.34 36.97
C GLY G 172 16.99 -38.59 36.31
N VAL G 173 16.21 -39.66 36.34
CA VAL G 173 16.71 -40.93 35.81
C VAL G 173 17.02 -40.81 34.32
N GLY G 174 16.33 -39.91 33.61
CA GLY G 174 16.63 -39.69 32.21
C GLY G 174 17.95 -38.98 31.96
N TYR G 175 18.50 -38.34 33.00
CA TYR G 175 19.79 -37.68 32.91
C TYR G 175 20.85 -38.34 33.78
N GLN G 176 20.54 -39.47 34.39
CA GLN G 176 21.53 -40.23 35.14
C GLN G 176 22.38 -41.08 34.20
N PRO G 177 23.65 -41.31 34.53
CA PRO G 177 24.53 -42.05 33.63
C PRO G 177 24.11 -43.52 33.53
N TYR G 178 24.23 -44.07 32.32
CA TYR G 178 23.90 -45.47 32.05
C TYR G 178 25.03 -46.09 31.25
N ARG G 179 25.62 -47.15 31.79
CA ARG G 179 26.63 -47.91 31.07
C ARG G 179 25.95 -48.92 30.16
N VAL G 180 26.28 -48.88 28.88
CA VAL G 180 25.62 -49.68 27.86
C VAL G 180 26.63 -50.69 27.29
N VAL G 181 26.19 -51.94 27.16
CA VAL G 181 26.96 -52.98 26.50
C VAL G 181 26.10 -53.58 25.40
N VAL G 182 26.62 -53.60 24.18
CA VAL G 182 25.91 -54.13 23.02
C VAL G 182 26.73 -55.29 22.45
N LEU G 183 26.10 -56.46 22.34
CA LEU G 183 26.75 -57.67 21.86
C LEU G 183 26.33 -57.92 20.42
N SER G 184 27.32 -57.96 19.52
CA SER G 184 27.07 -58.25 18.11
C SER G 184 27.38 -59.72 17.85
N PHE G 185 26.45 -60.41 17.19
CA PHE G 185 26.59 -61.82 16.88
C PHE G 185 26.69 -62.03 15.37
N GLU G 186 27.41 -63.08 14.98
CA GLU G 186 27.50 -63.48 13.58
C GLU G 186 27.24 -64.98 13.49
N LEU G 187 26.40 -65.37 12.53
CA LEU G 187 26.08 -66.78 12.33
C LEU G 187 27.26 -67.53 11.71
N GLN H 3 8.22 -47.17 15.24
CA GLN H 3 6.84 -47.06 15.69
C GLN H 3 6.63 -47.80 17.00
N VAL H 4 7.45 -47.50 18.00
CA VAL H 4 7.31 -48.11 19.32
C VAL H 4 6.09 -47.51 20.02
N GLN H 5 5.22 -48.38 20.52
CA GLN H 5 3.96 -47.96 21.15
C GLN H 5 3.86 -48.60 22.52
N LEU H 6 3.50 -47.80 23.53
CA LEU H 6 3.35 -48.27 24.90
C LEU H 6 2.05 -47.71 25.45
N VAL H 7 1.16 -48.60 25.86
CA VAL H 7 -0.19 -48.23 26.30
C VAL H 7 -0.37 -48.71 27.74
N GLU H 8 -0.41 -47.77 28.67
CA GLU H 8 -0.62 -48.08 30.08
C GLU H 8 -2.10 -48.00 30.42
N SER H 9 -2.49 -48.75 31.45
CA SER H 9 -3.88 -48.80 31.87
C SER H 9 -3.96 -49.35 33.29
N GLY H 10 -5.07 -49.06 33.95
CA GLY H 10 -5.32 -49.53 35.31
C GLY H 10 -5.35 -48.43 36.36
N GLY H 11 -4.83 -47.24 36.04
CA GLY H 11 -4.80 -46.18 37.02
C GLY H 11 -6.18 -45.67 37.38
N ALA H 12 -6.32 -45.27 38.64
CA ALA H 12 -7.58 -44.75 39.16
C ALA H 12 -7.29 -44.01 40.46
N LEU H 13 -8.35 -43.58 41.15
CA LEU H 13 -8.23 -42.89 42.43
C LEU H 13 -8.46 -43.91 43.55
N VAL H 14 -7.46 -44.06 44.41
CA VAL H 14 -7.51 -45.05 45.48
C VAL H 14 -7.28 -44.34 46.81
N GLN H 15 -7.98 -44.80 47.84
CA GLN H 15 -7.73 -44.31 49.18
C GLN H 15 -6.37 -44.79 49.68
N PRO H 16 -5.77 -44.06 50.62
CA PRO H 16 -4.49 -44.53 51.20
C PRO H 16 -4.65 -45.91 51.82
N GLY H 17 -3.65 -46.76 51.60
CA GLY H 17 -3.69 -48.13 52.04
C GLY H 17 -4.34 -49.09 51.06
N GLY H 18 -4.99 -48.59 50.01
CA GLY H 18 -5.64 -49.43 49.04
C GLY H 18 -4.65 -50.10 48.10
N SER H 19 -5.22 -50.82 47.13
CA SER H 19 -4.43 -51.55 46.14
C SER H 19 -4.93 -51.24 44.74
N LEU H 20 -4.05 -51.44 43.77
CA LEU H 20 -4.37 -51.14 42.37
C LEU H 20 -3.41 -51.91 41.48
N ARG H 21 -3.94 -52.46 40.39
CA ARG H 21 -3.18 -53.30 39.47
C ARG H 21 -3.05 -52.58 38.14
N LEU H 22 -1.81 -52.37 37.70
CA LEU H 22 -1.51 -51.66 36.46
C LEU H 22 -1.13 -52.64 35.37
N SER H 23 -1.38 -52.22 34.12
CA SER H 23 -1.12 -53.07 32.96
C SER H 23 -0.42 -52.26 31.89
N CYS H 24 0.39 -52.93 31.08
CA CYS H 24 1.10 -52.29 29.98
C CYS H 24 1.20 -53.28 28.82
N VAL H 25 0.71 -52.89 27.66
CA VAL H 25 0.86 -53.68 26.44
C VAL H 25 1.68 -52.85 25.45
N ALA H 26 2.47 -53.55 24.64
CA ALA H 26 3.40 -52.91 23.73
C ALA H 26 3.18 -53.40 22.31
N SER H 27 3.78 -52.70 21.35
CA SER H 27 3.75 -53.09 19.96
C SER H 27 4.92 -52.43 19.26
N GLY H 28 5.30 -53.02 18.12
CA GLY H 28 6.43 -52.56 17.35
C GLY H 28 7.72 -53.31 17.63
N PHE H 29 7.79 -54.03 18.75
CA PHE H 29 8.97 -54.82 19.08
C PHE H 29 8.52 -56.11 19.76
N THR H 30 9.41 -57.10 19.74
CA THR H 30 9.14 -58.39 20.36
C THR H 30 9.10 -58.21 21.87
N PHE H 31 7.89 -58.16 22.44
CA PHE H 31 7.75 -57.95 23.88
C PHE H 31 8.37 -59.09 24.68
N SER H 32 8.31 -60.31 24.15
CA SER H 32 8.84 -61.47 24.87
C SER H 32 10.36 -61.56 24.84
N SER H 33 11.03 -60.66 24.11
CA SER H 33 12.49 -60.64 24.03
C SER H 33 13.09 -59.38 24.64
N PHE H 34 12.33 -58.68 25.47
CA PHE H 34 12.75 -57.41 26.05
C PHE H 34 12.57 -57.44 27.56
N ALA H 35 13.51 -56.81 28.27
CA ALA H 35 13.38 -56.59 29.70
C ALA H 35 12.59 -55.31 29.94
N MET H 36 11.68 -55.36 30.91
CA MET H 36 10.75 -54.27 31.16
C MET H 36 10.96 -53.67 32.56
N GLY H 37 10.53 -52.43 32.71
CA GLY H 37 10.64 -51.74 33.98
C GLY H 37 9.65 -50.60 34.12
N TRP H 38 9.10 -50.44 35.32
CA TRP H 38 8.13 -49.38 35.58
C TRP H 38 8.81 -48.13 36.11
N TYR H 39 8.33 -46.97 35.66
CA TYR H 39 8.83 -45.68 36.10
C TYR H 39 7.65 -44.78 36.44
N ARG H 40 7.92 -43.72 37.18
CA ARG H 40 6.87 -42.80 37.58
C ARG H 40 7.45 -41.40 37.75
N GLN H 41 6.59 -40.39 37.55
CA GLN H 41 6.97 -39.00 37.78
C GLN H 41 5.77 -38.25 38.34
N ALA H 42 5.91 -37.74 39.56
CA ALA H 42 4.89 -36.87 40.10
C ALA H 42 5.05 -35.47 39.52
N PRO H 43 3.94 -34.78 39.21
CA PRO H 43 4.05 -33.45 38.62
C PRO H 43 4.86 -32.50 39.51
N GLY H 44 5.86 -31.86 38.91
CA GLY H 44 6.76 -31.00 39.66
C GLY H 44 8.08 -31.66 39.97
N LYS H 45 8.03 -32.94 40.35
CA LYS H 45 9.23 -33.69 40.70
C LYS H 45 9.85 -34.30 39.44
N GLU H 46 10.88 -35.11 39.64
CA GLU H 46 11.61 -35.73 38.54
C GLU H 46 11.18 -37.17 38.34
N CYS H 47 11.46 -37.70 37.16
CA CYS H 47 11.15 -39.09 36.85
C CYS H 47 12.09 -40.01 37.61
N GLU H 48 11.53 -40.96 38.34
CA GLU H 48 12.31 -41.90 39.13
C GLU H 48 11.97 -43.34 38.74
N TRP H 49 12.91 -44.24 39.04
CA TRP H 49 12.76 -45.65 38.73
C TRP H 49 11.97 -46.35 39.82
N VAL H 50 11.11 -47.29 39.43
CA VAL H 50 10.27 -48.04 40.35
C VAL H 50 10.71 -49.49 40.46
N ALA H 51 10.62 -50.24 39.37
CA ALA H 51 10.94 -51.67 39.39
C ALA H 51 11.51 -52.08 38.05
N THR H 52 12.02 -53.32 38.00
CA THR H 52 12.60 -53.89 36.80
C THR H 52 12.33 -55.39 36.81
N ILE H 53 12.02 -55.94 35.64
CA ILE H 53 11.79 -57.37 35.48
C ILE H 53 12.60 -57.87 34.30
N THR H 54 12.98 -59.15 34.37
CA THR H 54 13.83 -59.75 33.34
C THR H 54 13.00 -60.13 32.11
N ILE H 55 13.70 -60.63 31.08
CA ILE H 55 13.04 -61.08 29.86
C ILE H 55 12.05 -62.19 30.17
N THR H 56 12.50 -63.22 30.90
CA THR H 56 11.62 -64.31 31.28
C THR H 56 10.81 -64.01 32.54
N GLY H 57 11.11 -62.91 33.23
CA GLY H 57 10.42 -62.61 34.46
C GLY H 57 10.85 -63.42 35.66
N GLY H 58 12.00 -64.10 35.58
CA GLY H 58 12.47 -64.93 36.67
C GLY H 58 13.10 -64.18 37.82
N SER H 59 13.45 -62.91 37.63
CA SER H 59 14.06 -62.11 38.68
C SER H 59 13.59 -60.67 38.55
N THR H 60 13.34 -60.04 39.69
CA THR H 60 12.86 -58.66 39.74
C THR H 60 13.74 -57.84 40.66
N ASN H 61 13.71 -56.52 40.45
CA ASN H 61 14.50 -55.58 41.24
C ASN H 61 13.66 -54.34 41.48
N TYR H 62 13.47 -53.97 42.74
CA TYR H 62 12.58 -52.89 43.13
C TYR H 62 13.37 -51.74 43.76
N ALA H 63 12.81 -50.54 43.66
CA ALA H 63 13.36 -49.39 44.34
C ALA H 63 12.94 -49.40 45.81
N ASP H 64 13.74 -48.73 46.65
CA ASP H 64 13.51 -48.76 48.08
C ASP H 64 12.17 -48.14 48.45
N SER H 65 11.66 -47.21 47.63
CA SER H 65 10.39 -46.55 47.93
C SER H 65 9.23 -47.53 47.93
N VAL H 66 9.31 -48.59 47.12
CA VAL H 66 8.18 -49.47 46.85
C VAL H 66 8.45 -50.91 47.26
N LYS H 67 9.59 -51.18 47.90
CA LYS H 67 9.90 -52.53 48.32
C LYS H 67 8.89 -53.03 49.35
N GLY H 68 8.42 -54.26 49.16
CA GLY H 68 7.45 -54.84 50.05
C GLY H 68 6.01 -54.46 49.79
N ARG H 69 5.77 -53.37 49.05
CA ARG H 69 4.42 -52.93 48.72
C ARG H 69 4.04 -53.16 47.27
N PHE H 70 4.98 -53.03 46.34
CA PHE H 70 4.72 -53.25 44.93
C PHE H 70 5.27 -54.60 44.49
N THR H 71 4.81 -55.05 43.32
CA THR H 71 5.26 -56.32 42.74
C THR H 71 5.08 -56.25 41.25
N ILE H 72 6.17 -56.38 40.50
CA ILE H 72 6.14 -56.33 39.04
C ILE H 72 6.17 -57.75 38.50
N SER H 73 5.26 -58.05 37.57
CA SER H 73 5.17 -59.36 36.95
C SER H 73 4.87 -59.18 35.47
N ARG H 74 5.16 -60.22 34.69
CA ARG H 74 4.89 -60.20 33.26
C ARG H 74 4.33 -61.54 32.84
N ASP H 75 3.45 -61.51 31.84
CA ASP H 75 2.83 -62.68 31.25
C ASP H 75 3.17 -62.67 29.76
N ASN H 76 4.26 -63.33 29.40
CA ASN H 76 4.65 -63.39 27.99
C ASN H 76 3.63 -64.15 27.15
N ALA H 77 2.86 -65.05 27.76
CA ALA H 77 1.77 -65.70 27.07
C ALA H 77 0.57 -64.77 26.84
N LYS H 78 0.66 -63.52 27.31
CA LYS H 78 -0.37 -62.52 27.07
C LYS H 78 0.17 -61.18 26.64
N ASN H 79 1.50 -61.01 26.58
CA ASN H 79 2.14 -59.76 26.17
C ASN H 79 1.69 -58.59 27.02
N THR H 80 1.47 -58.84 28.31
CA THR H 80 1.05 -57.81 29.25
C THR H 80 2.05 -57.70 30.40
N LEU H 81 2.38 -56.48 30.75
CA LEU H 81 3.24 -56.19 31.91
C LEU H 81 2.37 -55.68 33.04
N TYR H 82 2.49 -56.31 34.21
CA TYR H 82 1.69 -55.95 35.36
C TYR H 82 2.55 -55.27 36.43
N LEU H 83 1.90 -54.41 37.21
CA LEU H 83 2.54 -53.73 38.35
C LEU H 83 1.51 -53.73 39.49
N GLN H 84 1.56 -54.76 40.33
CA GLN H 84 0.67 -54.81 41.48
C GLN H 84 1.15 -53.84 42.55
N MET H 85 0.25 -52.96 42.98
CA MET H 85 0.58 -51.92 43.97
C MET H 85 -0.31 -52.11 45.18
N ASN H 86 0.29 -52.47 46.31
CA ASN H 86 -0.41 -52.57 47.58
C ASN H 86 0.11 -51.51 48.54
N SER H 87 -0.65 -51.30 49.62
CA SER H 87 -0.29 -50.35 50.68
C SER H 87 0.02 -48.96 50.08
N LEU H 88 -0.92 -48.45 49.31
CA LEU H 88 -0.70 -47.20 48.59
C LEU H 88 -0.60 -46.03 49.56
N LYS H 89 0.44 -45.22 49.39
CA LYS H 89 0.68 -44.02 50.17
C LYS H 89 0.43 -42.79 49.30
N PRO H 90 0.17 -41.63 49.92
CA PRO H 90 -0.02 -40.40 49.12
C PRO H 90 1.20 -40.06 48.27
N GLU H 91 2.40 -40.47 48.68
CA GLU H 91 3.59 -40.21 47.88
C GLU H 91 3.67 -41.07 46.62
N ASP H 92 2.76 -42.02 46.44
CA ASP H 92 2.72 -42.85 45.25
C ASP H 92 1.92 -42.23 44.11
N THR H 93 1.33 -41.07 44.32
CA THR H 93 0.55 -40.40 43.28
C THR H 93 1.48 -39.87 42.20
N ALA H 94 1.39 -40.43 41.00
CA ALA H 94 2.22 -40.01 39.87
C ALA H 94 1.64 -40.66 38.61
N VAL H 95 2.26 -40.34 37.48
CA VAL H 95 1.96 -40.98 36.20
C VAL H 95 2.96 -42.11 36.02
N TYR H 96 2.47 -43.34 35.90
CA TYR H 96 3.32 -44.52 35.81
C TYR H 96 3.54 -44.91 34.36
N TYR H 97 4.80 -45.12 33.99
CA TYR H 97 5.18 -45.50 32.64
C TYR H 97 5.92 -46.82 32.66
N CYS H 98 5.70 -47.65 31.64
CA CYS H 98 6.49 -48.85 31.43
C CYS H 98 7.37 -48.64 30.20
N ASN H 99 8.59 -49.18 30.25
CA ASN H 99 9.58 -48.86 29.24
C ASN H 99 10.74 -49.85 29.27
N PRO H 100 11.07 -50.48 28.14
CA PRO H 100 12.30 -51.28 28.08
C PRO H 100 13.58 -50.46 28.19
N ASP H 101 13.47 -49.14 28.07
CA ASP H 101 14.56 -48.20 28.26
C ASP H 101 14.32 -47.38 29.52
N PRO H 102 15.35 -46.74 30.06
CA PRO H 102 15.13 -45.90 31.25
C PRO H 102 14.44 -44.59 30.89
N GLY H 103 13.81 -44.01 31.90
CA GLY H 103 13.18 -42.71 31.75
C GLY H 103 11.69 -42.81 31.51
N CYS H 104 11.01 -41.69 31.77
CA CYS H 104 9.57 -41.59 31.55
C CYS H 104 9.21 -41.04 30.18
N ARG H 105 10.12 -40.31 29.54
CA ARG H 105 9.78 -39.60 28.31
C ARG H 105 9.42 -40.56 27.19
N GLY H 106 10.29 -41.53 26.92
CA GLY H 106 10.03 -42.51 25.88
C GLY H 106 9.06 -43.61 26.27
N GLY H 107 8.37 -43.48 27.40
CA GLY H 107 7.51 -44.54 27.89
C GLY H 107 6.04 -44.36 27.60
N GLY H 108 5.72 -43.72 26.47
CA GLY H 108 4.33 -43.55 26.09
C GLY H 108 3.64 -42.46 26.90
N GLN H 109 2.32 -42.59 26.97
CA GLN H 109 1.48 -41.62 27.68
C GLN H 109 1.32 -41.93 29.16
N GLY H 110 1.49 -43.19 29.56
CA GLY H 110 1.38 -43.55 30.96
C GLY H 110 -0.05 -43.60 31.45
N THR H 111 -0.19 -44.00 32.71
CA THR H 111 -1.48 -44.06 33.38
C THR H 111 -1.40 -43.29 34.69
N GLN H 112 -2.45 -42.53 34.98
CA GLN H 112 -2.46 -41.68 36.16
C GLN H 112 -2.92 -42.46 37.38
N VAL H 113 -2.17 -42.33 38.47
CA VAL H 113 -2.51 -42.94 39.75
C VAL H 113 -2.56 -41.84 40.79
N THR H 114 -3.71 -41.70 41.45
CA THR H 114 -3.92 -40.67 42.45
C THR H 114 -4.37 -41.30 43.76
N VAL H 115 -3.72 -40.93 44.86
CA VAL H 115 -4.03 -41.44 46.19
C VAL H 115 -4.38 -40.27 47.09
N SER H 116 -5.56 -40.31 47.70
CA SER H 116 -5.99 -39.27 48.62
C SER H 116 -7.08 -39.77 49.55
N GLN I 4 14.02 -29.12 39.74
CA GLN I 4 15.35 -29.24 39.16
C GLN I 4 16.10 -27.91 39.25
N VAL I 5 16.46 -27.36 38.10
CA VAL I 5 17.08 -26.04 38.01
C VAL I 5 16.07 -25.09 37.40
N GLN I 6 15.83 -23.97 38.07
CA GLN I 6 14.83 -23.00 37.68
C GLN I 6 15.52 -21.71 37.22
N LEU I 7 15.06 -21.17 36.10
CA LEU I 7 15.55 -19.89 35.58
C LEU I 7 14.38 -18.94 35.46
N VAL I 8 14.45 -17.81 36.16
CA VAL I 8 13.39 -16.81 36.17
C VAL I 8 13.96 -15.51 35.63
N GLU I 9 13.28 -14.92 34.65
CA GLU I 9 13.76 -13.72 33.98
C GLU I 9 12.83 -12.54 34.25
N SER I 10 13.37 -11.35 34.06
CA SER I 10 12.63 -10.11 34.21
C SER I 10 13.44 -8.99 33.57
N GLY I 11 12.75 -7.88 33.27
CA GLY I 11 13.42 -6.71 32.75
C GLY I 11 12.83 -6.18 31.47
N GLY I 12 12.24 -7.05 30.67
CA GLY I 12 11.75 -6.66 29.35
C GLY I 12 10.67 -5.60 29.42
N GLY I 13 10.40 -5.02 28.26
CA GLY I 13 9.38 -4.00 28.14
C GLY I 13 9.55 -3.19 26.87
N LEU I 14 8.70 -2.19 26.73
CA LEU I 14 8.72 -1.30 25.59
C LEU I 14 9.84 -0.28 25.75
N VAL I 15 10.63 -0.08 24.69
CA VAL I 15 11.79 0.80 24.75
C VAL I 15 11.90 1.56 23.42
N GLN I 16 12.18 2.86 23.52
CA GLN I 16 12.41 3.68 22.34
C GLN I 16 13.72 3.28 21.68
N PRO I 17 13.78 3.30 20.34
CA PRO I 17 15.02 2.94 19.66
C PRO I 17 16.20 3.78 20.13
N GLY I 18 17.38 3.17 20.15
CA GLY I 18 18.55 3.79 20.74
C GLY I 18 18.57 3.77 22.25
N GLY I 19 17.61 3.10 22.89
CA GLY I 19 17.50 3.09 24.33
C GLY I 19 18.33 1.99 24.97
N SER I 20 18.16 1.87 26.29
CA SER I 20 18.91 0.92 27.10
C SER I 20 17.95 0.12 27.97
N LEU I 21 18.35 -1.11 28.28
CA LEU I 21 17.51 -2.03 29.03
C LEU I 21 18.34 -3.20 29.54
N ARG I 22 18.18 -3.57 30.80
CA ARG I 22 18.95 -4.66 31.41
C ARG I 22 18.00 -5.77 31.85
N LEU I 23 18.28 -6.99 31.40
CA LEU I 23 17.53 -8.18 31.76
C LEU I 23 18.21 -8.93 32.90
N SER I 24 17.43 -9.65 33.68
CA SER I 24 17.94 -10.44 34.79
C SER I 24 17.60 -11.91 34.59
N CYS I 25 18.32 -12.76 35.32
CA CYS I 25 18.14 -14.21 35.20
C CYS I 25 18.65 -14.85 36.49
N GLU I 26 17.73 -15.31 37.33
CA GLU I 26 18.08 -15.92 38.62
C GLU I 26 18.55 -17.35 38.39
N THR I 27 19.85 -17.59 38.61
CA THR I 27 20.43 -18.92 38.40
C THR I 27 20.42 -19.70 39.71
N SER I 28 19.22 -20.13 40.09
CA SER I 28 19.03 -20.92 41.30
C SER I 28 19.18 -22.40 40.98
N GLY I 29 19.79 -23.14 41.91
CA GLY I 29 19.94 -24.56 41.78
C GLY I 29 21.09 -25.01 40.91
N ILE I 30 21.77 -24.08 40.23
CA ILE I 30 22.92 -24.44 39.39
C ILE I 30 24.04 -24.92 40.31
N THR I 31 24.35 -26.22 40.23
CA THR I 31 25.39 -26.82 41.07
C THR I 31 26.56 -27.35 40.26
N LEU I 32 26.58 -27.12 38.94
CA LEU I 32 27.70 -27.55 38.13
C LEU I 32 28.93 -26.69 38.38
N ASP I 33 30.07 -27.18 37.95
CA ASP I 33 31.34 -26.46 38.12
C ASP I 33 31.85 -25.83 36.84
N TYR I 34 31.39 -26.30 35.68
CA TYR I 34 31.80 -25.75 34.38
C TYR I 34 30.56 -25.69 33.50
N TYR I 35 29.81 -24.59 33.59
CA TYR I 35 28.58 -24.44 32.84
C TYR I 35 28.59 -23.12 32.08
N ALA I 36 27.74 -23.03 31.07
CA ALA I 36 27.64 -21.87 30.20
C ALA I 36 26.28 -21.21 30.37
N ILE I 37 26.26 -19.88 30.32
CA ILE I 37 25.05 -19.08 30.37
C ILE I 37 24.92 -18.31 29.06
N GLY I 38 23.74 -18.36 28.45
CA GLY I 38 23.53 -17.73 27.17
C GLY I 38 22.18 -17.05 27.09
N TRP I 39 22.11 -16.03 26.26
CA TRP I 39 20.88 -15.30 25.98
C TRP I 39 20.48 -15.52 24.53
N PHE I 40 19.20 -15.78 24.31
CA PHE I 40 18.70 -16.18 22.99
C PHE I 40 17.54 -15.29 22.58
N LEU I 41 17.60 -14.76 21.35
CA LEU I 41 16.51 -13.98 20.79
C LEU I 41 15.52 -14.90 20.10
N GLN I 42 14.24 -14.69 20.35
CA GLN I 42 13.16 -15.52 19.80
C GLN I 42 12.17 -14.61 19.09
N VAL I 43 12.41 -14.36 17.81
CA VAL I 43 11.47 -13.61 16.97
C VAL I 43 10.32 -14.55 16.61
N PRO I 44 9.08 -14.10 16.67
CA PRO I 44 7.95 -14.99 16.30
C PRO I 44 8.10 -15.53 14.90
N GLY I 45 7.86 -16.83 14.75
CA GLY I 45 7.97 -17.50 13.47
C GLY I 45 9.37 -17.85 13.04
N LYS I 46 10.36 -17.65 13.91
CA LYS I 46 11.76 -17.91 13.57
C LYS I 46 12.36 -18.85 14.60
N GLU I 47 13.47 -19.48 14.22
CA GLU I 47 14.21 -20.33 15.13
C GLU I 47 14.87 -19.48 16.21
N ARG I 48 15.23 -20.13 17.32
CA ARG I 48 15.85 -19.44 18.44
C ARG I 48 17.34 -19.26 18.17
N GLU I 49 17.83 -18.02 18.30
CA GLU I 49 19.20 -17.68 18.01
C GLU I 49 19.81 -16.96 19.20
N GLY I 50 21.03 -17.35 19.58
CA GLY I 50 21.70 -16.79 20.74
C GLY I 50 22.54 -15.56 20.39
N VAL I 51 22.56 -14.61 21.32
CA VAL I 51 23.24 -13.33 21.10
C VAL I 51 24.37 -13.13 22.11
N ALA I 52 24.19 -13.67 23.32
CA ALA I 52 25.18 -13.51 24.39
C ALA I 52 25.55 -14.88 24.95
N CYS I 53 26.72 -14.93 25.58
CA CYS I 53 27.36 -16.20 25.88
C CYS I 53 28.43 -15.98 26.94
N MET I 54 28.48 -16.87 27.94
CA MET I 54 29.42 -16.71 29.03
C MET I 54 29.62 -18.05 29.74
N ARG I 55 30.85 -18.30 30.14
CA ARG I 55 31.18 -19.47 30.96
C ARG I 55 31.57 -19.00 32.37
N ASN I 56 31.34 -19.87 33.35
CA ASN I 56 31.31 -19.43 34.74
C ASN I 56 32.70 -19.34 35.37
N TRP I 57 33.64 -20.19 34.97
CA TRP I 57 34.88 -20.31 35.75
C TRP I 57 35.79 -19.10 35.55
N ASP I 58 35.80 -18.50 34.36
CA ASP I 58 36.61 -17.30 34.13
C ASP I 58 35.80 -16.13 33.58
N GLY I 59 34.48 -16.24 33.48
CA GLY I 59 33.67 -15.15 33.00
C GLY I 59 33.88 -14.77 31.55
N SER I 60 34.53 -15.63 30.77
CA SER I 60 34.79 -15.33 29.37
C SER I 60 33.49 -15.18 28.60
N THR I 61 33.39 -14.11 27.81
CA THR I 61 32.17 -13.77 27.09
C THR I 61 32.36 -13.96 25.59
N LEU I 62 31.22 -14.05 24.90
CA LEU I 62 31.21 -14.24 23.45
C LEU I 62 29.91 -13.65 22.92
N TYR I 63 30.01 -12.81 21.90
CA TYR I 63 28.86 -12.08 21.38
C TYR I 63 28.71 -12.32 19.89
N ALA I 64 27.47 -12.14 19.42
CA ALA I 64 27.12 -12.25 18.01
C ALA I 64 27.53 -10.98 17.27
N PRO I 65 27.82 -11.08 15.97
CA PRO I 65 28.15 -9.87 15.20
C PRO I 65 27.06 -8.81 15.25
N SER I 66 25.80 -9.23 15.31
CA SER I 66 24.70 -8.25 15.29
C SER I 66 24.63 -7.44 16.58
N VAL I 67 25.07 -8.01 17.70
CA VAL I 67 24.97 -7.34 19.00
C VAL I 67 26.33 -6.98 19.57
N LYS I 68 27.42 -7.20 18.83
CA LYS I 68 28.74 -6.89 19.34
C LYS I 68 28.88 -5.40 19.57
N GLY I 69 29.42 -5.04 20.73
CA GLY I 69 29.63 -3.65 21.11
C GLY I 69 28.45 -3.00 21.78
N ARG I 70 27.23 -3.46 21.49
CA ARG I 70 26.03 -2.90 22.09
C ARG I 70 25.54 -3.68 23.31
N PHE I 71 25.77 -4.99 23.35
CA PHE I 71 25.31 -5.82 24.44
C PHE I 71 26.49 -6.31 25.27
N THR I 72 26.25 -6.51 26.56
CA THR I 72 27.26 -7.04 27.48
C THR I 72 26.58 -7.92 28.51
N ILE I 73 27.12 -9.12 28.69
CA ILE I 73 26.57 -10.12 29.61
C ILE I 73 27.46 -10.17 30.85
N SER I 74 26.84 -10.06 32.02
CA SER I 74 27.56 -10.08 33.29
C SER I 74 26.91 -11.10 34.22
N ARG I 75 27.59 -11.37 35.33
CA ARG I 75 27.13 -12.38 36.27
C ARG I 75 27.55 -11.98 37.68
N ASP I 76 26.64 -12.17 38.64
CA ASP I 76 26.91 -11.92 40.05
C ASP I 76 26.82 -13.25 40.78
N ALA I 77 27.95 -13.71 41.32
CA ALA I 77 27.98 -15.00 41.99
C ALA I 77 27.24 -14.98 43.32
N ASP I 78 27.32 -13.86 44.04
CA ASP I 78 26.68 -13.77 45.34
C ASP I 78 25.16 -13.86 45.21
N LYS I 79 24.57 -13.00 44.40
CA LYS I 79 23.13 -13.02 44.18
C LYS I 79 22.68 -14.15 43.27
N GLU I 80 23.62 -14.82 42.60
CA GLU I 80 23.32 -15.90 41.65
C GLU I 80 22.34 -15.42 40.59
N VAL I 81 22.73 -14.34 39.91
CA VAL I 81 21.94 -13.69 38.87
C VAL I 81 22.84 -13.39 37.69
N ALA I 82 22.33 -13.66 36.49
CA ALA I 82 23.01 -13.31 35.24
C ALA I 82 22.25 -12.17 34.57
N TYR I 83 23.00 -11.22 34.01
CA TYR I 83 22.42 -10.02 33.43
C TYR I 83 22.77 -9.92 31.95
N LEU I 84 21.94 -9.19 31.22
CA LEU I 84 22.19 -8.83 29.82
C LEU I 84 21.90 -7.35 29.65
N GLU I 85 22.97 -6.54 29.64
CA GLU I 85 22.83 -5.11 29.38
C GLU I 85 22.66 -4.89 27.89
N MET I 86 21.57 -4.23 27.50
CA MET I 86 21.24 -3.99 26.10
C MET I 86 21.25 -2.50 25.82
N ASN I 87 22.23 -2.03 25.05
CA ASN I 87 22.37 -0.64 24.68
C ASN I 87 22.16 -0.46 23.19
N SER I 88 21.80 0.78 22.82
CA SER I 88 21.61 1.18 21.42
C SER I 88 20.64 0.22 20.72
N LEU I 89 19.46 0.10 21.30
CA LEU I 89 18.49 -0.88 20.83
C LEU I 89 17.90 -0.48 19.49
N LYS I 90 17.65 -1.48 18.64
CA LYS I 90 17.11 -1.28 17.31
C LYS I 90 15.83 -2.09 17.16
N SER I 91 15.07 -1.79 16.10
CA SER I 91 13.83 -2.52 15.84
C SER I 91 14.09 -3.99 15.57
N GLU I 92 15.26 -4.33 15.01
CA GLU I 92 15.61 -5.70 14.72
C GLU I 92 15.87 -6.53 15.97
N ASP I 93 16.00 -5.90 17.13
CA ASP I 93 16.20 -6.60 18.38
C ASP I 93 14.89 -6.94 19.09
N THR I 94 13.76 -6.68 18.45
CA THR I 94 12.46 -6.97 19.06
C THR I 94 12.22 -8.48 19.07
N GLY I 95 11.75 -8.98 20.20
CA GLY I 95 11.47 -10.38 20.34
C GLY I 95 11.52 -10.78 21.80
N VAL I 96 11.31 -12.08 22.03
CA VAL I 96 11.40 -12.66 23.36
C VAL I 96 12.84 -13.11 23.58
N TYR I 97 13.38 -12.79 24.76
CA TYR I 97 14.74 -13.15 25.13
C TYR I 97 14.70 -14.21 26.23
N TYR I 98 15.46 -15.28 26.02
CA TYR I 98 15.58 -16.37 26.98
C TYR I 98 17.01 -16.44 27.50
N CYS I 99 17.15 -16.75 28.79
CA CYS I 99 18.44 -17.14 29.34
C CYS I 99 18.45 -18.65 29.54
N ALA I 100 19.59 -19.27 29.23
CA ALA I 100 19.72 -20.71 29.30
C ALA I 100 21.05 -21.07 29.96
N ALA I 101 21.09 -22.27 30.53
CA ALA I 101 22.28 -22.79 31.18
C ALA I 101 22.45 -24.26 30.84
N GLY I 102 23.70 -24.70 30.80
CA GLY I 102 24.02 -26.08 30.50
C GLY I 102 25.48 -26.37 30.76
N PRO I 103 25.84 -27.64 30.82
CA PRO I 103 27.24 -28.00 31.06
C PRO I 103 28.12 -27.61 29.87
N LEU I 104 29.39 -27.37 30.16
CA LEU I 104 30.36 -26.95 29.15
C LEU I 104 31.69 -27.63 29.47
N PRO I 105 32.31 -28.26 28.49
CA PRO I 105 33.63 -28.87 28.73
C PRO I 105 34.66 -27.82 29.09
N PRO I 106 35.41 -28.03 30.18
CA PRO I 106 36.37 -27.01 30.63
C PRO I 106 37.45 -26.78 29.58
N GLY I 107 37.88 -25.53 29.47
CA GLY I 107 38.88 -25.15 28.49
C GLY I 107 38.34 -24.86 27.11
N HIS I 108 37.02 -24.89 26.93
CA HIS I 108 36.40 -24.62 25.64
C HIS I 108 35.41 -23.48 25.76
N SER I 109 35.07 -22.90 24.61
CA SER I 109 34.20 -21.74 24.57
C SER I 109 32.73 -22.17 24.53
N CYS I 110 31.89 -21.35 25.15
CA CYS I 110 30.45 -21.56 25.09
C CYS I 110 29.95 -21.36 23.67
N ARG I 111 28.93 -22.13 23.28
CA ARG I 111 28.38 -22.10 21.94
C ARG I 111 27.21 -21.13 21.91
N ILE I 112 27.35 -20.04 21.16
CA ILE I 112 26.44 -18.90 21.30
C ILE I 112 25.23 -18.99 20.38
N PRO I 113 25.34 -19.24 19.07
CA PRO I 113 24.13 -19.17 18.24
C PRO I 113 23.19 -20.34 18.43
N THR I 114 23.73 -21.56 18.56
CA THR I 114 22.88 -22.74 18.67
C THR I 114 22.26 -22.81 20.06
N PRO I 115 21.01 -23.27 20.17
CA PRO I 115 20.43 -23.55 21.48
C PRO I 115 20.81 -24.92 22.03
N LEU I 116 21.57 -25.73 21.30
CA LEU I 116 22.00 -27.02 21.81
C LEU I 116 23.09 -26.84 22.85
N GLY I 117 23.20 -27.80 23.75
CA GLY I 117 24.12 -27.71 24.87
C GLY I 117 23.58 -26.94 26.05
N TYR I 118 22.31 -26.56 26.02
CA TYR I 118 21.66 -25.82 27.11
C TYR I 118 20.48 -26.64 27.60
N ASP I 119 20.54 -27.05 28.87
CA ASP I 119 19.54 -27.96 29.44
C ASP I 119 18.45 -27.25 30.23
N ASP I 120 18.70 -26.04 30.72
CA ASP I 120 17.74 -25.30 31.51
C ASP I 120 17.39 -24.00 30.81
N TRP I 121 16.11 -23.63 30.86
CA TRP I 121 15.62 -22.46 30.15
C TRP I 121 14.68 -21.66 31.04
N GLY I 122 14.57 -20.37 30.73
CA GLY I 122 13.64 -19.50 31.41
C GLY I 122 12.32 -19.40 30.66
N GLN I 123 11.39 -18.66 31.27
CA GLN I 123 10.07 -18.48 30.67
C GLN I 123 10.08 -17.48 29.53
N GLY I 124 11.11 -16.64 29.45
CA GLY I 124 11.18 -15.63 28.40
C GLY I 124 10.57 -14.32 28.83
N THR I 125 11.16 -13.24 28.33
CA THR I 125 10.68 -11.88 28.60
C THR I 125 10.68 -11.11 27.29
N GLN I 126 9.57 -10.41 27.03
CA GLN I 126 9.40 -9.70 25.78
C GLN I 126 10.09 -8.35 25.81
N VAL I 127 10.79 -8.02 24.73
CA VAL I 127 11.47 -6.74 24.56
C VAL I 127 11.04 -6.17 23.21
N THR I 128 10.20 -5.15 23.24
CA THR I 128 9.72 -4.47 22.03
C THR I 128 10.40 -3.12 21.92
N VAL I 129 11.01 -2.88 20.76
CA VAL I 129 11.73 -1.63 20.48
C VAL I 129 10.91 -0.84 19.48
N SER I 130 10.21 0.18 19.97
CA SER I 130 9.32 0.97 19.14
C SER I 130 9.23 2.38 19.69
N SER I 131 8.65 3.28 18.91
CA SER I 131 8.41 4.64 19.35
C SER I 131 6.92 4.85 19.64
N ASN J 4 26.91 43.97 -26.83
CA ASN J 4 27.69 42.78 -26.49
C ASN J 4 28.11 42.83 -25.02
N LEU J 5 27.33 43.53 -24.21
CA LEU J 5 27.63 43.67 -22.80
C LEU J 5 27.36 42.37 -22.05
N CYS J 6 27.92 42.27 -20.85
CA CYS J 6 27.62 41.17 -19.94
C CYS J 6 26.52 41.62 -19.00
N PRO J 7 25.27 41.17 -19.19
CA PRO J 7 24.18 41.66 -18.35
C PRO J 7 24.26 41.15 -16.92
N PHE J 8 25.03 41.84 -16.08
CA PHE J 8 25.11 41.45 -14.67
C PHE J 8 23.79 41.63 -13.95
N GLY J 9 22.88 42.41 -14.50
CA GLY J 9 21.54 42.54 -13.93
C GLY J 9 20.79 41.23 -13.90
N GLU J 10 21.13 40.28 -14.77
CA GLU J 10 20.53 38.96 -14.72
C GLU J 10 21.06 38.12 -13.57
N VAL J 11 22.17 38.52 -12.96
CA VAL J 11 22.74 37.82 -11.81
C VAL J 11 22.44 38.57 -10.51
N PHE J 12 22.83 39.85 -10.44
CA PHE J 12 22.64 40.60 -9.21
C PHE J 12 21.17 40.94 -8.97
N ASP J 13 20.38 41.04 -10.04
CA ASP J 13 18.96 41.38 -9.95
C ASP J 13 18.10 40.28 -10.55
N ALA J 14 18.49 39.03 -10.32
CA ALA J 14 17.66 37.90 -10.70
C ALA J 14 16.40 37.87 -9.84
N THR J 15 15.32 37.31 -10.39
CA THR J 15 14.04 37.31 -9.68
C THR J 15 14.09 36.41 -8.45
N ARG J 16 14.60 35.19 -8.61
CA ARG J 16 14.69 34.24 -7.52
C ARG J 16 16.16 33.86 -7.28
N PHE J 17 16.52 33.76 -6.01
CA PHE J 17 17.87 33.34 -5.60
C PHE J 17 17.80 31.96 -4.95
N ALA J 18 18.82 31.15 -5.21
CA ALA J 18 18.86 29.79 -4.71
C ALA J 18 19.35 29.76 -3.26
N SER J 19 19.09 28.64 -2.59
CA SER J 19 19.64 28.42 -1.26
C SER J 19 21.12 28.08 -1.37
N VAL J 20 21.83 28.23 -0.26
CA VAL J 20 23.28 28.05 -0.28
C VAL J 20 23.65 26.57 -0.45
N TYR J 21 22.85 25.66 0.10
CA TYR J 21 23.15 24.24 -0.07
C TYR J 21 23.00 23.82 -1.54
N ALA J 22 22.07 24.42 -2.26
CA ALA J 22 21.92 24.20 -3.70
C ALA J 22 22.27 25.48 -4.45
N TRP J 23 23.51 25.95 -4.29
CA TRP J 23 23.91 27.22 -4.85
C TRP J 23 23.95 27.18 -6.37
N ASN J 24 23.60 28.31 -6.98
CA ASN J 24 23.53 28.44 -8.42
C ASN J 24 24.90 28.85 -8.99
N ARG J 25 25.04 28.67 -10.31
CA ARG J 25 26.27 29.05 -11.00
C ARG J 25 25.94 29.35 -12.45
N LYS J 26 26.37 30.53 -12.92
CA LYS J 26 26.22 30.93 -14.32
C LYS J 26 27.57 31.40 -14.84
N ARG J 27 28.00 30.86 -15.97
CA ARG J 27 29.24 31.27 -16.59
C ARG J 27 29.02 32.51 -17.46
N ILE J 28 30.03 33.38 -17.49
CA ILE J 28 29.97 34.63 -18.23
C ILE J 28 31.15 34.63 -19.20
N SER J 29 30.86 34.61 -20.50
CA SER J 29 31.90 34.63 -21.51
C SER J 29 31.31 35.21 -22.80
N ASN J 30 32.22 35.55 -23.73
CA ASN J 30 31.85 36.09 -25.03
C ASN J 30 31.06 37.40 -24.89
N CYS J 31 31.53 38.26 -23.98
CA CYS J 31 30.92 39.57 -23.77
C CYS J 31 31.92 40.46 -23.06
N VAL J 32 31.72 41.76 -23.19
CA VAL J 32 32.56 42.76 -22.53
C VAL J 32 31.87 43.19 -21.24
N ALA J 33 32.63 43.22 -20.15
CA ALA J 33 32.10 43.54 -18.83
C ALA J 33 32.82 44.76 -18.27
N ASP J 34 32.05 45.70 -17.73
CA ASP J 34 32.60 46.88 -17.06
C ASP J 34 32.45 46.67 -15.56
N TYR J 35 33.53 46.24 -14.92
CA TYR J 35 33.50 46.02 -13.48
C TYR J 35 33.49 47.32 -12.69
N SER J 36 33.78 48.46 -13.33
CA SER J 36 33.84 49.72 -12.60
C SER J 36 32.47 50.15 -12.08
N VAL J 37 31.40 49.73 -12.75
CA VAL J 37 30.05 50.07 -12.28
C VAL J 37 29.58 49.17 -11.15
N LEU J 38 30.40 48.20 -10.72
CA LEU J 38 30.04 47.29 -9.65
C LEU J 38 30.71 47.65 -8.33
N TYR J 39 32.05 47.67 -8.29
CA TYR J 39 32.72 47.94 -7.03
C TYR J 39 32.59 49.40 -6.59
N ASN J 40 32.22 50.30 -7.51
CA ASN J 40 31.95 51.68 -7.14
C ASN J 40 30.55 51.89 -6.60
N SER J 41 29.69 50.87 -6.69
CA SER J 41 28.33 50.97 -6.16
C SER J 41 28.33 50.69 -4.67
N ALA J 42 27.74 51.60 -3.89
CA ALA J 42 27.69 51.48 -2.44
C ALA J 42 26.51 50.65 -1.95
N SER J 43 25.75 50.06 -2.86
CA SER J 43 24.67 49.17 -2.45
C SER J 43 25.19 47.86 -1.87
N PHE J 44 26.41 47.47 -2.22
CA PHE J 44 27.01 46.23 -1.75
C PHE J 44 27.70 46.49 -0.41
N SER J 45 27.07 46.02 0.67
CA SER J 45 27.67 46.13 2.00
C SER J 45 28.95 45.32 2.14
N THR J 46 29.22 44.40 1.22
CA THR J 46 30.40 43.55 1.27
C THR J 46 30.93 43.37 -0.14
N PHE J 47 32.19 43.74 -0.35
CA PHE J 47 32.84 43.60 -1.65
C PHE J 47 34.30 43.25 -1.36
N LYS J 48 34.58 41.95 -1.19
CA LYS J 48 35.89 41.47 -0.79
C LYS J 48 36.55 40.78 -1.98
N CYS J 49 37.71 41.29 -2.39
CA CYS J 49 38.49 40.71 -3.48
C CYS J 49 39.81 40.20 -2.92
N TYR J 50 40.22 39.02 -3.40
CA TYR J 50 41.32 38.28 -2.78
C TYR J 50 42.52 38.14 -3.71
N GLY J 51 42.41 37.38 -4.79
CA GLY J 51 43.56 37.13 -5.65
C GLY J 51 43.79 38.19 -6.71
N VAL J 52 43.22 39.37 -6.52
CA VAL J 52 43.32 40.44 -7.52
C VAL J 52 42.89 41.74 -6.86
N SER J 53 43.39 42.85 -7.40
CA SER J 53 42.94 44.18 -6.95
C SER J 53 41.73 44.62 -7.78
N PRO J 54 40.72 45.21 -7.14
CA PRO J 54 39.48 45.52 -7.86
C PRO J 54 39.67 46.50 -9.00
N THR J 55 40.52 47.51 -8.83
CA THR J 55 40.71 48.52 -9.85
C THR J 55 41.37 47.98 -11.10
N LYS J 56 42.09 46.87 -11.00
CA LYS J 56 42.77 46.26 -12.13
C LYS J 56 41.92 45.21 -12.84
N LEU J 57 40.62 45.15 -12.53
CA LEU J 57 39.77 44.12 -13.12
C LEU J 57 39.53 44.37 -14.61
N ASN J 58 39.32 45.63 -14.99
CA ASN J 58 39.03 45.94 -16.39
C ASN J 58 40.26 45.88 -17.28
N ASP J 59 41.47 45.88 -16.70
CA ASP J 59 42.70 45.79 -17.47
C ASP J 59 43.14 44.36 -17.72
N LEU J 60 42.39 43.37 -17.23
CA LEU J 60 42.76 41.97 -17.36
C LEU J 60 41.73 41.24 -18.23
N CYS J 61 42.17 40.15 -18.85
CA CYS J 61 41.31 39.29 -19.64
C CYS J 61 41.51 37.85 -19.17
N PHE J 62 40.41 37.18 -18.86
CA PHE J 62 40.43 35.82 -18.34
C PHE J 62 39.73 34.88 -19.31
N THR J 63 39.96 33.58 -19.10
CA THR J 63 39.35 32.56 -19.94
C THR J 63 37.89 32.33 -19.56
N ASN J 64 37.62 32.14 -18.27
CA ASN J 64 36.28 31.88 -17.78
C ASN J 64 35.97 32.81 -16.61
N VAL J 65 34.68 33.12 -16.45
CA VAL J 65 34.20 33.91 -15.32
C VAL J 65 32.90 33.26 -14.85
N TYR J 66 32.91 32.71 -13.64
CA TYR J 66 31.76 32.06 -13.05
C TYR J 66 31.19 32.91 -11.92
N ALA J 67 29.86 33.02 -11.88
CA ALA J 67 29.16 33.79 -10.85
C ALA J 67 28.30 32.83 -10.05
N ASP J 68 28.65 32.63 -8.78
CA ASP J 68 27.90 31.78 -7.87
C ASP J 68 27.03 32.65 -6.98
N SER J 69 25.73 32.36 -6.95
CA SER J 69 24.77 33.17 -6.21
C SER J 69 23.93 32.29 -5.30
N PHE J 70 23.68 32.78 -4.09
CA PHE J 70 22.86 32.08 -3.11
C PHE J 70 22.42 33.08 -2.04
N VAL J 71 21.69 32.58 -1.04
CA VAL J 71 21.19 33.40 0.06
C VAL J 71 21.64 32.78 1.37
N ILE J 72 22.23 33.59 2.24
CA ILE J 72 22.60 33.20 3.59
C ILE J 72 22.21 34.34 4.53
N ARG J 73 22.56 34.19 5.81
CA ARG J 73 22.33 35.24 6.79
C ARG J 73 23.58 36.08 6.97
N GLY J 74 23.42 37.21 7.65
CA GLY J 74 24.50 38.17 7.76
C GLY J 74 25.69 37.64 8.53
N ASP J 75 25.45 36.89 9.59
CA ASP J 75 26.52 36.35 10.41
C ASP J 75 27.35 35.30 9.69
N GLU J 76 26.90 34.81 8.53
CA GLU J 76 27.60 33.78 7.79
C GLU J 76 28.34 34.27 6.56
N VAL J 77 28.15 35.54 6.17
CA VAL J 77 28.92 36.08 5.05
C VAL J 77 30.41 36.08 5.37
N ARG J 78 30.75 36.10 6.66
CA ARG J 78 32.14 35.96 7.07
C ARG J 78 32.73 34.65 6.58
N GLN J 79 31.91 33.60 6.44
CA GLN J 79 32.40 32.28 6.07
C GLN J 79 32.72 32.16 4.59
N ILE J 80 32.15 33.01 3.73
CA ILE J 80 32.50 32.98 2.31
C ILE J 80 33.79 33.77 2.15
N ALA J 81 34.91 33.06 2.17
CA ALA J 81 36.26 33.60 2.12
C ALA J 81 37.23 32.43 2.10
N PRO J 82 38.41 32.58 1.48
CA PRO J 82 39.36 31.46 1.46
C PRO J 82 39.82 31.11 2.87
N GLY J 83 39.89 29.80 3.12
CA GLY J 83 40.34 29.30 4.41
C GLY J 83 39.47 29.69 5.58
N GLN J 84 38.18 29.33 5.52
CA GLN J 84 37.24 29.64 6.58
C GLN J 84 36.51 28.37 7.00
N THR J 85 36.00 28.38 8.23
CA THR J 85 35.26 27.25 8.78
C THR J 85 33.90 27.72 9.28
N GLY J 86 33.00 26.76 9.46
CA GLY J 86 31.63 27.03 9.83
C GLY J 86 30.66 26.16 9.06
N LYS J 87 29.38 26.23 9.40
CA LYS J 87 28.40 25.38 8.74
C LYS J 87 28.25 25.72 7.25
N ILE J 88 28.51 26.97 6.88
CA ILE J 88 28.38 27.36 5.48
C ILE J 88 29.63 27.00 4.70
N ALA J 89 30.80 27.19 5.30
CA ALA J 89 32.05 26.91 4.59
C ALA J 89 32.30 25.40 4.48
N ASP J 90 31.86 24.62 5.46
CA ASP J 90 32.15 23.19 5.48
C ASP J 90 31.08 22.37 4.77
N TYR J 91 29.79 22.71 4.95
CA TYR J 91 28.72 21.86 4.47
C TYR J 91 27.95 22.45 3.28
N ASN J 92 28.17 23.72 2.92
CA ASN J 92 27.37 24.37 1.89
C ASN J 92 28.22 24.92 0.75
N TYR J 93 29.11 25.88 1.01
CA TYR J 93 29.90 26.53 -0.03
C TYR J 93 31.31 26.73 0.48
N LYS J 94 32.29 26.13 -0.21
CA LYS J 94 33.68 26.18 0.19
C LYS J 94 34.51 26.76 -0.93
N LEU J 95 35.26 27.84 -0.64
CA LEU J 95 36.21 28.46 -1.55
C LEU J 95 37.61 27.91 -1.30
N PRO J 96 38.42 27.77 -2.34
CA PRO J 96 39.79 27.29 -2.15
C PRO J 96 40.69 28.36 -1.56
N ASP J 97 41.84 27.90 -1.06
CA ASP J 97 42.79 28.83 -0.46
C ASP J 97 43.41 29.77 -1.49
N ASP J 98 43.62 29.27 -2.71
CA ASP J 98 44.15 30.09 -3.80
C ASP J 98 43.04 30.72 -4.64
N PHE J 99 41.92 31.08 -4.02
CA PHE J 99 40.80 31.66 -4.75
C PHE J 99 41.14 33.07 -5.21
N THR J 100 40.98 33.31 -6.51
CA THR J 100 41.20 34.63 -7.11
C THR J 100 39.85 35.12 -7.64
N GLY J 101 39.26 36.07 -6.92
CA GLY J 101 37.97 36.59 -7.31
C GLY J 101 37.48 37.60 -6.31
N CYS J 102 36.17 37.85 -6.32
CA CYS J 102 35.56 38.82 -5.43
C CYS J 102 34.28 38.26 -4.84
N VAL J 103 34.02 38.61 -3.58
CA VAL J 103 32.83 38.18 -2.86
C VAL J 103 31.94 39.42 -2.68
N ILE J 104 30.77 39.40 -3.32
CA ILE J 104 29.84 40.51 -3.31
C ILE J 104 28.59 40.10 -2.55
N ALA J 105 28.18 40.91 -1.58
CA ALA J 105 26.99 40.63 -0.79
C ALA J 105 26.23 41.93 -0.53
N TRP J 106 24.93 41.79 -0.28
CA TRP J 106 24.07 42.93 -0.02
C TRP J 106 22.83 42.46 0.73
N ASN J 107 22.23 43.37 1.48
CA ASN J 107 21.08 43.04 2.31
C ASN J 107 19.81 42.98 1.47
N SER J 108 19.04 41.92 1.64
CA SER J 108 17.80 41.71 0.92
C SER J 108 16.65 41.43 1.89
N ASN J 109 16.63 42.16 3.01
CA ASN J 109 15.58 41.95 4.00
C ASN J 109 14.20 42.27 3.43
N ASN J 110 14.11 43.26 2.54
CA ASN J 110 12.82 43.65 1.98
C ASN J 110 12.29 42.65 0.96
N LEU J 111 13.09 41.69 0.54
CA LEU J 111 12.66 40.67 -0.43
C LEU J 111 12.57 39.28 0.15
N ASP J 112 13.55 38.86 0.93
CA ASP J 112 13.66 37.48 1.40
C ASP J 112 13.19 37.29 2.84
N SER J 113 12.51 38.28 3.41
CA SER J 113 11.90 38.14 4.72
C SER J 113 10.39 38.13 4.59
N LYS J 114 9.74 37.66 5.65
CA LYS J 114 8.29 37.53 5.68
C LYS J 114 7.84 37.52 7.12
N VAL J 115 6.74 38.23 7.41
CA VAL J 115 6.18 38.20 8.76
C VAL J 115 5.75 36.78 9.08
N GLY J 116 6.27 36.25 10.18
CA GLY J 116 6.07 34.85 10.51
C GLY J 116 7.17 33.93 10.01
N GLY J 117 8.06 34.42 9.17
CA GLY J 117 9.19 33.62 8.72
C GLY J 117 9.12 33.18 7.27
N ASN J 118 10.21 33.37 6.54
CA ASN J 118 10.35 32.86 5.18
C ASN J 118 11.16 31.56 5.24
N TYR J 119 10.54 30.46 4.83
CA TYR J 119 11.13 29.13 4.99
C TYR J 119 11.66 28.56 3.69
N ASN J 120 11.67 29.34 2.61
CA ASN J 120 12.12 28.83 1.31
C ASN J 120 13.64 28.71 1.22
N TYR J 121 14.39 29.29 2.15
CA TYR J 121 15.84 29.23 2.13
C TYR J 121 16.34 28.29 3.21
N LEU J 122 17.15 27.31 2.81
CA LEU J 122 17.70 26.32 3.71
C LEU J 122 19.22 26.26 3.57
N TYR J 123 19.88 25.83 4.64
CA TYR J 123 21.31 25.57 4.59
C TYR J 123 21.59 24.24 5.28
N ARG J 124 22.58 23.51 4.76
CA ARG J 124 22.92 22.21 5.32
C ARG J 124 23.58 22.38 6.67
N LEU J 125 23.01 21.74 7.69
CA LEU J 125 23.50 21.86 9.06
C LEU J 125 24.29 20.64 9.52
N PHE J 126 24.12 19.49 8.88
CA PHE J 126 24.82 18.28 9.27
C PHE J 126 25.36 17.58 8.03
N ARG J 127 26.58 17.05 8.13
CA ARG J 127 27.19 16.30 7.05
C ARG J 127 28.33 15.46 7.63
N LYS J 128 28.63 14.35 6.96
CA LYS J 128 29.65 13.43 7.44
C LYS J 128 31.07 13.92 7.15
N SER J 129 31.25 14.75 6.13
CA SER J 129 32.57 15.28 5.80
C SER J 129 32.41 16.67 5.22
N ASN J 130 33.44 17.50 5.40
CA ASN J 130 33.43 18.83 4.83
C ASN J 130 33.43 18.75 3.31
N LEU J 131 33.08 19.87 2.68
CA LEU J 131 33.01 19.95 1.23
C LEU J 131 34.36 20.31 0.65
N LYS J 132 34.66 19.75 -0.52
CA LYS J 132 35.79 20.21 -1.30
C LYS J 132 35.45 21.55 -1.93
N PRO J 133 36.45 22.33 -2.32
CA PRO J 133 36.18 23.59 -3.02
C PRO J 133 35.25 23.41 -4.21
N PHE J 134 34.19 24.23 -4.23
CA PHE J 134 33.19 24.27 -5.29
C PHE J 134 32.39 22.97 -5.42
N GLU J 135 32.36 22.16 -4.37
CA GLU J 135 31.53 20.97 -4.35
C GLU J 135 30.13 21.32 -3.86
N ARG J 136 29.13 20.73 -4.51
CA ARG J 136 27.73 21.04 -4.26
C ARG J 136 26.99 19.78 -3.82
N ASP J 137 26.28 19.87 -2.70
CA ASP J 137 25.56 18.73 -2.13
C ASP J 137 24.11 19.12 -1.93
N ILE J 138 23.21 18.45 -2.64
CA ILE J 138 21.77 18.71 -2.54
C ILE J 138 21.01 17.50 -2.01
N SER J 139 21.72 16.55 -1.40
CA SER J 139 21.08 15.36 -0.86
C SER J 139 20.34 15.69 0.42
N THR J 140 19.19 15.04 0.63
CA THR J 140 18.34 15.25 1.78
C THR J 140 18.13 13.96 2.55
N GLU J 141 19.15 13.12 2.63
CA GLU J 141 19.05 11.90 3.41
C GLU J 141 19.23 12.21 4.89
N ILE J 142 18.56 11.43 5.73
CA ILE J 142 18.55 11.70 7.16
C ILE J 142 19.94 11.45 7.74
N TYR J 143 20.48 12.45 8.43
CA TYR J 143 21.82 12.38 8.98
C TYR J 143 21.82 11.52 10.24
N GLN J 144 22.62 10.46 10.24
CA GLN J 144 22.73 9.57 11.39
C GLN J 144 23.81 10.13 12.32
N ALA J 145 23.38 10.74 13.42
CA ALA J 145 24.29 11.34 14.39
C ALA J 145 24.61 10.41 15.56
N GLY J 146 24.09 9.18 15.54
CA GLY J 146 24.35 8.22 16.60
C GLY J 146 24.83 6.89 16.04
N SER J 147 25.03 5.95 16.95
CA SER J 147 25.44 4.60 16.57
C SER J 147 24.26 3.76 16.07
N THR J 148 23.03 4.25 16.22
CA THR J 148 21.83 3.55 15.77
C THR J 148 21.45 4.01 14.37
N PRO J 149 21.16 3.10 13.45
CA PRO J 149 20.68 3.51 12.13
C PRO J 149 19.31 4.17 12.23
N CYS J 150 18.98 4.93 11.19
CA CYS J 150 17.73 5.69 11.15
C CYS J 150 16.65 5.04 10.31
N ASN J 151 17.03 4.32 9.24
CA ASN J 151 16.09 3.67 8.35
C ASN J 151 15.11 4.66 7.72
N GLY J 152 15.54 5.91 7.54
CA GLY J 152 14.68 6.90 6.93
C GLY J 152 13.58 7.43 7.82
N VAL J 153 13.82 7.50 9.13
CA VAL J 153 12.85 8.03 10.09
C VAL J 153 13.54 9.07 10.94
N GLU J 154 13.02 10.29 10.92
CA GLU J 154 13.55 11.35 11.76
C GLU J 154 13.23 11.08 13.23
N GLY J 155 14.16 11.46 14.10
CA GLY J 155 13.96 11.29 15.52
C GLY J 155 15.17 11.70 16.35
N PHE J 156 15.35 11.06 17.50
CA PHE J 156 16.53 11.30 18.31
C PHE J 156 17.78 10.80 17.59
N ASN J 157 18.77 11.67 17.46
CA ASN J 157 20.01 11.37 16.74
C ASN J 157 19.77 10.97 15.28
N CYS J 158 18.66 11.44 14.70
CA CYS J 158 18.33 11.22 13.30
C CYS J 158 17.71 12.51 12.78
N TYR J 159 18.52 13.34 12.13
CA TYR J 159 18.15 14.71 11.78
C TYR J 159 17.84 14.84 10.30
N PHE J 160 16.95 15.77 9.99
CA PHE J 160 16.81 16.26 8.63
C PHE J 160 17.95 17.23 8.36
N PRO J 161 18.80 16.99 7.36
CA PRO J 161 20.08 17.71 7.28
C PRO J 161 19.96 19.19 6.94
N LEU J 162 18.83 19.65 6.42
CA LEU J 162 18.67 21.04 6.03
C LEU J 162 17.91 21.80 7.11
N GLN J 163 18.39 23.01 7.41
CA GLN J 163 17.79 23.88 8.42
C GLN J 163 17.26 25.14 7.75
N SER J 164 16.08 25.58 8.20
CA SER J 164 15.42 26.74 7.61
C SER J 164 15.83 28.01 8.35
N TYR J 165 16.15 29.06 7.59
CA TYR J 165 16.52 30.33 8.19
C TYR J 165 15.33 30.98 8.89
N GLY J 166 14.14 30.89 8.29
CA GLY J 166 12.97 31.54 8.83
C GLY J 166 13.15 33.04 8.95
N PHE J 167 13.51 33.69 7.83
CA PHE J 167 13.84 35.10 7.85
C PHE J 167 12.63 35.94 8.25
N GLN J 168 12.84 36.86 9.20
CA GLN J 168 11.83 37.83 9.61
C GLN J 168 12.39 39.24 9.48
N PRO J 169 11.56 40.21 9.08
CA PRO J 169 12.07 41.58 8.95
C PRO J 169 12.55 42.18 10.27
N THR J 170 12.03 41.70 11.39
CA THR J 170 12.38 42.22 12.70
C THR J 170 13.69 41.64 13.25
N ASN J 171 14.32 40.71 12.53
CA ASN J 171 15.58 40.15 12.99
C ASN J 171 16.69 41.20 12.96
N GLY J 172 17.75 40.93 13.70
CA GLY J 172 18.95 41.74 13.61
C GLY J 172 19.66 41.54 12.29
N VAL J 173 20.64 42.40 12.03
CA VAL J 173 21.38 42.32 10.77
C VAL J 173 22.08 40.98 10.64
N GLY J 174 22.57 40.42 11.74
CA GLY J 174 23.24 39.14 11.69
C GLY J 174 22.31 38.00 11.30
N TYR J 175 21.02 38.14 11.58
CA TYR J 175 20.03 37.12 11.23
C TYR J 175 19.10 37.57 10.10
N GLN J 176 19.49 38.62 9.35
CA GLN J 176 18.75 39.05 8.17
C GLN J 176 19.32 38.41 6.91
N PRO J 177 18.49 38.23 5.88
CA PRO J 177 18.99 37.58 4.66
C PRO J 177 19.91 38.48 3.86
N TYR J 178 20.98 37.88 3.35
CA TYR J 178 21.91 38.54 2.45
C TYR J 178 22.10 37.69 1.21
N ARG J 179 22.08 38.34 0.04
CA ARG J 179 22.33 37.66 -1.23
C ARG J 179 23.80 37.83 -1.60
N VAL J 180 24.43 36.73 -1.99
CA VAL J 180 25.86 36.68 -2.24
C VAL J 180 26.08 36.37 -3.72
N VAL J 181 27.10 37.00 -4.30
CA VAL J 181 27.57 36.68 -5.64
C VAL J 181 29.08 36.56 -5.58
N VAL J 182 29.59 35.35 -5.88
CA VAL J 182 31.02 35.07 -5.82
C VAL J 182 31.53 34.98 -7.25
N LEU J 183 32.32 35.97 -7.65
CA LEU J 183 32.89 36.01 -9.00
C LEU J 183 34.22 35.26 -9.00
N SER J 184 34.32 34.24 -9.84
CA SER J 184 35.55 33.47 -10.00
C SER J 184 36.18 33.79 -11.35
N PHE J 185 37.46 34.19 -11.31
CA PHE J 185 38.21 34.54 -12.50
C PHE J 185 39.28 33.49 -12.77
N GLU J 186 39.35 33.03 -14.01
CA GLU J 186 40.32 32.01 -14.39
C GLU J 186 41.47 32.62 -15.19
N VAL K 4 41.64 38.01 11.17
CA VAL K 4 41.19 39.36 10.86
C VAL K 4 41.08 40.18 12.15
N GLN K 5 41.80 41.30 12.20
CA GLN K 5 41.84 42.17 13.37
C GLN K 5 41.09 43.46 13.04
N LEU K 6 40.10 43.79 13.86
CA LEU K 6 39.30 45.00 13.70
C LEU K 6 39.25 45.71 15.04
N VAL K 7 39.94 46.84 15.14
CA VAL K 7 40.01 47.62 16.38
C VAL K 7 39.43 49.00 16.12
N GLU K 8 38.59 49.47 17.04
CA GLU K 8 37.92 50.75 16.91
C GLU K 8 38.36 51.70 18.02
N SER K 9 38.27 53.00 17.73
CA SER K 9 38.64 54.02 18.70
C SER K 9 37.80 55.27 18.44
N GLY K 10 37.76 56.16 19.43
CA GLY K 10 37.08 57.43 19.33
C GLY K 10 35.87 57.57 20.22
N GLY K 11 35.30 56.47 20.69
CA GLY K 11 34.10 56.51 21.52
C GLY K 11 34.30 57.27 22.81
N ALA K 12 33.36 58.16 23.12
CA ALA K 12 33.44 58.98 24.33
C ALA K 12 32.03 59.45 24.68
N LEU K 13 31.95 60.38 25.63
CA LEU K 13 30.69 60.96 26.06
C LEU K 13 30.57 62.37 25.47
N VAL K 14 29.47 62.63 24.77
CA VAL K 14 29.21 63.93 24.16
C VAL K 14 27.76 64.29 24.41
N GLN K 15 27.52 65.54 24.82
CA GLN K 15 26.16 66.02 25.02
C GLN K 15 25.41 66.02 23.68
N PRO K 16 24.06 66.01 23.72
CA PRO K 16 23.28 66.07 22.47
C PRO K 16 23.74 67.19 21.54
N GLY K 17 24.08 66.82 20.31
CA GLY K 17 24.71 67.74 19.38
C GLY K 17 26.21 67.55 19.34
N GLY K 18 26.88 68.51 18.72
CA GLY K 18 28.32 68.48 18.65
C GLY K 18 28.83 67.53 17.57
N SER K 19 30.03 67.01 17.79
CA SER K 19 30.68 66.16 16.80
C SER K 19 31.58 65.15 17.50
N LEU K 20 31.73 63.99 16.85
CA LEU K 20 32.61 62.93 17.34
C LEU K 20 33.18 62.20 16.12
N ARG K 21 34.40 61.70 16.27
CA ARG K 21 35.09 60.98 15.20
C ARG K 21 35.47 59.59 15.69
N LEU K 22 35.19 58.58 14.87
CA LEU K 22 35.54 57.20 15.15
C LEU K 22 36.54 56.71 14.12
N SER K 23 37.35 55.73 14.52
CA SER K 23 38.33 55.12 13.64
C SER K 23 38.27 53.60 13.77
N CYS K 24 38.65 52.91 12.70
CA CYS K 24 38.67 51.45 12.67
C CYS K 24 39.90 51.01 11.88
N VAL K 25 40.98 50.71 12.60
CA VAL K 25 42.18 50.19 11.95
C VAL K 25 42.02 48.69 11.74
N ALA K 26 42.22 48.24 10.50
CA ALA K 26 42.02 46.85 10.13
C ALA K 26 43.34 46.24 9.68
N SER K 27 43.57 44.99 10.09
CA SER K 27 44.76 44.25 9.70
C SER K 27 44.40 42.78 9.55
N GLY K 28 45.12 42.10 8.66
CA GLY K 28 44.89 40.71 8.37
C GLY K 28 44.32 40.45 6.99
N PHE K 29 43.95 41.49 6.25
CA PHE K 29 43.43 41.34 4.90
C PHE K 29 43.77 42.57 4.09
N THR K 30 43.70 42.42 2.77
CA THR K 30 43.97 43.54 1.86
C THR K 30 42.89 44.60 2.03
N PHE K 31 43.13 45.56 2.91
CA PHE K 31 42.13 46.60 3.21
C PHE K 31 41.77 47.40 1.98
N SER K 32 42.71 47.58 1.04
CA SER K 32 42.44 48.35 -0.15
C SER K 32 41.48 47.66 -1.11
N SER K 33 41.19 46.38 -0.91
CA SER K 33 40.34 45.61 -1.81
C SER K 33 39.05 45.16 -1.15
N PHE K 34 38.70 45.71 0.02
CA PHE K 34 37.53 45.29 0.77
C PHE K 34 36.62 46.49 0.99
N ALA K 35 35.32 46.29 0.73
CA ALA K 35 34.34 47.29 1.14
C ALA K 35 34.17 47.24 2.65
N MET K 36 33.79 48.39 3.22
CA MET K 36 33.66 48.51 4.66
C MET K 36 32.32 49.13 5.00
N GLY K 37 31.88 48.92 6.24
CA GLY K 37 30.62 49.46 6.71
C GLY K 37 30.59 49.50 8.22
N TRP K 38 29.87 50.49 8.75
CA TRP K 38 29.71 50.67 10.18
C TRP K 38 28.39 50.06 10.65
N TYR K 39 28.42 49.39 11.79
CA TYR K 39 27.25 48.78 12.38
C TYR K 39 27.20 49.15 13.86
N ARG K 40 25.98 49.23 14.41
CA ARG K 40 25.81 49.62 15.80
C ARG K 40 24.72 48.78 16.43
N GLN K 41 24.80 48.63 17.76
CA GLN K 41 23.83 47.88 18.52
C GLN K 41 23.62 48.58 19.86
N ALA K 42 22.50 49.29 19.98
CA ALA K 42 22.16 49.91 21.25
C ALA K 42 21.82 48.86 22.29
N PRO K 43 22.02 49.15 23.58
CA PRO K 43 21.67 48.16 24.61
C PRO K 43 20.18 47.88 24.66
N GLY K 44 19.80 46.65 24.31
CA GLY K 44 18.41 46.24 24.30
C GLY K 44 17.83 46.05 22.91
N LYS K 45 18.46 46.61 21.88
CA LYS K 45 17.99 46.48 20.52
C LYS K 45 18.91 45.57 19.73
N GLU K 46 18.49 45.25 18.50
CA GLU K 46 19.25 44.39 17.62
C GLU K 46 20.40 45.14 16.96
N CYS K 47 21.36 44.39 16.43
CA CYS K 47 22.44 44.98 15.65
C CYS K 47 21.87 45.56 14.36
N GLU K 48 22.29 46.78 14.03
CA GLU K 48 21.76 47.48 12.86
C GLU K 48 22.88 48.14 12.08
N TRP K 49 22.67 48.25 10.77
CA TRP K 49 23.63 48.85 9.85
C TRP K 49 23.45 50.37 9.79
N VAL K 50 24.56 51.09 9.68
CA VAL K 50 24.51 52.54 9.73
C VAL K 50 25.15 53.18 8.49
N ALA K 51 26.15 52.52 7.90
CA ALA K 51 26.87 53.15 6.80
C ALA K 51 27.63 52.11 6.01
N THR K 52 28.07 52.51 4.81
CA THR K 52 28.82 51.66 3.91
C THR K 52 29.65 52.54 2.98
N ILE K 53 30.90 52.16 2.74
CA ILE K 53 31.78 52.86 1.83
C ILE K 53 32.38 51.86 0.85
N THR K 54 32.55 52.29 -0.40
CA THR K 54 33.00 51.41 -1.47
C THR K 54 34.49 51.11 -1.34
N ILE K 55 35.05 50.43 -2.34
CA ILE K 55 36.46 50.10 -2.39
C ILE K 55 37.28 51.39 -2.44
N THR K 56 37.15 52.12 -3.55
CA THR K 56 37.88 53.36 -3.74
C THR K 56 37.30 54.53 -2.95
N GLY K 57 36.25 54.30 -2.16
CA GLY K 57 35.62 55.36 -1.39
C GLY K 57 34.85 56.37 -2.19
N GLY K 58 34.73 56.19 -3.51
CA GLY K 58 34.06 57.17 -4.36
C GLY K 58 32.56 57.26 -4.17
N SER K 59 31.96 56.34 -3.42
CA SER K 59 30.53 56.38 -3.16
C SER K 59 30.28 55.82 -1.76
N THR K 60 29.22 56.32 -1.12
CA THR K 60 28.87 55.91 0.22
C THR K 60 27.36 55.65 0.29
N ASN K 61 26.91 55.20 1.46
CA ASN K 61 25.53 54.84 1.68
C ASN K 61 25.28 54.82 3.17
N TYR K 62 24.19 55.45 3.61
CA TYR K 62 23.92 55.62 5.03
C TYR K 62 22.52 55.13 5.36
N ALA K 63 22.30 54.87 6.65
CA ALA K 63 20.96 54.61 7.13
C ALA K 63 20.15 55.91 7.10
N ASP K 64 18.83 55.77 7.06
CA ASP K 64 17.97 56.95 7.05
C ASP K 64 18.06 57.70 8.37
N SER K 65 18.23 56.97 9.48
CA SER K 65 18.30 57.62 10.79
C SER K 65 19.52 58.51 10.94
N VAL K 66 20.58 58.27 10.15
CA VAL K 66 21.81 59.03 10.27
C VAL K 66 22.16 59.76 8.97
N LYS K 67 21.27 59.73 7.98
CA LYS K 67 21.55 60.39 6.71
C LYS K 67 21.57 61.91 6.91
N GLY K 68 22.62 62.55 6.43
CA GLY K 68 22.82 63.96 6.61
C GLY K 68 23.66 64.35 7.81
N ARG K 69 23.76 63.47 8.80
CA ARG K 69 24.53 63.75 10.01
C ARG K 69 25.86 63.01 10.06
N PHE K 70 25.89 61.73 9.69
CA PHE K 70 27.12 60.95 9.73
C PHE K 70 27.82 61.02 8.38
N THR K 71 29.14 60.85 8.40
CA THR K 71 29.95 60.83 7.19
C THR K 71 31.06 59.80 7.35
N ILE K 72 31.08 58.80 6.47
CA ILE K 72 32.05 57.71 6.51
C ILE K 72 33.13 57.99 5.47
N SER K 73 34.37 57.67 5.83
CA SER K 73 35.51 57.87 4.94
C SER K 73 36.53 56.78 5.20
N ARG K 74 37.55 56.73 4.35
CA ARG K 74 38.59 55.72 4.45
C ARG K 74 39.91 56.27 3.93
N ASP K 75 41.00 55.62 4.33
CA ASP K 75 42.36 56.07 4.02
C ASP K 75 43.10 55.15 3.07
N ASN K 76 42.96 53.83 3.22
CA ASN K 76 43.69 52.83 2.44
C ASN K 76 45.19 52.86 2.71
N ALA K 77 45.80 54.05 2.69
CA ALA K 77 47.22 54.16 2.98
C ALA K 77 47.52 53.84 4.44
N LYS K 78 46.55 54.05 5.33
CA LYS K 78 46.71 53.77 6.76
C LYS K 78 45.86 52.60 7.23
N ASN K 79 45.06 52.00 6.34
CA ASN K 79 44.20 50.85 6.68
C ASN K 79 43.23 51.18 7.81
N THR K 80 42.71 52.41 7.80
CA THR K 80 41.80 52.86 8.85
C THR K 80 40.49 53.33 8.23
N LEU K 81 39.41 53.16 8.99
CA LEU K 81 38.06 53.50 8.56
C LEU K 81 37.49 54.52 9.53
N TYR K 82 37.09 55.69 9.00
CA TYR K 82 36.61 56.79 9.81
C TYR K 82 35.08 56.89 9.75
N LEU K 83 34.52 57.54 10.78
CA LEU K 83 33.09 57.83 10.81
C LEU K 83 32.90 59.13 11.59
N GLN K 84 32.77 60.23 10.86
CA GLN K 84 32.54 61.54 11.47
C GLN K 84 31.06 61.67 11.82
N MET K 85 30.76 61.81 13.11
CA MET K 85 29.40 61.85 13.61
C MET K 85 29.10 63.26 14.12
N ASN K 86 28.32 64.02 13.35
CA ASN K 86 27.92 65.37 13.72
C ASN K 86 26.45 65.38 14.10
N SER K 87 26.07 66.36 14.92
CA SER K 87 24.71 66.54 15.39
C SER K 87 24.17 65.25 16.03
N LEU K 88 24.81 64.86 17.13
CA LEU K 88 24.46 63.61 17.80
C LEU K 88 23.10 63.71 18.45
N LYS K 89 22.33 62.63 18.35
CA LYS K 89 21.01 62.52 18.93
C LYS K 89 20.99 61.45 20.01
N PRO K 90 20.12 61.56 21.02
CA PRO K 90 20.11 60.57 22.10
C PRO K 90 19.82 59.15 21.63
N GLU K 91 19.29 58.96 20.42
CA GLU K 91 19.02 57.63 19.90
C GLU K 91 20.25 56.98 19.28
N ASP K 92 21.42 57.60 19.42
CA ASP K 92 22.65 57.06 18.85
C ASP K 92 23.52 56.35 19.88
N THR K 93 23.05 56.20 21.12
CA THR K 93 23.81 55.50 22.15
C THR K 93 23.91 54.03 21.76
N ALA K 94 25.06 53.64 21.21
CA ALA K 94 25.26 52.27 20.75
C ALA K 94 26.75 52.01 20.60
N VAL K 95 27.11 50.73 20.55
CA VAL K 95 28.48 50.31 20.31
C VAL K 95 28.67 50.20 18.80
N TYR K 96 29.62 50.98 18.27
CA TYR K 96 29.81 51.09 16.83
C TYR K 96 30.90 50.11 16.39
N TYR K 97 30.51 49.11 15.61
CA TYR K 97 31.43 48.13 15.05
C TYR K 97 31.67 48.43 13.58
N CYS K 98 32.85 48.02 13.09
CA CYS K 98 33.17 48.10 11.67
C CYS K 98 33.60 46.72 11.20
N ASN K 99 33.23 46.37 9.97
CA ASN K 99 33.36 45.01 9.49
C ASN K 99 33.10 44.94 7.99
N PRO K 100 34.01 44.35 7.20
CA PRO K 100 33.71 44.14 5.77
C PRO K 100 32.56 43.17 5.53
N ASP K 101 32.12 42.46 6.55
CA ASP K 101 30.97 41.58 6.52
C ASP K 101 29.83 42.18 7.34
N PRO K 102 28.59 41.72 7.13
CA PRO K 102 27.48 42.24 7.92
C PRO K 102 27.57 41.85 9.38
N GLY K 103 26.84 42.58 10.21
CA GLY K 103 26.65 42.21 11.59
C GLY K 103 27.64 42.89 12.54
N CYS K 104 27.35 42.75 13.83
CA CYS K 104 28.17 43.28 14.90
C CYS K 104 29.09 42.23 15.50
N ARG K 105 29.18 41.05 14.89
CA ARG K 105 30.03 39.97 15.37
C ARG K 105 31.13 39.64 14.37
N GLY K 106 31.68 40.67 13.74
CA GLY K 106 32.76 40.48 12.78
C GLY K 106 34.12 40.21 13.38
N GLY K 107 34.23 40.21 14.70
CA GLY K 107 35.51 40.02 15.37
C GLY K 107 36.03 41.25 16.08
N GLY K 108 35.41 42.41 15.87
CA GLY K 108 35.84 43.62 16.53
C GLY K 108 35.13 43.85 17.86
N GLN K 109 35.70 44.74 18.67
CA GLN K 109 35.12 45.08 19.96
C GLN K 109 34.35 46.39 19.94
N GLY K 110 34.60 47.25 18.95
CA GLY K 110 33.90 48.52 18.85
C GLY K 110 34.29 49.48 19.96
N THR K 111 33.56 50.60 20.00
CA THR K 111 33.72 51.60 21.03
C THR K 111 32.37 52.10 21.48
N GLN K 112 32.23 52.33 22.78
CA GLN K 112 30.97 52.82 23.34
C GLN K 112 30.83 54.31 23.08
N VAL K 113 29.69 54.70 22.52
CA VAL K 113 29.37 56.09 22.23
C VAL K 113 28.06 56.42 22.93
N THR K 114 28.13 57.27 23.95
CA THR K 114 26.96 57.69 24.71
C THR K 114 26.69 59.17 24.47
N VAL K 115 25.42 59.55 24.55
CA VAL K 115 25.00 60.92 24.28
C VAL K 115 23.97 61.32 25.33
N SER K 116 24.34 62.26 26.20
CA SER K 116 23.44 62.74 27.24
C SER K 116 23.94 64.06 27.82
N GLN L 4 13.86 41.13 20.04
CA GLN L 4 14.57 40.10 20.80
C GLN L 4 13.60 39.12 21.44
N VAL L 5 13.94 37.84 21.41
CA VAL L 5 13.15 36.78 22.02
C VAL L 5 13.71 36.50 23.40
N GLN L 6 12.88 36.69 24.43
CA GLN L 6 13.29 36.49 25.81
C GLN L 6 12.75 35.17 26.31
N LEU L 7 13.66 34.26 26.68
CA LEU L 7 13.31 32.97 27.26
C LEU L 7 13.76 32.98 28.72
N VAL L 8 12.79 33.06 29.63
CA VAL L 8 13.06 33.10 31.06
C VAL L 8 12.70 31.73 31.66
N GLU L 9 13.63 31.17 32.43
CA GLU L 9 13.43 29.88 33.07
C GLU L 9 13.24 30.06 34.57
N SER L 10 12.47 29.16 35.17
CA SER L 10 12.20 29.22 36.60
C SER L 10 11.99 27.80 37.12
N GLY L 11 12.04 27.67 38.44
CA GLY L 11 11.91 26.38 39.08
C GLY L 11 13.19 25.57 39.01
N GLY L 12 13.26 24.56 39.88
CA GLY L 12 14.41 23.68 39.88
C GLY L 12 15.36 23.91 41.04
N GLY L 13 15.64 22.86 41.81
CA GLY L 13 16.55 22.96 42.93
C GLY L 13 16.93 21.60 43.49
N LEU L 14 17.25 21.57 44.78
CA LEU L 14 17.64 20.33 45.45
C LEU L 14 16.41 19.42 45.57
N VAL L 15 16.38 18.36 44.76
CA VAL L 15 15.27 17.41 44.75
C VAL L 15 15.82 16.03 45.10
N GLN L 16 15.03 15.26 45.83
CA GLN L 16 15.44 13.93 46.26
C GLN L 16 15.36 12.94 45.09
N PRO L 17 16.12 11.85 45.16
CA PRO L 17 16.00 10.81 44.13
C PRO L 17 14.59 10.26 44.08
N GLY L 18 14.16 9.92 42.86
CA GLY L 18 12.81 9.44 42.63
C GLY L 18 11.73 10.49 42.76
N GLY L 19 12.08 11.74 43.05
CA GLY L 19 11.10 12.79 43.21
C GLY L 19 10.66 13.39 41.89
N SER L 20 9.90 14.48 42.00
CA SER L 20 9.37 15.19 40.85
C SER L 20 9.79 16.65 40.89
N LEU L 21 9.64 17.31 39.76
CA LEU L 21 10.01 18.71 39.59
C LEU L 21 9.52 19.19 38.24
N ARG L 22 9.08 20.45 38.17
CA ARG L 22 8.59 21.04 36.94
C ARG L 22 9.36 22.32 36.65
N LEU L 23 9.83 22.45 35.41
CA LEU L 23 10.56 23.64 34.96
C LEU L 23 9.67 24.44 34.01
N SER L 24 9.76 25.76 34.10
CA SER L 24 8.95 26.67 33.30
C SER L 24 9.84 27.51 32.39
N CYS L 25 9.32 27.80 31.20
CA CYS L 25 10.04 28.57 30.19
C CYS L 25 9.06 29.56 29.57
N GLU L 26 9.28 30.85 29.79
CA GLU L 26 8.40 31.90 29.29
C GLU L 26 8.81 32.27 27.88
N THR L 27 8.04 31.83 26.89
CA THR L 27 8.31 32.17 25.49
C THR L 27 7.69 33.53 25.20
N SER L 28 8.52 34.57 25.20
CA SER L 28 8.06 35.94 24.97
C SER L 28 8.78 36.48 23.74
N GLY L 29 8.02 36.70 22.66
CA GLY L 29 8.56 37.32 21.46
C GLY L 29 8.61 36.41 20.25
N ILE L 30 8.24 35.13 20.39
CA ILE L 30 8.30 34.21 19.26
C ILE L 30 7.16 34.55 18.30
N THR L 31 7.52 35.09 17.13
CA THR L 31 6.54 35.40 16.09
C THR L 31 6.69 34.50 14.87
N LEU L 32 7.41 33.39 14.99
CA LEU L 32 7.56 32.47 13.88
C LEU L 32 6.32 31.58 13.75
N ASP L 33 6.05 31.18 12.50
CA ASP L 33 4.92 30.30 12.24
C ASP L 33 5.23 28.86 12.68
N TYR L 34 6.26 28.27 12.09
CA TYR L 34 6.67 26.90 12.39
C TYR L 34 8.03 26.94 13.08
N TYR L 35 8.07 26.50 14.33
CA TYR L 35 9.30 26.50 15.11
C TYR L 35 9.30 25.32 16.08
N ALA L 36 10.41 25.16 16.78
CA ALA L 36 10.60 24.03 17.70
C ALA L 36 11.08 24.54 19.05
N ILE L 37 10.68 23.85 20.10
CA ILE L 37 11.08 24.15 21.47
C ILE L 37 11.71 22.90 22.07
N GLY L 38 12.80 23.09 22.80
CA GLY L 38 13.52 21.96 23.36
C GLY L 38 14.13 22.29 24.70
N TRP L 39 14.32 21.24 25.51
CA TRP L 39 15.02 21.33 26.79
C TRP L 39 16.36 20.61 26.69
N PHE L 40 17.40 21.22 27.26
CA PHE L 40 18.76 20.73 27.11
C PHE L 40 19.42 20.61 28.48
N LEU L 41 20.02 19.44 28.73
CA LEU L 41 20.75 19.20 29.96
C LEU L 41 22.22 19.54 29.75
N GLN L 42 22.75 20.43 30.59
CA GLN L 42 24.14 20.89 30.49
C GLN L 42 24.89 20.40 31.73
N VAL L 43 25.58 19.27 31.58
CA VAL L 43 26.44 18.74 32.63
C VAL L 43 27.76 19.50 32.59
N PRO L 44 28.30 19.92 33.72
CA PRO L 44 29.59 20.63 33.71
C PRO L 44 30.70 19.75 33.13
N GLY L 45 31.45 20.31 32.20
CA GLY L 45 32.50 19.57 31.51
C GLY L 45 32.03 18.69 30.38
N LYS L 46 30.74 18.72 30.05
CA LYS L 46 30.18 17.93 28.97
C LYS L 46 29.55 18.84 27.93
N GLU L 47 29.26 18.26 26.76
CA GLU L 47 28.54 18.99 25.73
C GLU L 47 27.06 19.04 26.07
N ARG L 48 26.38 20.06 25.54
CA ARG L 48 24.97 20.25 25.83
C ARG L 48 24.13 19.20 25.11
N GLU L 49 23.24 18.56 25.85
CA GLU L 49 22.44 17.45 25.33
C GLU L 49 20.96 17.75 25.51
N GLY L 50 20.20 17.60 24.44
CA GLY L 50 18.76 17.80 24.51
C GLY L 50 18.04 16.55 24.98
N VAL L 51 16.98 16.76 25.78
CA VAL L 51 16.25 15.64 26.37
C VAL L 51 14.77 15.73 26.00
N ALA L 52 14.27 16.94 25.76
CA ALA L 52 12.88 17.16 25.41
C ALA L 52 12.81 18.01 24.15
N CYS L 53 11.68 17.90 23.46
CA CYS L 53 11.59 18.35 22.07
C CYS L 53 10.14 18.42 21.62
N MET L 54 9.72 19.54 21.02
CA MET L 54 8.37 19.62 20.49
C MET L 54 8.32 20.71 19.42
N ARG L 55 7.44 20.52 18.46
CA ARG L 55 7.16 21.53 17.44
C ARG L 55 5.83 22.21 17.75
N ASN L 56 5.66 23.41 17.20
CA ASN L 56 4.61 24.29 17.68
C ASN L 56 3.24 23.99 17.06
N TRP L 57 3.21 23.64 15.78
CA TRP L 57 1.93 23.67 15.06
C TRP L 57 1.02 22.51 15.50
N ASP L 58 1.56 21.31 15.65
CA ASP L 58 0.76 20.17 16.10
C ASP L 58 1.12 19.72 17.51
N GLY L 59 2.14 20.31 18.12
CA GLY L 59 2.55 19.90 19.46
C GLY L 59 3.19 18.54 19.54
N SER L 60 3.60 17.96 18.41
CA SER L 60 4.22 16.65 18.41
C SER L 60 5.52 16.68 19.20
N THR L 61 5.68 15.72 20.10
CA THR L 61 6.82 15.70 21.02
C THR L 61 7.81 14.62 20.61
N LEU L 62 9.02 14.73 21.17
CA LEU L 62 10.10 13.79 20.92
C LEU L 62 11.01 13.80 22.15
N TYR L 63 11.42 12.62 22.59
CA TYR L 63 12.12 12.48 23.86
C TYR L 63 13.39 11.67 23.70
N ALA L 64 14.35 11.95 24.59
CA ALA L 64 15.56 11.13 24.65
C ALA L 64 15.24 9.79 25.30
N PRO L 65 15.85 8.70 24.82
CA PRO L 65 15.54 7.38 25.39
C PRO L 65 15.83 7.28 26.88
N SER L 66 16.74 8.08 27.42
CA SER L 66 17.01 8.04 28.85
C SER L 66 15.92 8.70 29.68
N VAL L 67 15.12 9.59 29.07
CA VAL L 67 14.05 10.28 29.79
C VAL L 67 12.66 9.82 29.35
N LYS L 68 12.56 9.00 28.31
CA LYS L 68 11.26 8.55 27.84
C LYS L 68 10.52 7.80 28.94
N GLY L 69 9.30 8.25 29.24
CA GLY L 69 8.51 7.72 30.32
C GLY L 69 8.65 8.50 31.61
N ARG L 70 9.78 9.19 31.81
CA ARG L 70 10.00 9.96 33.02
C ARG L 70 9.78 11.46 32.83
N PHE L 71 10.08 11.99 31.65
CA PHE L 71 9.92 13.41 31.37
C PHE L 71 8.76 13.64 30.42
N THR L 72 8.21 14.86 30.46
CA THR L 72 7.14 15.26 29.57
C THR L 72 7.28 16.75 29.26
N ILE L 73 7.28 17.09 27.97
CA ILE L 73 7.35 18.47 27.53
C ILE L 73 5.97 18.91 27.07
N SER L 74 5.60 20.14 27.41
CA SER L 74 4.30 20.69 27.05
C SER L 74 4.36 22.20 27.16
N ARG L 75 3.35 22.86 26.60
CA ARG L 75 3.29 24.32 26.63
C ARG L 75 1.84 24.76 26.78
N ASP L 76 1.67 26.07 26.93
CA ASP L 76 0.36 26.70 26.98
C ASP L 76 0.32 27.81 25.94
N ALA L 77 -0.68 27.77 25.07
CA ALA L 77 -0.74 28.73 23.97
C ALA L 77 -0.96 30.15 24.47
N ASP L 78 -2.01 30.35 25.27
CA ASP L 78 -2.35 31.71 25.71
C ASP L 78 -1.36 32.23 26.74
N LYS L 79 -0.94 31.38 27.68
CA LYS L 79 0.02 31.81 28.70
C LYS L 79 1.42 32.01 28.12
N GLU L 80 1.71 31.43 26.96
CA GLU L 80 3.03 31.54 26.33
C GLU L 80 4.13 31.01 27.26
N VAL L 81 3.88 29.85 27.85
CA VAL L 81 4.80 29.22 28.79
C VAL L 81 4.99 27.76 28.39
N ALA L 82 6.24 27.32 28.33
CA ALA L 82 6.58 25.93 28.04
C ALA L 82 7.01 25.23 29.32
N TYR L 83 6.61 23.97 29.47
CA TYR L 83 6.84 23.22 30.71
C TYR L 83 7.66 21.97 30.43
N LEU L 84 8.30 21.47 31.49
CA LEU L 84 9.01 20.20 31.46
C LEU L 84 8.77 19.50 32.80
N GLU L 85 7.88 18.53 32.80
CA GLU L 85 7.62 17.74 34.00
C GLU L 85 8.67 16.65 34.13
N MET L 86 9.40 16.65 35.24
CA MET L 86 10.51 15.73 35.47
C MET L 86 10.13 14.80 36.62
N ASN L 87 9.81 13.55 36.29
CA ASN L 87 9.42 12.54 37.26
C ASN L 87 10.47 11.44 37.33
N SER L 88 10.50 10.74 38.46
CA SER L 88 11.46 9.66 38.70
C SER L 88 12.89 10.14 38.44
N LEU L 89 13.26 11.23 39.11
CA LEU L 89 14.55 11.84 38.88
C LEU L 89 15.68 10.96 39.39
N LYS L 90 16.77 10.92 38.62
CA LYS L 90 17.95 10.12 38.95
C LYS L 90 19.14 11.05 39.14
N SER L 91 20.19 10.50 39.77
CA SER L 91 21.41 11.27 39.97
C SER L 91 22.02 11.71 38.66
N GLU L 92 21.85 10.91 37.60
CA GLU L 92 22.40 11.25 36.29
C GLU L 92 21.69 12.42 35.63
N ASP L 93 20.54 12.85 36.17
CA ASP L 93 19.84 14.01 35.65
C ASP L 93 20.38 15.33 36.19
N THR L 94 21.33 15.29 37.11
CA THR L 94 21.83 16.50 37.77
C THR L 94 22.58 17.37 36.76
N GLY L 95 22.14 18.61 36.61
CA GLY L 95 22.82 19.54 35.74
C GLY L 95 22.02 20.82 35.61
N VAL L 96 22.47 21.67 34.69
CA VAL L 96 21.80 22.92 34.37
C VAL L 96 20.94 22.69 33.12
N TYR L 97 19.65 22.95 33.25
CA TYR L 97 18.70 22.74 32.15
C TYR L 97 18.38 24.06 31.47
N TYR L 98 18.54 24.10 30.15
CA TYR L 98 18.17 25.24 29.34
C TYR L 98 16.95 24.90 28.49
N CYS L 99 16.11 25.90 28.25
CA CYS L 99 15.09 25.80 27.20
C CYS L 99 15.53 26.65 26.02
N ALA L 100 15.22 26.18 24.82
CA ALA L 100 15.67 26.85 23.60
C ALA L 100 14.58 26.76 22.55
N ALA L 101 14.63 27.71 21.61
CA ALA L 101 13.70 27.75 20.49
C ALA L 101 14.47 28.04 19.21
N GLY L 102 13.85 27.71 18.08
CA GLY L 102 14.47 27.93 16.80
C GLY L 102 13.53 27.56 15.65
N PRO L 103 13.83 28.07 14.46
CA PRO L 103 12.99 27.74 13.30
C PRO L 103 13.06 26.26 12.96
N LEU L 104 11.95 25.73 12.47
CA LEU L 104 11.85 24.33 12.09
C LEU L 104 11.14 24.24 10.74
N PRO L 105 11.73 23.58 9.77
CA PRO L 105 11.07 23.41 8.46
C PRO L 105 9.74 22.69 8.62
N PRO L 106 8.71 23.13 7.90
CA PRO L 106 7.39 22.50 8.07
C PRO L 106 7.40 21.05 7.61
N GLY L 107 6.65 20.22 8.33
CA GLY L 107 6.59 18.81 8.02
C GLY L 107 7.85 18.05 8.36
N HIS L 108 8.62 18.51 9.34
CA HIS L 108 9.84 17.85 9.76
C HIS L 108 9.89 17.80 11.28
N SER L 109 10.63 16.84 11.81
CA SER L 109 10.70 16.63 13.24
C SER L 109 11.71 17.58 13.87
N CYS L 110 11.49 17.90 15.14
CA CYS L 110 12.46 18.66 15.90
C CYS L 110 13.63 17.75 16.27
N ARG L 111 14.82 18.35 16.39
CA ARG L 111 16.04 17.61 16.68
C ARG L 111 16.38 17.76 18.16
N ILE L 112 16.32 16.66 18.91
CA ILE L 112 16.51 16.72 20.36
C ILE L 112 17.98 16.90 20.72
N PRO L 113 18.88 15.93 20.39
CA PRO L 113 20.20 15.95 21.03
C PRO L 113 21.03 17.17 20.65
N THR L 114 21.06 17.50 19.36
CA THR L 114 21.92 18.57 18.90
C THR L 114 21.41 19.91 19.40
N PRO L 115 22.28 20.78 19.93
CA PRO L 115 21.88 22.16 20.22
C PRO L 115 21.84 23.06 18.99
N LEU L 116 22.25 22.54 17.83
CA LEU L 116 22.17 23.30 16.60
C LEU L 116 20.73 23.43 16.15
N GLY L 117 20.47 24.43 15.32
CA GLY L 117 19.11 24.74 14.92
C GLY L 117 18.29 25.45 15.98
N TYR L 118 18.94 26.00 17.01
CA TYR L 118 18.26 26.74 18.07
C TYR L 118 18.93 28.10 18.20
N ASP L 119 18.19 29.17 17.90
CA ASP L 119 18.74 30.50 17.92
C ASP L 119 18.59 31.20 19.26
N ASP L 120 17.51 30.92 19.99
CA ASP L 120 17.21 31.58 21.24
C ASP L 120 17.35 30.61 22.41
N TRP L 121 17.92 31.08 23.51
CA TRP L 121 18.23 30.22 24.65
C TRP L 121 17.91 30.95 25.95
N GLY L 122 17.53 30.17 26.95
CA GLY L 122 17.30 30.70 28.28
C GLY L 122 18.61 30.83 29.06
N GLN L 123 18.47 31.32 30.30
CA GLN L 123 19.63 31.48 31.16
C GLN L 123 20.04 30.19 31.84
N GLY L 124 19.17 29.18 31.86
CA GLY L 124 19.48 27.93 32.52
C GLY L 124 19.06 27.92 33.97
N THR L 125 18.77 26.73 34.47
CA THR L 125 18.38 26.53 35.86
C THR L 125 18.99 25.25 36.38
N GLN L 126 19.42 25.27 37.64
CA GLN L 126 20.12 24.14 38.24
C GLN L 126 19.12 23.15 38.82
N VAL L 127 19.27 21.89 38.44
CA VAL L 127 18.48 20.78 38.98
C VAL L 127 19.48 19.76 39.52
N THR L 128 19.48 19.57 40.84
CA THR L 128 20.42 18.69 41.52
C THR L 128 19.64 17.59 42.23
N VAL L 129 19.83 16.36 41.81
CA VAL L 129 19.16 15.20 42.40
C VAL L 129 20.11 14.59 43.43
N SER L 130 19.74 14.73 44.71
CA SER L 130 20.60 14.26 45.79
C SER L 130 19.74 14.07 47.05
N SER L 131 20.37 13.49 48.06
CA SER L 131 19.71 13.28 49.35
C SER L 131 20.12 14.34 50.36
N LEU M 5 -2.37 -22.75 -30.49
CA LEU M 5 -2.93 -22.16 -29.27
C LEU M 5 -3.85 -21.00 -29.59
N CYS M 6 -4.92 -20.86 -28.81
CA CYS M 6 -5.84 -19.74 -28.93
C CYS M 6 -6.66 -19.62 -27.64
N PRO M 7 -6.82 -18.41 -27.10
CA PRO M 7 -7.51 -18.27 -25.81
C PRO M 7 -9.02 -18.29 -25.93
N PHE M 8 -9.57 -19.13 -26.81
CA PHE M 8 -11.02 -19.22 -26.94
C PHE M 8 -11.66 -19.81 -25.69
N GLY M 9 -10.93 -20.66 -24.95
CA GLY M 9 -11.47 -21.21 -23.72
C GLY M 9 -11.63 -20.16 -22.63
N GLU M 10 -10.73 -19.18 -22.59
CA GLU M 10 -10.84 -18.11 -21.60
C GLU M 10 -12.09 -17.27 -21.79
N VAL M 11 -12.67 -17.27 -22.99
CA VAL M 11 -13.90 -16.54 -23.25
C VAL M 11 -15.11 -17.41 -22.96
N PHE M 12 -15.17 -18.61 -23.53
CA PHE M 12 -16.31 -19.49 -23.32
C PHE M 12 -16.39 -19.98 -21.88
N ASP M 13 -15.26 -20.37 -21.30
CA ASP M 13 -15.22 -20.88 -19.94
C ASP M 13 -14.72 -19.83 -18.95
N ALA M 14 -15.02 -18.55 -19.19
CA ALA M 14 -14.65 -17.51 -18.24
C ALA M 14 -15.38 -17.75 -16.93
N THR M 15 -14.66 -17.48 -15.82
CA THR M 15 -15.23 -17.73 -14.50
C THR M 15 -16.52 -16.93 -14.28
N ARG M 16 -16.51 -15.66 -14.67
CA ARG M 16 -17.67 -14.80 -14.51
C ARG M 16 -17.97 -14.09 -15.82
N PHE M 17 -19.25 -13.81 -16.05
CA PHE M 17 -19.71 -13.11 -17.23
C PHE M 17 -20.30 -11.76 -16.84
N ALA M 18 -20.34 -10.86 -17.81
CA ALA M 18 -20.84 -9.52 -17.59
C ALA M 18 -22.32 -9.41 -17.91
N SER M 19 -22.96 -8.41 -17.33
CA SER M 19 -24.33 -8.09 -17.69
C SER M 19 -24.40 -7.58 -19.13
N VAL M 20 -25.57 -7.72 -19.74
CA VAL M 20 -25.68 -7.41 -21.17
C VAL M 20 -25.58 -5.91 -21.41
N TYR M 21 -26.01 -5.08 -20.45
CA TYR M 21 -25.88 -3.65 -20.63
C TYR M 21 -24.42 -3.22 -20.62
N ALA M 22 -23.58 -3.92 -19.86
CA ALA M 22 -22.14 -3.69 -19.87
C ALA M 22 -21.43 -4.90 -20.48
N TRP M 23 -21.77 -5.23 -21.72
CA TRP M 23 -21.25 -6.45 -22.34
C TRP M 23 -19.76 -6.33 -22.61
N ASN M 24 -19.04 -7.40 -22.32
CA ASN M 24 -17.59 -7.43 -22.51
C ASN M 24 -17.24 -7.76 -23.95
N ARG M 25 -16.10 -7.24 -24.40
CA ARG M 25 -15.58 -7.48 -25.74
C ARG M 25 -14.11 -7.85 -25.64
N LYS M 26 -13.73 -8.91 -26.35
CA LYS M 26 -12.33 -9.34 -26.45
C LYS M 26 -12.02 -9.64 -27.90
N ARG M 27 -10.87 -9.14 -28.37
CA ARG M 27 -10.43 -9.32 -29.74
C ARG M 27 -9.24 -10.26 -29.78
N ILE M 28 -9.32 -11.30 -30.61
CA ILE M 28 -8.26 -12.27 -30.77
C ILE M 28 -7.86 -12.32 -32.24
N SER M 29 -6.57 -12.27 -32.52
CA SER M 29 -6.05 -12.34 -33.87
C SER M 29 -4.72 -13.07 -33.85
N ASN M 30 -4.31 -13.54 -35.03
CA ASN M 30 -3.05 -14.28 -35.19
C ASN M 30 -3.01 -15.50 -34.28
N CYS M 31 -4.05 -16.33 -34.37
CA CYS M 31 -4.13 -17.57 -33.62
C CYS M 31 -4.64 -18.67 -34.52
N VAL M 32 -4.40 -19.91 -34.10
CA VAL M 32 -4.98 -21.08 -34.75
C VAL M 32 -6.17 -21.52 -33.91
N ALA M 33 -7.37 -21.33 -34.46
CA ALA M 33 -8.61 -21.63 -33.76
C ALA M 33 -9.44 -22.56 -34.63
N ASP M 34 -9.55 -23.82 -34.22
CA ASP M 34 -10.37 -24.80 -34.92
C ASP M 34 -11.83 -24.54 -34.57
N TYR M 35 -12.61 -24.10 -35.55
CA TYR M 35 -14.04 -23.87 -35.32
C TYR M 35 -14.84 -25.17 -35.32
N SER M 36 -14.26 -26.26 -35.84
CA SER M 36 -14.99 -27.51 -35.89
C SER M 36 -15.34 -28.03 -34.50
N VAL M 37 -14.49 -27.75 -33.50
CA VAL M 37 -14.71 -28.24 -32.15
C VAL M 37 -15.78 -27.40 -31.46
N LEU M 38 -16.30 -26.39 -32.18
CA LEU M 38 -17.33 -25.50 -31.65
C LEU M 38 -18.72 -25.86 -32.20
N TYR M 39 -18.93 -25.71 -33.51
CA TYR M 39 -20.25 -25.95 -34.07
C TYR M 39 -20.63 -27.43 -34.09
N ASN M 40 -19.70 -28.33 -33.76
CA ASN M 40 -20.02 -29.75 -33.61
C ASN M 40 -20.27 -30.13 -32.16
N SER M 41 -20.23 -29.17 -31.24
CA SER M 41 -20.50 -29.44 -29.83
C SER M 41 -21.99 -29.22 -29.57
N ALA M 42 -22.67 -30.27 -29.13
CA ALA M 42 -24.09 -30.19 -28.79
C ALA M 42 -24.33 -29.54 -27.43
N SER M 43 -23.29 -28.98 -26.81
CA SER M 43 -23.44 -28.27 -25.55
C SER M 43 -23.98 -26.85 -25.74
N PHE M 44 -23.92 -26.31 -26.97
CA PHE M 44 -24.50 -25.02 -27.28
C PHE M 44 -25.86 -25.27 -27.91
N SER M 45 -26.93 -24.94 -27.17
CA SER M 45 -28.28 -25.14 -27.70
C SER M 45 -28.64 -24.14 -28.78
N THR M 46 -27.84 -23.09 -28.97
CA THR M 46 -28.11 -22.07 -29.98
C THR M 46 -26.80 -21.77 -30.70
N PHE M 47 -26.71 -22.20 -31.97
CA PHE M 47 -25.55 -21.93 -32.81
C PHE M 47 -26.07 -21.38 -34.13
N LYS M 48 -26.21 -20.05 -34.20
CA LYS M 48 -26.82 -19.36 -35.34
C LYS M 48 -25.74 -18.65 -36.12
N CYS M 49 -25.40 -19.17 -37.29
CA CYS M 49 -24.44 -18.54 -38.20
C CYS M 49 -25.18 -17.95 -39.38
N TYR M 50 -24.84 -16.72 -39.73
CA TYR M 50 -25.57 -15.96 -40.76
C TYR M 50 -24.71 -15.76 -42.00
N GLY M 51 -23.69 -14.89 -41.94
CA GLY M 51 -22.96 -14.52 -43.13
C GLY M 51 -22.18 -15.65 -43.76
N VAL M 52 -21.66 -16.57 -42.94
CA VAL M 52 -20.81 -17.66 -43.42
C VAL M 52 -21.51 -18.98 -43.16
N SER M 53 -21.33 -19.92 -44.08
CA SER M 53 -21.73 -21.29 -43.81
C SER M 53 -20.83 -21.89 -42.74
N PRO M 54 -21.37 -22.69 -41.81
CA PRO M 54 -20.52 -23.25 -40.75
C PRO M 54 -19.49 -24.23 -41.26
N THR M 55 -19.82 -25.01 -42.30
CA THR M 55 -18.88 -26.00 -42.82
C THR M 55 -17.68 -25.37 -43.52
N LYS M 56 -17.70 -24.06 -43.78
CA LYS M 56 -16.59 -23.38 -44.43
C LYS M 56 -16.03 -22.26 -43.55
N LEU M 57 -16.18 -22.39 -42.23
CA LEU M 57 -15.61 -21.39 -41.33
C LEU M 57 -14.10 -21.48 -41.29
N ASN M 58 -13.54 -22.68 -41.30
CA ASN M 58 -12.10 -22.87 -41.24
C ASN M 58 -11.43 -22.86 -42.61
N ASP M 59 -12.19 -23.06 -43.68
CA ASP M 59 -11.62 -23.04 -45.02
C ASP M 59 -11.15 -21.64 -45.42
N LEU M 60 -11.64 -20.60 -44.76
CA LEU M 60 -11.25 -19.23 -45.08
C LEU M 60 -10.94 -18.47 -43.80
N CYS M 61 -9.92 -17.62 -43.86
CA CYS M 61 -9.54 -16.73 -42.77
C CYS M 61 -9.91 -15.30 -43.14
N PHE M 62 -9.71 -14.40 -42.17
CA PHE M 62 -10.07 -13.00 -42.37
C PHE M 62 -8.95 -12.08 -41.90
N THR M 63 -9.31 -11.00 -41.23
CA THR M 63 -8.33 -10.05 -40.68
C THR M 63 -8.39 -9.99 -39.16
N ASN M 64 -9.56 -9.73 -38.59
CA ASN M 64 -9.73 -9.71 -37.15
C ASN M 64 -11.05 -10.37 -36.79
N VAL M 65 -11.08 -10.98 -35.60
CA VAL M 65 -12.28 -11.65 -35.08
C VAL M 65 -12.55 -11.11 -33.68
N TYR M 66 -13.80 -10.72 -33.43
CA TYR M 66 -14.23 -10.20 -32.14
C TYR M 66 -15.16 -11.19 -31.46
N ALA M 67 -15.05 -11.28 -30.13
CA ALA M 67 -15.88 -12.17 -29.32
C ALA M 67 -16.51 -11.36 -28.21
N ASP M 68 -17.82 -11.14 -28.29
CA ASP M 68 -18.57 -10.41 -27.27
C ASP M 68 -19.32 -11.39 -26.40
N SER M 69 -19.36 -11.12 -25.09
CA SER M 69 -19.91 -12.06 -24.13
C SER M 69 -20.76 -11.31 -23.10
N PHE M 70 -21.91 -11.89 -22.76
CA PHE M 70 -22.82 -11.32 -21.78
C PHE M 70 -23.81 -12.40 -21.36
N VAL M 71 -24.78 -12.01 -20.53
CA VAL M 71 -25.80 -12.93 -20.03
C VAL M 71 -27.16 -12.26 -20.20
N ILE M 72 -28.12 -13.02 -20.75
CA ILE M 72 -29.51 -12.59 -20.89
C ILE M 72 -30.39 -13.78 -20.53
N ARG M 73 -31.71 -13.56 -20.51
CA ARG M 73 -32.63 -14.66 -20.30
C ARG M 73 -32.91 -15.37 -21.61
N GLY M 74 -33.56 -16.53 -21.51
CA GLY M 74 -33.75 -17.37 -22.70
C GLY M 74 -34.61 -16.71 -23.76
N ASP M 75 -35.67 -16.01 -23.34
CA ASP M 75 -36.60 -15.41 -24.29
C ASP M 75 -35.98 -14.27 -25.10
N GLU M 76 -34.83 -13.73 -24.69
CA GLU M 76 -34.22 -12.59 -25.35
C GLU M 76 -33.10 -12.97 -26.30
N VAL M 77 -32.73 -14.25 -26.36
CA VAL M 77 -31.66 -14.66 -27.26
C VAL M 77 -32.05 -14.45 -28.72
N ARG M 78 -33.35 -14.61 -29.04
CA ARG M 78 -33.80 -14.40 -30.41
C ARG M 78 -33.55 -12.97 -30.88
N GLN M 79 -33.37 -12.02 -29.96
CA GLN M 79 -33.03 -10.65 -30.34
C GLN M 79 -31.57 -10.50 -30.74
N ILE M 80 -30.71 -11.42 -30.32
CA ILE M 80 -29.31 -11.40 -30.72
C ILE M 80 -29.21 -11.93 -32.14
N ALA M 81 -29.48 -11.08 -33.12
CA ALA M 81 -29.54 -11.45 -34.52
C ALA M 81 -29.61 -10.17 -35.34
N PRO M 82 -29.23 -10.22 -36.63
CA PRO M 82 -29.36 -9.04 -37.48
C PRO M 82 -30.82 -8.63 -37.64
N GLY M 83 -31.09 -7.34 -37.44
CA GLY M 83 -32.42 -6.79 -37.63
C GLY M 83 -33.46 -7.34 -36.68
N GLN M 84 -33.30 -7.06 -35.38
CA GLN M 84 -34.24 -7.49 -34.37
C GLN M 84 -34.62 -6.32 -33.48
N THR M 85 -35.82 -6.38 -32.92
CA THR M 85 -36.34 -5.35 -32.04
C THR M 85 -36.68 -5.95 -30.68
N GLY M 86 -36.56 -5.12 -29.65
CA GLY M 86 -36.80 -5.56 -28.29
C GLY M 86 -35.92 -4.78 -27.33
N LYS M 87 -36.16 -5.02 -26.04
CA LYS M 87 -35.42 -4.28 -25.01
C LYS M 87 -33.92 -4.58 -25.07
N ILE M 88 -33.54 -5.80 -25.46
CA ILE M 88 -32.13 -6.13 -25.55
C ILE M 88 -31.55 -5.67 -26.89
N ALA M 89 -32.28 -5.89 -27.98
CA ALA M 89 -31.76 -5.53 -29.30
C ALA M 89 -31.67 -4.02 -29.48
N ASP M 90 -32.49 -3.25 -28.78
CA ASP M 90 -32.53 -1.81 -28.96
C ASP M 90 -31.78 -1.04 -27.88
N TYR M 91 -31.71 -1.56 -26.65
CA TYR M 91 -31.14 -0.81 -25.53
C TYR M 91 -29.93 -1.49 -24.89
N ASN M 92 -29.42 -2.57 -25.48
CA ASN M 92 -28.35 -3.31 -24.82
C ASN M 92 -27.26 -3.77 -25.79
N TYR M 93 -27.65 -4.33 -26.94
CA TYR M 93 -26.68 -4.89 -27.87
C TYR M 93 -27.37 -5.04 -29.23
N LYS M 94 -26.94 -4.25 -30.21
CA LYS M 94 -27.55 -4.26 -31.54
C LYS M 94 -26.58 -4.85 -32.56
N LEU M 95 -27.11 -5.69 -33.45
CA LEU M 95 -26.35 -6.29 -34.54
C LEU M 95 -26.76 -5.67 -35.88
N PRO M 96 -25.80 -5.40 -36.76
CA PRO M 96 -26.13 -4.81 -38.05
C PRO M 96 -26.79 -5.83 -38.97
N ASP M 97 -27.44 -5.29 -40.02
CA ASP M 97 -28.16 -6.15 -40.95
C ASP M 97 -27.20 -6.99 -41.79
N ASP M 98 -25.99 -6.50 -42.04
CA ASP M 98 -24.98 -7.21 -42.82
C ASP M 98 -24.08 -8.06 -41.94
N PHE M 99 -24.63 -8.71 -40.92
CA PHE M 99 -23.80 -9.39 -39.93
C PHE M 99 -23.23 -10.67 -40.51
N THR M 100 -21.90 -10.77 -40.50
CA THR M 100 -21.19 -11.99 -40.86
C THR M 100 -20.57 -12.55 -39.58
N GLY M 101 -21.05 -13.70 -39.15
CA GLY M 101 -20.57 -14.31 -37.94
C GLY M 101 -21.58 -15.32 -37.42
N CYS M 102 -21.34 -15.74 -36.17
CA CYS M 102 -22.19 -16.72 -35.51
C CYS M 102 -22.59 -16.22 -34.13
N VAL M 103 -23.81 -16.58 -33.73
CA VAL M 103 -24.33 -16.29 -32.39
C VAL M 103 -24.34 -17.60 -31.61
N ILE M 104 -23.65 -17.63 -30.49
CA ILE M 104 -23.48 -18.84 -29.68
C ILE M 104 -24.02 -18.56 -28.29
N ALA M 105 -24.90 -19.44 -27.81
CA ALA M 105 -25.51 -19.27 -26.50
C ALA M 105 -25.74 -20.65 -25.87
N TRP M 106 -25.64 -20.69 -24.54
CA TRP M 106 -25.85 -21.93 -23.81
C TRP M 106 -26.49 -21.64 -22.46
N ASN M 107 -27.26 -22.61 -21.98
CA ASN M 107 -27.94 -22.47 -20.70
C ASN M 107 -26.94 -22.57 -19.56
N SER M 108 -26.97 -21.57 -18.67
CA SER M 108 -26.07 -21.51 -17.52
C SER M 108 -26.86 -21.42 -16.22
N ASN M 109 -27.96 -22.19 -16.14
CA ASN M 109 -28.84 -22.10 -14.99
C ASN M 109 -28.17 -22.60 -13.72
N ASN M 110 -27.18 -23.48 -13.85
CA ASN M 110 -26.49 -24.04 -12.69
C ASN M 110 -25.43 -23.11 -12.11
N LEU M 111 -25.10 -22.02 -12.80
CA LEU M 111 -24.08 -21.09 -12.34
C LEU M 111 -24.63 -19.71 -12.01
N ASP M 112 -25.65 -19.25 -12.73
CA ASP M 112 -26.12 -17.87 -12.62
C ASP M 112 -27.44 -17.75 -11.89
N SER M 113 -28.03 -18.85 -11.44
CA SER M 113 -29.25 -18.81 -10.65
C SER M 113 -28.93 -19.00 -9.17
N LYS M 114 -29.90 -18.64 -8.33
CA LYS M 114 -29.76 -18.77 -6.89
C LYS M 114 -31.16 -18.86 -6.29
N VAL M 115 -31.30 -19.71 -5.27
CA VAL M 115 -32.58 -19.82 -4.58
C VAL M 115 -32.90 -18.48 -3.94
N GLY M 116 -34.06 -17.91 -4.31
CA GLY M 116 -34.40 -16.57 -3.91
C GLY M 116 -33.97 -15.49 -4.88
N GLY M 117 -33.38 -15.87 -6.02
CA GLY M 117 -33.07 -14.91 -7.06
C GLY M 117 -31.65 -14.38 -7.03
N ASN M 118 -30.99 -14.38 -8.18
CA ASN M 118 -29.66 -13.81 -8.34
C ASN M 118 -29.82 -12.44 -9.00
N TYR M 119 -29.59 -11.39 -8.22
CA TYR M 119 -29.82 -10.02 -8.68
C TYR M 119 -28.57 -9.37 -9.27
N ASN M 120 -27.50 -10.14 -9.50
CA ASN M 120 -26.25 -9.56 -9.98
C ASN M 120 -26.26 -9.26 -11.47
N TYR M 121 -27.20 -9.84 -12.22
CA TYR M 121 -27.31 -9.59 -13.65
C TYR M 121 -28.41 -8.56 -13.91
N LEU M 122 -28.08 -7.53 -14.68
CA LEU M 122 -29.00 -6.45 -15.00
C LEU M 122 -29.06 -6.25 -16.50
N TYR M 123 -30.18 -5.71 -16.98
CA TYR M 123 -30.31 -5.29 -18.37
C TYR M 123 -31.02 -3.95 -18.42
N ARG M 124 -30.75 -3.19 -19.48
CA ARG M 124 -31.31 -1.86 -19.64
C ARG M 124 -32.74 -1.95 -20.12
N LEU M 125 -33.66 -1.34 -19.37
CA LEU M 125 -35.08 -1.41 -19.67
C LEU M 125 -35.61 -0.15 -20.35
N PHE M 126 -35.02 1.01 -20.09
CA PHE M 126 -35.46 2.28 -20.66
C PHE M 126 -34.27 3.05 -21.21
N ARG M 127 -34.44 3.61 -22.40
CA ARG M 127 -33.42 4.45 -23.00
C ARG M 127 -34.08 5.44 -23.95
N LYS M 128 -33.54 6.66 -23.99
CA LYS M 128 -34.13 7.72 -24.80
C LYS M 128 -33.98 7.48 -26.30
N SER M 129 -33.11 6.56 -26.70
CA SER M 129 -32.90 6.27 -28.11
C SER M 129 -32.37 4.86 -28.27
N ASN M 130 -32.53 4.32 -29.48
CA ASN M 130 -32.01 2.99 -29.77
C ASN M 130 -30.49 3.01 -29.86
N LEU M 131 -29.91 1.82 -29.96
CA LEU M 131 -28.47 1.65 -30.07
C LEU M 131 -28.10 1.36 -31.52
N LYS M 132 -27.13 2.10 -32.05
CA LYS M 132 -26.52 1.74 -33.31
C LYS M 132 -25.72 0.46 -33.13
N PRO M 133 -25.49 -0.29 -34.21
CA PRO M 133 -24.78 -1.58 -34.09
C PRO M 133 -23.46 -1.44 -33.35
N PHE M 134 -23.24 -2.35 -32.40
CA PHE M 134 -22.03 -2.40 -31.58
C PHE M 134 -21.83 -1.11 -30.77
N GLU M 135 -22.92 -0.66 -30.15
CA GLU M 135 -22.86 0.41 -29.17
C GLU M 135 -22.98 -0.16 -27.76
N ARG M 136 -22.68 0.69 -26.77
CA ARG M 136 -22.69 0.25 -25.39
C ARG M 136 -23.03 1.43 -24.49
N ASP M 137 -24.08 1.29 -23.68
CA ASP M 137 -24.55 2.33 -22.78
C ASP M 137 -24.50 1.80 -21.36
N ILE M 138 -23.73 2.47 -20.50
CA ILE M 138 -23.56 2.09 -19.11
C ILE M 138 -24.07 3.16 -18.16
N SER M 139 -24.84 4.13 -18.67
CA SER M 139 -25.29 5.25 -17.86
C SER M 139 -26.24 4.77 -16.75
N THR M 140 -26.33 5.60 -15.70
CA THR M 140 -27.22 5.34 -14.57
C THR M 140 -28.21 6.49 -14.37
N GLU M 141 -28.48 7.26 -15.41
CA GLU M 141 -29.38 8.39 -15.30
C GLU M 141 -30.81 7.93 -15.05
N ILE M 142 -31.50 8.63 -14.15
CA ILE M 142 -32.91 8.32 -13.91
C ILE M 142 -33.69 8.63 -15.18
N TYR M 143 -34.42 7.63 -15.67
CA TYR M 143 -35.19 7.81 -16.90
C TYR M 143 -36.39 8.70 -16.65
N GLN M 144 -36.55 9.72 -17.48
CA GLN M 144 -37.66 10.67 -17.39
C GLN M 144 -38.69 10.28 -18.44
N ALA M 145 -39.75 9.60 -18.01
CA ALA M 145 -40.81 9.18 -18.91
C ALA M 145 -41.85 10.26 -19.16
N GLY M 146 -42.06 11.14 -18.19
CA GLY M 146 -43.00 12.24 -18.33
C GLY M 146 -42.34 13.51 -18.79
N SER M 147 -42.96 14.65 -18.44
CA SER M 147 -42.43 15.95 -18.80
C SER M 147 -41.71 16.64 -17.64
N THR M 148 -41.93 16.19 -16.40
CA THR M 148 -41.30 16.79 -15.24
C THR M 148 -39.92 16.17 -15.00
N PRO M 149 -38.91 16.99 -14.68
CA PRO M 149 -37.59 16.44 -14.38
C PRO M 149 -37.61 15.59 -13.13
N CYS M 150 -36.66 14.66 -13.06
CA CYS M 150 -36.58 13.71 -11.95
C CYS M 150 -35.61 14.17 -10.86
N ASN M 151 -34.50 14.79 -11.23
CA ASN M 151 -33.48 15.26 -10.28
C ASN M 151 -32.96 14.10 -9.43
N GLY M 152 -32.83 12.92 -10.04
CA GLY M 152 -32.27 11.78 -9.35
C GLY M 152 -33.11 11.26 -8.21
N VAL M 153 -34.43 11.25 -8.37
CA VAL M 153 -35.34 10.69 -7.38
C VAL M 153 -36.28 9.73 -8.10
N GLU M 154 -36.18 8.44 -7.76
CA GLU M 154 -37.01 7.43 -8.40
C GLU M 154 -38.47 7.59 -7.96
N GLY M 155 -39.37 7.72 -8.94
CA GLY M 155 -40.78 7.86 -8.65
C GLY M 155 -41.63 7.71 -9.89
N PHE M 156 -42.78 8.38 -9.90
CA PHE M 156 -43.68 8.31 -11.05
C PHE M 156 -42.99 8.88 -12.28
N ASN M 157 -42.95 8.08 -13.35
CA ASN M 157 -42.25 8.39 -14.59
C ASN M 157 -40.78 8.71 -14.36
N CYS M 158 -40.22 8.24 -13.24
CA CYS M 158 -38.80 8.40 -12.91
C CYS M 158 -38.28 7.01 -12.53
N TYR M 159 -37.78 6.29 -13.53
CA TYR M 159 -37.37 4.91 -13.38
C TYR M 159 -35.86 4.81 -13.25
N PHE M 160 -35.41 3.84 -12.45
CA PHE M 160 -34.02 3.41 -12.55
C PHE M 160 -33.84 2.69 -13.88
N PRO M 161 -32.84 3.04 -14.69
CA PRO M 161 -32.80 2.53 -16.06
C PRO M 161 -32.50 1.05 -16.18
N LEU M 162 -31.98 0.40 -15.14
CA LEU M 162 -31.56 -0.99 -15.21
C LEU M 162 -32.52 -1.88 -14.42
N GLN M 163 -32.86 -3.02 -15.00
CA GLN M 163 -33.75 -4.00 -14.38
C GLN M 163 -32.96 -5.25 -14.00
N SER M 164 -33.30 -5.83 -12.86
CA SER M 164 -32.64 -7.03 -12.38
C SER M 164 -33.37 -8.26 -12.91
N TYR M 165 -32.61 -9.20 -13.46
CA TYR M 165 -33.20 -10.47 -13.92
C TYR M 165 -33.73 -11.27 -12.75
N GLY M 166 -32.93 -11.44 -11.70
CA GLY M 166 -33.34 -12.25 -10.57
C GLY M 166 -33.55 -13.71 -10.95
N PHE M 167 -32.51 -14.32 -11.53
CA PHE M 167 -32.63 -15.69 -12.01
C PHE M 167 -32.84 -16.65 -10.85
N GLN M 168 -33.82 -17.54 -11.00
CA GLN M 168 -34.09 -18.62 -10.07
C GLN M 168 -34.05 -19.96 -10.78
N PRO M 169 -33.54 -21.01 -10.14
CA PRO M 169 -33.47 -22.31 -10.81
C PRO M 169 -34.82 -22.89 -11.16
N THR M 170 -35.89 -22.49 -10.46
CA THR M 170 -37.22 -23.01 -10.71
C THR M 170 -37.88 -22.39 -11.94
N ASN M 171 -37.23 -21.41 -12.58
CA ASN M 171 -37.84 -20.72 -13.71
C ASN M 171 -37.88 -21.62 -14.94
N GLY M 172 -38.81 -21.31 -15.84
CA GLY M 172 -38.80 -21.91 -17.15
C GLY M 172 -37.60 -21.45 -17.96
N VAL M 173 -37.26 -22.23 -18.98
CA VAL M 173 -36.04 -21.95 -19.74
C VAL M 173 -36.08 -20.56 -20.36
N GLY M 174 -37.28 -20.06 -20.68
CA GLY M 174 -37.38 -18.72 -21.24
C GLY M 174 -36.94 -17.64 -20.27
N TYR M 175 -37.01 -17.92 -18.97
CA TYR M 175 -36.57 -16.98 -17.95
C TYR M 175 -35.30 -17.46 -17.22
N GLN M 176 -34.64 -18.49 -17.73
CA GLN M 176 -33.39 -18.97 -17.18
C GLN M 176 -32.22 -18.23 -17.79
N PRO M 177 -31.07 -18.17 -17.11
CA PRO M 177 -29.93 -17.42 -17.65
C PRO M 177 -29.28 -18.17 -18.80
N TYR M 178 -28.81 -17.41 -19.78
CA TYR M 178 -28.10 -17.95 -20.94
C TYR M 178 -26.88 -17.09 -21.20
N ARG M 179 -25.70 -17.69 -21.16
CA ARG M 179 -24.48 -16.99 -21.49
C ARG M 179 -24.28 -17.00 -23.01
N VAL M 180 -24.00 -15.83 -23.57
CA VAL M 180 -23.97 -15.64 -25.01
C VAL M 180 -22.58 -15.19 -25.42
N VAL M 181 -22.03 -15.82 -26.46
CA VAL M 181 -20.78 -15.40 -27.08
C VAL M 181 -21.06 -15.17 -28.56
N VAL M 182 -20.82 -13.95 -29.03
CA VAL M 182 -21.07 -13.58 -30.42
C VAL M 182 -19.73 -13.38 -31.11
N LEU M 183 -19.52 -14.10 -32.20
CA LEU M 183 -18.30 -14.02 -32.99
C LEU M 183 -18.56 -13.22 -34.26
N SER M 184 -17.68 -12.28 -34.57
CA SER M 184 -17.82 -11.43 -35.75
C SER M 184 -16.55 -11.51 -36.59
N PHE M 185 -16.73 -11.62 -37.90
CA PHE M 185 -15.63 -11.68 -38.85
C PHE M 185 -15.74 -10.50 -39.81
N GLU M 186 -14.64 -9.76 -39.97
CA GLU M 186 -14.58 -8.63 -40.88
C GLU M 186 -13.58 -8.91 -42.00
N LEU M 187 -13.87 -8.38 -43.18
CA LEU M 187 -13.04 -8.56 -44.37
C LEU M 187 -12.80 -10.03 -44.67
N SER N 2 -36.14 -12.48 -43.56
CA SER N 2 -37.57 -12.67 -43.39
C SER N 2 -37.91 -12.98 -41.93
N GLN N 3 -39.14 -13.41 -41.68
CA GLN N 3 -39.61 -13.73 -40.35
C GLN N 3 -39.48 -15.23 -40.09
N VAL N 4 -39.04 -15.58 -38.89
CA VAL N 4 -38.84 -16.98 -38.53
C VAL N 4 -40.18 -17.69 -38.40
N GLN N 5 -40.32 -18.83 -39.06
CA GLN N 5 -41.54 -19.62 -39.01
C GLN N 5 -41.20 -21.06 -38.65
N LEU N 6 -42.01 -21.65 -37.77
CA LEU N 6 -41.77 -23.00 -37.27
C LEU N 6 -43.12 -23.70 -37.12
N VAL N 7 -43.36 -24.71 -37.95
CA VAL N 7 -44.62 -25.46 -37.94
C VAL N 7 -44.36 -26.84 -37.36
N GLU N 8 -45.01 -27.15 -36.24
CA GLU N 8 -44.94 -28.45 -35.61
C GLU N 8 -46.14 -29.29 -36.05
N SER N 9 -45.88 -30.56 -36.37
CA SER N 9 -46.91 -31.46 -36.87
C SER N 9 -46.87 -32.76 -36.07
N GLY N 10 -47.76 -33.68 -36.42
CA GLY N 10 -47.85 -34.94 -35.71
C GLY N 10 -48.62 -34.80 -34.40
N GLY N 11 -48.29 -35.66 -33.45
CA GLY N 11 -48.88 -35.58 -32.13
C GLY N 11 -50.30 -36.10 -32.05
N ALA N 12 -50.58 -36.94 -31.05
CA ALA N 12 -51.90 -37.50 -30.84
C ALA N 12 -51.96 -38.04 -29.41
N LEU N 13 -53.07 -38.69 -29.07
CA LEU N 13 -53.25 -39.32 -27.78
C LEU N 13 -52.86 -40.79 -27.89
N VAL N 14 -51.83 -41.19 -27.15
CA VAL N 14 -51.30 -42.55 -27.22
C VAL N 14 -51.35 -43.16 -25.83
N GLN N 15 -51.28 -44.50 -25.79
CA GLN N 15 -51.25 -45.22 -24.54
C GLN N 15 -49.83 -45.25 -23.97
N PRO N 16 -49.69 -45.37 -22.65
CA PRO N 16 -48.35 -45.50 -22.06
C PRO N 16 -47.64 -46.74 -22.60
N GLY N 17 -46.38 -46.54 -23.01
CA GLY N 17 -45.60 -47.57 -23.65
C GLY N 17 -45.60 -47.51 -25.16
N GLY N 18 -46.46 -46.68 -25.76
CA GLY N 18 -46.53 -46.56 -27.19
C GLY N 18 -45.41 -45.70 -27.74
N SER N 19 -45.55 -45.35 -29.02
CA SER N 19 -44.56 -44.54 -29.71
C SER N 19 -45.26 -43.46 -30.53
N LEU N 20 -44.50 -42.43 -30.88
CA LEU N 20 -45.01 -41.31 -31.66
C LEU N 20 -43.83 -40.54 -32.22
N ARG N 21 -44.01 -39.99 -33.43
CA ARG N 21 -42.97 -39.24 -34.11
C ARG N 21 -43.47 -37.84 -34.43
N LEU N 22 -42.68 -36.83 -34.09
CA LEU N 22 -43.02 -35.44 -34.32
C LEU N 22 -42.12 -34.85 -35.40
N SER N 23 -42.63 -33.83 -36.09
CA SER N 23 -41.91 -33.16 -37.14
C SER N 23 -42.03 -31.65 -36.95
N CYS N 24 -41.01 -30.92 -37.44
CA CYS N 24 -40.99 -29.47 -37.34
C CYS N 24 -40.40 -28.92 -38.63
N VAL N 25 -41.24 -28.38 -39.50
CA VAL N 25 -40.79 -27.77 -40.76
C VAL N 25 -40.47 -26.31 -40.51
N ALA N 26 -39.26 -25.91 -40.86
CA ALA N 26 -38.78 -24.55 -40.64
C ALA N 26 -38.66 -23.79 -41.95
N SER N 27 -38.61 -22.46 -41.84
CA SER N 27 -38.46 -21.57 -42.97
C SER N 27 -38.17 -20.17 -42.44
N GLY N 28 -37.75 -19.29 -43.35
CA GLY N 28 -37.45 -17.92 -43.00
C GLY N 28 -36.02 -17.66 -42.59
N PHE N 29 -35.22 -18.70 -42.35
CA PHE N 29 -33.83 -18.54 -41.97
C PHE N 29 -33.05 -19.75 -42.49
N THR N 30 -31.72 -19.66 -42.40
CA THR N 30 -30.86 -20.74 -42.88
C THR N 30 -30.92 -21.93 -41.92
N PHE N 31 -31.85 -22.85 -42.17
CA PHE N 31 -31.99 -24.02 -41.31
C PHE N 31 -30.72 -24.87 -41.28
N SER N 32 -30.01 -24.95 -42.40
CA SER N 32 -28.80 -25.76 -42.50
C SER N 32 -27.58 -25.09 -41.86
N SER N 33 -27.76 -23.94 -41.22
CA SER N 33 -26.68 -23.28 -40.49
C SER N 33 -27.04 -22.99 -39.04
N PHE N 34 -28.15 -23.55 -38.55
CA PHE N 34 -28.65 -23.29 -37.22
C PHE N 34 -28.77 -24.60 -36.44
N ALA N 35 -28.44 -24.54 -35.15
CA ALA N 35 -28.73 -25.66 -34.26
C ALA N 35 -30.17 -25.58 -33.80
N MET N 36 -30.79 -26.74 -33.63
CA MET N 36 -32.20 -26.83 -33.28
C MET N 36 -32.38 -27.53 -31.95
N GLY N 37 -33.42 -27.12 -31.22
CA GLY N 37 -33.73 -27.72 -29.94
C GLY N 37 -35.21 -27.99 -29.82
N TRP N 38 -35.54 -29.04 -29.07
CA TRP N 38 -36.92 -29.39 -28.76
C TRP N 38 -37.27 -28.87 -27.37
N TYR N 39 -38.40 -28.20 -27.26
CA TYR N 39 -38.89 -27.66 -26.00
C TYR N 39 -40.35 -28.05 -25.81
N ARG N 40 -40.71 -28.46 -24.60
CA ARG N 40 -42.07 -28.84 -24.26
C ARG N 40 -42.54 -28.02 -23.07
N GLN N 41 -43.85 -28.08 -22.83
CA GLN N 41 -44.45 -27.35 -21.72
C GLN N 41 -45.77 -27.99 -21.36
N ALA N 42 -45.85 -28.60 -20.18
CA ALA N 42 -47.12 -29.08 -19.68
C ALA N 42 -48.04 -27.90 -19.35
N PRO N 43 -49.35 -28.09 -19.42
CA PRO N 43 -50.27 -26.96 -19.18
C PRO N 43 -50.09 -26.30 -17.82
N GLY N 44 -49.58 -27.02 -16.83
CA GLY N 44 -49.38 -26.44 -15.51
C GLY N 44 -47.92 -26.20 -15.17
N LYS N 45 -47.02 -26.70 -16.00
CA LYS N 45 -45.58 -26.60 -15.78
C LYS N 45 -44.96 -25.56 -16.71
N GLU N 46 -43.70 -25.26 -16.44
CA GLU N 46 -42.95 -24.27 -17.22
C GLU N 46 -42.36 -24.92 -18.47
N CYS N 47 -41.86 -24.07 -19.36
CA CYS N 47 -41.20 -24.55 -20.57
C CYS N 47 -39.82 -25.12 -20.22
N GLU N 48 -39.58 -26.36 -20.64
CA GLU N 48 -38.32 -27.04 -20.33
C GLU N 48 -37.66 -27.52 -21.60
N TRP N 49 -36.34 -27.72 -21.51
CA TRP N 49 -35.53 -28.17 -22.64
C TRP N 49 -35.57 -29.68 -22.73
N VAL N 50 -35.81 -30.19 -23.95
CA VAL N 50 -35.92 -31.63 -24.18
C VAL N 50 -34.61 -32.14 -24.79
N ALA N 51 -34.32 -31.73 -26.02
CA ALA N 51 -33.15 -32.22 -26.73
C ALA N 51 -32.56 -31.11 -27.58
N THR N 52 -31.27 -31.24 -27.86
CA THR N 52 -30.53 -30.32 -28.71
C THR N 52 -29.78 -31.13 -29.77
N ILE N 53 -29.82 -30.66 -31.01
CA ILE N 53 -29.08 -31.27 -32.11
C ILE N 53 -28.25 -30.19 -32.79
N THR N 54 -27.03 -30.56 -33.17
CA THR N 54 -26.09 -29.58 -33.73
C THR N 54 -26.50 -29.22 -35.16
N ILE N 55 -25.70 -28.33 -35.76
CA ILE N 55 -25.96 -27.89 -37.13
C ILE N 55 -25.94 -29.06 -38.10
N THR N 56 -24.79 -29.72 -38.21
CA THR N 56 -24.63 -30.82 -39.15
C THR N 56 -25.29 -32.11 -38.69
N GLY N 57 -25.80 -32.15 -37.46
CA GLY N 57 -26.43 -33.36 -36.93
C GLY N 57 -25.47 -34.39 -36.39
N GLY N 58 -24.16 -34.10 -36.37
CA GLY N 58 -23.17 -35.04 -35.90
C GLY N 58 -23.12 -35.25 -34.40
N SER N 59 -23.97 -34.58 -33.63
CA SER N 59 -23.98 -34.74 -32.19
C SER N 59 -25.33 -34.28 -31.66
N THR N 60 -25.80 -34.96 -30.61
CA THR N 60 -27.07 -34.65 -29.98
C THR N 60 -26.87 -34.51 -28.48
N ASN N 61 -27.91 -34.04 -27.80
CA ASN N 61 -27.88 -33.87 -26.35
C ASN N 61 -29.31 -33.90 -25.83
N TYR N 62 -29.61 -34.82 -24.93
CA TYR N 62 -30.97 -35.04 -24.44
C TYR N 62 -31.08 -34.68 -22.97
N ALA N 63 -32.32 -34.58 -22.51
CA ALA N 63 -32.58 -34.42 -21.09
C ALA N 63 -32.47 -35.76 -20.38
N ASP N 64 -32.17 -35.71 -19.08
CA ASP N 64 -31.97 -36.94 -18.32
C ASP N 64 -33.24 -37.77 -18.21
N SER N 65 -34.41 -37.12 -18.31
CA SER N 65 -35.67 -37.84 -18.22
C SER N 65 -36.08 -38.47 -19.55
N VAL N 66 -35.51 -38.02 -20.66
CA VAL N 66 -35.88 -38.50 -21.98
C VAL N 66 -34.75 -39.24 -22.69
N LYS N 67 -33.57 -39.31 -22.08
CA LYS N 67 -32.47 -40.04 -22.70
C LYS N 67 -32.81 -41.52 -22.81
N GLY N 68 -32.38 -42.13 -23.92
CA GLY N 68 -32.65 -43.53 -24.18
C GLY N 68 -34.06 -43.84 -24.64
N ARG N 69 -35.02 -42.94 -24.42
CA ARG N 69 -36.38 -43.12 -24.89
C ARG N 69 -36.71 -42.26 -26.10
N PHE N 70 -36.19 -41.03 -26.15
CA PHE N 70 -36.40 -40.13 -27.28
C PHE N 70 -35.16 -40.12 -28.17
N THR N 71 -35.35 -39.68 -29.41
CA THR N 71 -34.25 -39.57 -30.36
C THR N 71 -34.51 -38.36 -31.25
N ILE N 72 -33.57 -37.42 -31.28
CA ILE N 72 -33.69 -36.21 -32.07
C ILE N 72 -32.87 -36.38 -33.35
N SER N 73 -33.41 -35.90 -34.46
CA SER N 73 -32.74 -36.00 -35.75
C SER N 73 -33.21 -34.85 -36.63
N ARG N 74 -32.53 -34.66 -37.74
CA ARG N 74 -32.87 -33.59 -38.66
C ARG N 74 -32.58 -34.02 -40.10
N ASP N 75 -33.24 -33.33 -41.03
CA ASP N 75 -33.06 -33.54 -42.48
C ASP N 75 -32.93 -32.15 -43.08
N ASN N 76 -31.68 -31.66 -43.21
CA ASN N 76 -31.44 -30.32 -43.71
C ASN N 76 -31.82 -30.14 -45.17
N ALA N 77 -32.16 -31.22 -45.88
CA ALA N 77 -32.65 -31.09 -47.24
C ALA N 77 -34.10 -30.64 -47.30
N LYS N 78 -34.90 -30.98 -46.30
CA LYS N 78 -36.30 -30.59 -46.23
C LYS N 78 -36.59 -29.61 -45.10
N ASN N 79 -35.58 -29.20 -44.34
CA ASN N 79 -35.75 -28.28 -43.22
C ASN N 79 -36.76 -28.81 -42.20
N THR N 80 -36.64 -30.10 -41.88
CA THR N 80 -37.56 -30.76 -40.96
C THR N 80 -36.77 -31.34 -39.80
N LEU N 81 -37.21 -31.01 -38.57
CA LEU N 81 -36.64 -31.57 -37.35
C LEU N 81 -37.55 -32.69 -36.86
N TYR N 82 -36.95 -33.83 -36.51
CA TYR N 82 -37.70 -34.98 -36.06
C TYR N 82 -37.49 -35.22 -34.57
N LEU N 83 -38.39 -36.02 -33.99
CA LEU N 83 -38.27 -36.46 -32.60
C LEU N 83 -39.01 -37.78 -32.47
N GLN N 84 -38.27 -38.89 -32.49
CA GLN N 84 -38.85 -40.21 -32.33
C GLN N 84 -39.04 -40.48 -30.85
N MET N 85 -40.29 -40.47 -30.40
CA MET N 85 -40.63 -40.67 -28.99
C MET N 85 -41.10 -42.10 -28.79
N ASN N 86 -40.34 -42.86 -27.99
CA ASN N 86 -40.68 -44.22 -27.62
C ASN N 86 -40.85 -44.31 -26.11
N SER N 87 -41.57 -45.34 -25.68
CA SER N 87 -41.86 -45.56 -24.26
C SER N 87 -42.48 -44.33 -23.61
N LEU N 88 -43.56 -43.84 -24.22
CA LEU N 88 -44.22 -42.64 -23.74
C LEU N 88 -44.77 -42.85 -22.32
N LYS N 89 -44.39 -41.95 -21.43
CA LYS N 89 -44.86 -41.93 -20.05
C LYS N 89 -45.89 -40.84 -19.85
N PRO N 90 -46.72 -40.93 -18.81
CA PRO N 90 -47.67 -39.84 -18.52
C PRO N 90 -46.99 -38.51 -18.25
N GLU N 91 -45.72 -38.51 -17.82
CA GLU N 91 -45.02 -37.26 -17.56
C GLU N 91 -44.63 -36.53 -18.85
N ASP N 92 -44.60 -37.23 -19.98
CA ASP N 92 -44.25 -36.63 -21.26
C ASP N 92 -45.43 -35.92 -21.92
N THR N 93 -46.57 -35.83 -21.25
CA THR N 93 -47.75 -35.17 -21.80
C THR N 93 -47.52 -33.66 -21.79
N ALA N 94 -47.33 -33.09 -22.98
CA ALA N 94 -47.08 -31.66 -23.12
C ALA N 94 -47.21 -31.29 -24.59
N VAL N 95 -47.15 -29.98 -24.85
CA VAL N 95 -47.10 -29.45 -26.21
C VAL N 95 -45.64 -29.12 -26.54
N TYR N 96 -45.15 -29.68 -27.64
CA TYR N 96 -43.73 -29.61 -27.99
C TYR N 96 -43.49 -28.52 -29.02
N TYR N 97 -42.50 -27.66 -28.76
CA TYR N 97 -42.08 -26.60 -29.66
C TYR N 97 -40.65 -26.85 -30.10
N CYS N 98 -40.35 -26.51 -31.34
CA CYS N 98 -38.98 -26.51 -31.85
C CYS N 98 -38.57 -25.07 -32.14
N ASN N 99 -37.30 -24.75 -31.87
CA ASN N 99 -36.86 -23.36 -31.87
C ASN N 99 -35.34 -23.29 -31.94
N PRO N 100 -34.76 -22.53 -32.88
CA PRO N 100 -33.31 -22.33 -32.87
C PRO N 100 -32.82 -21.57 -31.65
N ASP N 101 -33.69 -20.79 -31.03
CA ASP N 101 -33.42 -20.03 -29.82
C ASP N 101 -34.02 -20.72 -28.61
N PRO N 102 -33.60 -20.37 -27.40
CA PRO N 102 -34.17 -21.01 -26.22
C PRO N 102 -35.61 -20.61 -26.00
N GLY N 103 -36.40 -21.53 -25.46
CA GLY N 103 -37.74 -21.24 -25.01
C GLY N 103 -38.81 -21.78 -25.95
N CYS N 104 -40.04 -21.73 -25.45
CA CYS N 104 -41.22 -22.16 -26.18
C CYS N 104 -41.87 -21.02 -26.97
N ARG N 105 -41.25 -19.85 -27.03
CA ARG N 105 -41.83 -18.72 -27.73
C ARG N 105 -41.00 -18.33 -28.94
N GLY N 106 -40.82 -19.27 -29.86
CA GLY N 106 -40.10 -19.00 -31.10
C GLY N 106 -40.96 -18.62 -32.27
N GLY N 107 -42.28 -18.62 -32.09
CA GLY N 107 -43.21 -18.32 -33.15
C GLY N 107 -43.99 -19.49 -33.72
N GLY N 108 -44.00 -20.63 -33.03
CA GLY N 108 -44.71 -21.80 -33.50
C GLY N 108 -45.85 -22.16 -32.57
N GLN N 109 -46.91 -22.71 -33.15
CA GLN N 109 -48.11 -23.08 -32.40
C GLN N 109 -47.95 -24.40 -31.64
N GLY N 110 -46.82 -25.09 -31.79
CA GLY N 110 -46.60 -26.33 -31.07
C GLY N 110 -47.47 -27.47 -31.57
N THR N 111 -47.33 -28.61 -30.90
CA THR N 111 -48.10 -29.80 -31.21
C THR N 111 -48.40 -30.54 -29.90
N GLN N 112 -49.68 -30.80 -29.66
CA GLN N 112 -50.10 -31.45 -28.42
C GLN N 112 -49.76 -32.93 -28.44
N VAL N 113 -49.20 -33.41 -27.33
CA VAL N 113 -48.87 -34.81 -27.14
C VAL N 113 -49.46 -35.26 -25.80
N THR N 114 -50.40 -36.21 -25.85
CA THR N 114 -51.08 -36.71 -24.67
C THR N 114 -50.75 -38.19 -24.49
N VAL N 115 -50.51 -38.59 -23.25
CA VAL N 115 -50.22 -39.98 -22.90
C VAL N 115 -51.23 -40.40 -21.85
N SER N 116 -52.28 -41.09 -22.28
CA SER N 116 -53.32 -41.55 -21.36
C SER N 116 -54.13 -42.68 -21.99
N GLN O 4 -43.70 -22.05 -10.88
CA GLN O 4 -44.91 -21.39 -11.36
C GLN O 4 -45.55 -20.57 -10.23
N VAL O 5 -45.81 -19.30 -10.50
CA VAL O 5 -46.39 -18.38 -9.52
C VAL O 5 -47.66 -17.79 -10.12
N GLN O 6 -48.79 -18.05 -9.48
CA GLN O 6 -50.08 -17.54 -9.91
C GLN O 6 -50.57 -16.49 -8.95
N LEU O 7 -51.25 -15.47 -9.49
CA LEU O 7 -51.81 -14.38 -8.71
C LEU O 7 -53.31 -14.33 -8.94
N VAL O 8 -54.08 -14.55 -7.88
CA VAL O 8 -55.54 -14.57 -7.95
C VAL O 8 -56.08 -13.27 -7.39
N GLU O 9 -57.09 -12.70 -8.05
CA GLU O 9 -57.69 -11.44 -7.66
C GLU O 9 -59.18 -11.62 -7.40
N SER O 10 -59.73 -10.74 -6.57
CA SER O 10 -61.16 -10.72 -6.28
C SER O 10 -61.51 -9.36 -5.67
N GLY O 11 -62.80 -9.05 -5.70
CA GLY O 11 -63.34 -7.86 -5.06
C GLY O 11 -64.00 -6.87 -6.00
N GLY O 12 -63.70 -6.92 -7.29
CA GLY O 12 -64.24 -5.94 -8.22
C GLY O 12 -65.71 -6.15 -8.49
N GLY O 13 -66.31 -5.13 -9.09
CA GLY O 13 -67.72 -5.20 -9.47
C GLY O 13 -68.26 -3.80 -9.78
N LEU O 14 -69.58 -3.72 -9.77
CA LEU O 14 -70.28 -2.46 -10.03
C LEU O 14 -70.46 -1.71 -8.71
N VAL O 15 -70.12 -0.42 -8.71
CA VAL O 15 -70.13 0.38 -7.49
C VAL O 15 -70.49 1.82 -7.84
N GLN O 16 -71.29 2.45 -6.99
CA GLN O 16 -71.73 3.82 -7.22
C GLN O 16 -70.56 4.79 -7.07
N PRO O 17 -70.60 5.93 -7.76
CA PRO O 17 -69.53 6.93 -7.61
C PRO O 17 -69.44 7.45 -6.18
N GLY O 18 -68.23 7.86 -5.81
CA GLY O 18 -67.97 8.25 -4.44
C GLY O 18 -67.94 7.12 -3.44
N GLY O 19 -68.06 5.87 -3.90
CA GLY O 19 -68.06 4.72 -3.03
C GLY O 19 -66.69 4.12 -2.84
N SER O 20 -66.64 3.04 -2.06
CA SER O 20 -65.40 2.37 -1.72
C SER O 20 -65.43 0.93 -2.22
N LEU O 21 -64.25 0.35 -2.38
CA LEU O 21 -64.10 -1.04 -2.81
C LEU O 21 -62.66 -1.46 -2.56
N ARG O 22 -62.48 -2.71 -2.13
CA ARG O 22 -61.16 -3.25 -1.83
C ARG O 22 -60.89 -4.47 -2.71
N LEU O 23 -59.65 -4.57 -3.19
CA LEU O 23 -59.22 -5.66 -4.05
C LEU O 23 -58.10 -6.44 -3.38
N SER O 24 -58.09 -7.75 -3.59
CA SER O 24 -57.10 -8.64 -2.99
C SER O 24 -56.28 -9.33 -4.08
N CYS O 25 -55.11 -9.81 -3.69
CA CYS O 25 -54.19 -10.47 -4.62
C CYS O 25 -53.39 -11.49 -3.83
N GLU O 26 -53.69 -12.77 -4.03
CA GLU O 26 -53.01 -13.86 -3.32
C GLU O 26 -51.64 -14.07 -3.94
N THR O 27 -50.59 -13.76 -3.20
CA THR O 27 -49.22 -13.88 -3.67
C THR O 27 -48.49 -14.96 -2.85
N SER O 28 -48.93 -16.20 -3.02
CA SER O 28 -48.33 -17.32 -2.31
C SER O 28 -47.11 -17.87 -3.03
N GLY O 29 -47.15 -17.94 -4.36
CA GLY O 29 -46.09 -18.57 -5.12
C GLY O 29 -44.83 -17.74 -5.26
N ILE O 30 -44.82 -16.50 -4.80
CA ILE O 30 -43.64 -15.66 -4.92
C ILE O 30 -42.58 -16.14 -3.95
N THR O 31 -41.37 -16.39 -4.47
CA THR O 31 -40.26 -16.85 -3.67
C THR O 31 -39.02 -15.97 -3.79
N LEU O 32 -39.10 -14.87 -4.53
CA LEU O 32 -37.98 -13.95 -4.66
C LEU O 32 -37.70 -13.27 -3.32
N ASP O 33 -36.45 -12.82 -3.17
CA ASP O 33 -36.07 -12.11 -1.95
C ASP O 33 -36.48 -10.65 -2.01
N TYR O 34 -36.18 -9.98 -3.12
CA TYR O 34 -36.44 -8.54 -3.28
C TYR O 34 -37.30 -8.34 -4.52
N TYR O 35 -38.61 -8.26 -4.32
CA TYR O 35 -39.55 -8.09 -5.42
C TYR O 35 -40.46 -6.90 -5.16
N ALA O 36 -41.20 -6.52 -6.20
CA ALA O 36 -42.13 -5.40 -6.15
C ALA O 36 -43.52 -5.88 -6.53
N ILE O 37 -44.53 -5.31 -5.90
CA ILE O 37 -45.93 -5.59 -6.20
C ILE O 37 -46.61 -4.29 -6.59
N GLY O 38 -47.36 -4.31 -7.69
CA GLY O 38 -48.04 -3.12 -8.15
C GLY O 38 -49.46 -3.43 -8.58
N TRP O 39 -50.26 -2.38 -8.67
CA TRP O 39 -51.62 -2.44 -9.19
C TRP O 39 -51.71 -1.56 -10.42
N PHE O 40 -52.37 -2.07 -11.45
CA PHE O 40 -52.40 -1.40 -12.75
C PHE O 40 -53.83 -1.28 -13.23
N LEU O 41 -54.14 -0.13 -13.81
CA LEU O 41 -55.44 0.11 -14.44
C LEU O 41 -55.33 -0.16 -15.93
N GLN O 42 -56.21 -1.00 -16.44
CA GLN O 42 -56.28 -1.32 -17.87
C GLN O 42 -57.62 -0.82 -18.38
N VAL O 43 -57.64 0.39 -18.92
CA VAL O 43 -58.82 0.90 -19.62
C VAL O 43 -58.84 0.28 -21.02
N PRO O 44 -59.97 -0.26 -21.47
CA PRO O 44 -60.04 -0.86 -22.81
C PRO O 44 -59.50 0.08 -23.87
N GLY O 45 -58.65 -0.47 -24.75
CA GLY O 45 -57.99 0.30 -25.78
C GLY O 45 -56.78 1.08 -25.33
N LYS O 46 -56.51 1.17 -24.04
CA LYS O 46 -55.38 1.92 -23.51
C LYS O 46 -54.34 0.96 -22.94
N GLU O 47 -53.14 1.50 -22.72
CA GLU O 47 -52.05 0.72 -22.16
C GLU O 47 -52.19 0.63 -20.63
N ARG O 48 -51.58 -0.41 -20.07
CA ARG O 48 -51.66 -0.64 -18.63
C ARG O 48 -50.90 0.46 -17.90
N GLU O 49 -51.61 1.19 -17.04
CA GLU O 49 -51.04 2.28 -16.27
C GLU O 49 -51.10 1.91 -14.79
N GLY O 50 -49.96 2.04 -14.10
CA GLY O 50 -49.89 1.66 -12.70
C GLY O 50 -50.42 2.75 -11.79
N VAL O 51 -51.24 2.36 -10.83
CA VAL O 51 -51.80 3.31 -9.86
C VAL O 51 -51.32 3.04 -8.44
N ALA O 52 -50.80 1.85 -8.14
CA ALA O 52 -50.23 1.52 -6.85
C ALA O 52 -48.85 0.89 -7.07
N CYS O 53 -48.12 0.73 -5.96
CA CYS O 53 -46.71 0.36 -6.05
C CYS O 53 -46.24 0.02 -4.64
N MET O 54 -45.45 -1.06 -4.53
CA MET O 54 -44.97 -1.51 -3.23
C MET O 54 -43.86 -2.53 -3.36
N ARG O 55 -42.76 -2.31 -2.65
CA ARG O 55 -41.68 -3.30 -2.54
C ARG O 55 -41.86 -4.11 -1.26
N ASN O 56 -41.21 -5.28 -1.23
CA ASN O 56 -41.54 -6.28 -0.23
C ASN O 56 -40.76 -6.13 1.07
N TRP O 57 -39.50 -5.69 1.02
CA TRP O 57 -38.65 -5.80 2.20
C TRP O 57 -38.99 -4.74 3.25
N ASP O 58 -39.33 -3.52 2.83
CA ASP O 58 -39.71 -2.48 3.77
C ASP O 58 -41.13 -1.96 3.56
N GLY O 59 -41.88 -2.52 2.60
CA GLY O 59 -43.24 -2.10 2.40
C GLY O 59 -43.42 -0.68 1.91
N SER O 60 -42.36 -0.06 1.39
CA SER O 60 -42.46 1.30 0.88
C SER O 60 -43.49 1.38 -0.24
N THR O 61 -44.24 2.47 -0.26
CA THR O 61 -45.33 2.65 -1.22
C THR O 61 -45.00 3.80 -2.17
N LEU O 62 -45.79 3.87 -3.24
CA LEU O 62 -45.65 4.93 -4.24
C LEU O 62 -46.95 4.99 -5.03
N TYR O 63 -47.52 6.18 -5.16
CA TYR O 63 -48.85 6.35 -5.73
C TYR O 63 -48.81 7.25 -6.95
N ALA O 64 -49.76 7.02 -7.85
CA ALA O 64 -49.91 7.83 -9.05
C ALA O 64 -50.69 9.10 -8.72
N PRO O 65 -50.36 10.22 -9.39
CA PRO O 65 -51.09 11.46 -9.13
C PRO O 65 -52.58 11.36 -9.41
N SER O 66 -53.00 10.53 -10.36
CA SER O 66 -54.40 10.38 -10.70
C SER O 66 -55.22 9.72 -9.61
N VAL O 67 -54.57 9.14 -8.59
CA VAL O 67 -55.29 8.48 -7.50
C VAL O 67 -54.67 8.89 -6.17
N LYS O 68 -53.78 9.89 -6.20
CA LYS O 68 -53.06 10.29 -5.00
C LYS O 68 -54.03 10.90 -4.00
N GLY O 69 -54.07 10.32 -2.79
CA GLY O 69 -54.97 10.76 -1.75
C GLY O 69 -56.28 9.99 -1.66
N ARG O 70 -56.56 9.13 -2.65
CA ARG O 70 -57.79 8.34 -2.68
C ARG O 70 -57.54 6.85 -2.54
N PHE O 71 -56.44 6.33 -3.10
CA PHE O 71 -56.13 4.91 -3.07
C PHE O 71 -55.08 4.61 -2.02
N THR O 72 -55.01 3.34 -1.63
CA THR O 72 -54.06 2.89 -0.61
C THR O 72 -53.65 1.45 -0.91
N ILE O 73 -52.36 1.22 -1.12
CA ILE O 73 -51.81 -0.12 -1.32
C ILE O 73 -51.27 -0.63 0.01
N SER O 74 -51.67 -1.84 0.37
CA SER O 74 -51.24 -2.46 1.62
C SER O 74 -51.05 -3.95 1.41
N ARG O 75 -50.28 -4.56 2.31
CA ARG O 75 -49.99 -5.99 2.25
C ARG O 75 -50.30 -6.62 3.60
N ASP O 76 -50.65 -7.91 3.56
CA ASP O 76 -51.00 -8.64 4.76
C ASP O 76 -49.76 -8.95 5.58
N ALA O 77 -49.88 -8.78 6.90
CA ALA O 77 -48.82 -9.22 7.81
C ALA O 77 -48.75 -10.74 7.78
N ASP O 78 -47.61 -11.27 7.30
CA ASP O 78 -47.45 -12.68 6.99
C ASP O 78 -48.48 -13.08 5.94
N LYS O 79 -48.74 -14.39 5.79
CA LYS O 79 -49.79 -14.92 4.93
C LYS O 79 -49.59 -14.58 3.45
N GLU O 80 -49.00 -13.40 3.16
CA GLU O 80 -48.68 -12.96 1.81
C GLU O 80 -49.92 -12.75 0.95
N VAL O 81 -50.64 -11.65 1.20
CA VAL O 81 -51.78 -11.23 0.39
C VAL O 81 -51.72 -9.72 0.24
N ALA O 82 -51.87 -9.23 -0.97
CA ALA O 82 -51.81 -7.79 -1.25
C ALA O 82 -53.21 -7.22 -1.36
N TYR O 83 -53.39 -5.98 -0.88
CA TYR O 83 -54.68 -5.31 -0.87
C TYR O 83 -54.56 -3.95 -1.52
N LEU O 84 -55.64 -3.54 -2.20
CA LEU O 84 -55.74 -2.21 -2.79
C LEU O 84 -57.05 -1.58 -2.35
N GLU O 85 -56.97 -0.56 -1.50
CA GLU O 85 -58.15 0.15 -1.01
C GLU O 85 -58.45 1.32 -1.93
N MET O 86 -59.69 1.41 -2.40
CA MET O 86 -60.13 2.45 -3.32
C MET O 86 -61.27 3.22 -2.68
N ASN O 87 -61.04 4.52 -2.45
CA ASN O 87 -62.03 5.41 -1.89
C ASN O 87 -62.23 6.61 -2.82
N SER O 88 -63.40 7.22 -2.72
CA SER O 88 -63.79 8.34 -3.58
C SER O 88 -63.66 7.97 -5.06
N LEU O 89 -64.41 6.95 -5.44
CA LEU O 89 -64.30 6.37 -6.78
C LEU O 89 -64.96 7.29 -7.80
N LYS O 90 -64.15 7.83 -8.71
CA LYS O 90 -64.66 8.57 -9.85
C LYS O 90 -64.95 7.61 -11.01
N SER O 91 -65.68 8.10 -12.01
CA SER O 91 -65.97 7.28 -13.18
C SER O 91 -64.70 6.98 -13.97
N GLU O 92 -63.69 7.85 -13.89
CA GLU O 92 -62.44 7.62 -14.60
C GLU O 92 -61.65 6.45 -14.05
N ASP O 93 -62.01 5.93 -12.88
CA ASP O 93 -61.37 4.75 -12.33
C ASP O 93 -61.88 3.45 -12.94
N THR O 94 -62.86 3.53 -13.83
CA THR O 94 -63.44 2.34 -14.42
C THR O 94 -62.45 1.64 -15.34
N GLY O 95 -62.40 0.32 -15.25
CA GLY O 95 -61.53 -0.48 -16.09
C GLY O 95 -61.19 -1.77 -15.38
N VAL O 96 -60.23 -2.49 -15.97
CA VAL O 96 -59.74 -3.75 -15.42
C VAL O 96 -58.50 -3.46 -14.59
N TYR O 97 -58.47 -3.98 -13.36
CA TYR O 97 -57.37 -3.78 -12.45
C TYR O 97 -56.58 -5.08 -12.31
N TYR O 98 -55.27 -5.01 -12.55
CA TYR O 98 -54.36 -6.13 -12.42
C TYR O 98 -53.42 -5.91 -11.24
N CYS O 99 -53.05 -7.00 -10.59
CA CYS O 99 -51.92 -7.00 -9.66
C CYS O 99 -50.77 -7.75 -10.32
N ALA O 100 -49.58 -7.16 -10.27
CA ALA O 100 -48.40 -7.71 -10.91
C ALA O 100 -47.26 -7.82 -9.91
N ALA O 101 -46.29 -8.67 -10.25
CA ALA O 101 -45.11 -8.88 -9.42
C ALA O 101 -43.88 -8.94 -10.31
N GLY O 102 -42.77 -8.44 -9.79
CA GLY O 102 -41.52 -8.44 -10.52
C GLY O 102 -40.31 -8.29 -9.62
N PRO O 103 -39.15 -8.71 -10.11
CA PRO O 103 -37.93 -8.57 -9.32
C PRO O 103 -37.47 -7.11 -9.27
N LEU O 104 -37.11 -6.66 -8.07
CA LEU O 104 -36.68 -5.29 -7.84
C LEU O 104 -35.28 -5.28 -7.25
N PRO O 105 -34.34 -4.54 -7.82
CA PRO O 105 -32.98 -4.47 -7.26
C PRO O 105 -33.01 -3.89 -5.86
N PRO O 106 -32.32 -4.50 -4.91
CA PRO O 106 -32.32 -3.99 -3.53
C PRO O 106 -31.70 -2.60 -3.46
N GLY O 107 -32.43 -1.68 -2.83
CA GLY O 107 -31.98 -0.31 -2.70
C GLY O 107 -32.65 0.67 -3.63
N HIS O 108 -33.60 0.23 -4.45
CA HIS O 108 -34.34 1.08 -5.36
C HIS O 108 -35.83 0.99 -5.03
N SER O 109 -36.63 1.78 -5.74
CA SER O 109 -38.07 1.80 -5.53
C SER O 109 -38.78 1.20 -6.74
N CYS O 110 -39.94 0.60 -6.47
CA CYS O 110 -40.76 0.02 -7.52
C CYS O 110 -41.15 1.09 -8.54
N ARG O 111 -41.19 0.71 -9.81
CA ARG O 111 -41.60 1.61 -10.88
C ARG O 111 -43.13 1.58 -10.98
N ILE O 112 -43.76 2.75 -10.88
CA ILE O 112 -45.20 2.82 -10.65
C ILE O 112 -46.00 2.88 -11.96
N PRO O 113 -45.74 3.81 -12.91
CA PRO O 113 -46.64 3.89 -14.07
C PRO O 113 -46.43 2.78 -15.08
N THR O 114 -45.18 2.56 -15.49
CA THR O 114 -44.90 1.57 -16.53
C THR O 114 -45.19 0.15 -16.03
N PRO O 115 -45.64 -0.73 -16.91
CA PRO O 115 -45.77 -2.15 -16.56
C PRO O 115 -44.52 -2.97 -16.78
N LEU O 116 -43.46 -2.38 -17.32
CA LEU O 116 -42.20 -3.09 -17.51
C LEU O 116 -41.55 -3.38 -16.16
N GLY O 117 -40.92 -4.54 -16.06
CA GLY O 117 -40.34 -4.99 -14.80
C GLY O 117 -41.24 -5.88 -13.97
N TYR O 118 -42.38 -6.28 -14.49
CA TYR O 118 -43.32 -7.15 -13.79
C TYR O 118 -43.54 -8.40 -14.62
N ASP O 119 -43.05 -9.53 -14.12
CA ASP O 119 -43.09 -10.79 -14.86
C ASP O 119 -44.35 -11.60 -14.60
N ASP O 120 -44.96 -11.44 -13.43
CA ASP O 120 -46.15 -12.18 -13.04
C ASP O 120 -47.36 -11.25 -13.02
N TRP O 121 -48.50 -11.77 -13.45
CA TRP O 121 -49.72 -10.98 -13.52
C TRP O 121 -50.92 -11.85 -13.15
N GLY O 122 -51.98 -11.19 -12.70
CA GLY O 122 -53.22 -11.86 -12.37
C GLY O 122 -54.22 -11.80 -13.53
N GLN O 123 -55.34 -12.50 -13.33
CA GLN O 123 -56.37 -12.53 -14.37
C GLN O 123 -57.09 -11.20 -14.50
N GLY O 124 -56.97 -10.32 -13.51
CA GLY O 124 -57.64 -9.03 -13.56
C GLY O 124 -59.10 -9.11 -13.16
N THR O 125 -59.61 -8.03 -12.58
CA THR O 125 -61.02 -7.94 -12.21
C THR O 125 -61.57 -6.60 -12.66
N GLN O 126 -62.83 -6.60 -13.07
CA GLN O 126 -63.47 -5.41 -13.62
C GLN O 126 -64.05 -4.55 -12.50
N VAL O 127 -63.77 -3.25 -12.56
CA VAL O 127 -64.34 -2.27 -11.64
C VAL O 127 -65.08 -1.24 -12.47
N THR O 128 -66.39 -1.13 -12.25
CA THR O 128 -67.25 -0.22 -13.01
C THR O 128 -67.88 0.77 -12.05
N VAL O 129 -67.50 2.04 -12.18
CA VAL O 129 -67.97 3.11 -11.29
C VAL O 129 -69.09 3.84 -12.04
N SER O 130 -70.32 3.41 -11.81
CA SER O 130 -71.48 3.97 -12.48
C SER O 130 -72.65 4.09 -11.52
N SER O 131 -73.55 4.99 -11.84
CA SER O 131 -74.77 5.19 -11.05
C SER O 131 -75.91 4.36 -11.61
C8 P4G P . -27.76 16.27 -15.85
C8 P4G P . -31.47 15.66 -13.40
C7 P4G P . -27.94 15.15 -14.86
C7 P4G P . -30.12 15.28 -13.98
O4 P4G P . -28.85 15.55 -13.86
O4 P4G P . -29.10 15.87 -13.21
C6 P4G P . -28.35 16.58 -13.04
C6 P4G P . -28.88 17.21 -13.54
C5 P4G P . -29.41 17.03 -12.07
C5 P4G P . -27.97 17.85 -12.52
O3 P4G P . -29.06 18.28 -11.54
O3 P4G P . -28.45 17.61 -11.23
C4 P4G P . -29.44 19.34 -12.37
C4 P4G P . -29.62 18.32 -10.92
C3 P4G P . -29.26 20.64 -11.62
C3 P4G P . -29.35 19.80 -10.97
O2 P4G P . -29.82 20.53 -10.33
O2 P4G P . -29.95 20.44 -9.88
C2 P4G P . -31.23 20.47 -10.34
C2 P4G P . -31.36 20.49 -9.98
C1 P4G P . -31.73 20.73 -8.93
C1 P4G P . -31.92 21.16 -8.75
C1 EDO Q . -2.89 32.21 -32.10
O1 EDO Q . -2.21 30.97 -32.32
C2 EDO Q . -4.24 31.96 -31.43
O2 EDO Q . -4.96 33.19 -31.32
C1 EDO R . -8.51 28.36 -31.57
O1 EDO R . -7.97 27.81 -30.37
C2 EDO R . -8.55 29.88 -31.46
O2 EDO R . -7.25 30.39 -31.21
C1 EDO S . -8.80 -22.43 -11.60
O1 EDO S . -8.36 -22.68 -12.93
C2 EDO S . -10.20 -23.00 -11.41
O2 EDO S . -10.62 -22.80 -10.06
C1 GOL T . 18.54 -35.95 20.91
O1 GOL T . 17.17 -35.75 21.00
C2 GOL T . 19.03 -36.47 22.29
O2 GOL T . 20.40 -36.67 22.33
C3 GOL T . 18.55 -35.40 23.31
O3 GOL T . 19.16 -34.20 22.94
C1 GOL U . 32.27 -69.43 20.28
O1 GOL U . 32.59 -69.60 18.93
C2 GOL U . 30.75 -69.18 20.38
O2 GOL U . 30.02 -70.18 19.75
C3 GOL U . 30.45 -69.10 21.89
O3 GOL U . 30.84 -70.33 22.45
C1 GOL V . -38.84 -8.21 -21.34
O1 GOL V . -38.56 -6.92 -20.85
C2 GOL V . -37.88 -8.48 -22.52
O2 GOL V . -37.76 -9.84 -22.78
C3 GOL V . -38.48 -7.71 -23.72
O3 GOL V . -37.49 -7.61 -24.70
C1 EDO W . -50.64 -11.14 -18.98
O1 EDO W . -51.59 -10.45 -18.17
C2 EDO W . -49.89 -10.16 -19.88
O2 EDO W . -49.16 -9.22 -19.09
#